data_6QCG
#
_entry.id   6QCG
#
_cell.length_a   76.585
_cell.length_b   143.173
_cell.length_c   173.592
_cell.angle_alpha   90.00
_cell.angle_beta   90.00
_cell.angle_gamma   90.00
#
_symmetry.space_group_name_H-M   'P 21 21 21'
#
loop_
_entity.id
_entity.type
_entity.pdbx_description
1 polymer 'Proliferating cell nuclear antigen'
2 polymer 'DNA replication factor Cdt1'
3 water water
#
loop_
_entity_poly.entity_id
_entity_poly.type
_entity_poly.pdbx_seq_one_letter_code
_entity_poly.pdbx_strand_id
1 'polypeptide(L)'
;GPMFEARLVQGSILKKVLEALKDLINEACWDISSSGVNLQSMDSSHVSLVQLTLRSEGFDTYRCDRNLAMGVNLTSMSKI
LKCAGNEDIITLRAEDNADTLALVFEAPNQEKVSDYEMKLMDLDVEQLGIPEQEYSCVVKMPSGEFARICRDLSHIGDAV
VISCAKDGVKFSASGELGNGNIKLSQTSNVDKEEEAVTIEMNEPVQLTFALRYLNFFTKATPLSSTVTLSMSADVPLVVE
YKIADMGHLKYYLAPKIEDEEGS
;
A,C,B,E,D,F
2 'polypeptide(L)' MEQRRVTDFFARRR I,G,H,J,K,L
#
# COMPACT_ATOMS: atom_id res chain seq x y z
N MET A 3 37.42 19.42 22.97
CA MET A 3 36.23 19.59 22.06
C MET A 3 36.64 19.18 20.65
N PHE A 4 35.65 19.05 19.76
CA PHE A 4 35.81 18.98 18.28
C PHE A 4 34.79 19.91 17.64
N GLU A 5 35.22 20.66 16.63
CA GLU A 5 34.39 21.69 15.95
C GLU A 5 34.89 21.86 14.53
N ALA A 6 34.09 21.43 13.57
CA ALA A 6 34.38 21.58 12.14
C ALA A 6 33.25 22.36 11.48
N ARG A 7 33.61 23.33 10.64
CA ARG A 7 32.65 24.20 9.91
C ARG A 7 32.92 23.98 8.42
N LEU A 8 31.85 23.73 7.67
CA LEU A 8 31.88 23.45 6.22
C LEU A 8 31.02 24.47 5.49
N VAL A 9 31.62 25.35 4.68
CA VAL A 9 30.90 26.50 4.06
C VAL A 9 29.91 25.95 3.03
N GLN A 10 30.36 25.01 2.18
CA GLN A 10 29.47 24.22 1.28
C GLN A 10 28.82 23.09 2.08
N GLY A 11 27.71 23.41 2.76
CA GLY A 11 26.96 22.44 3.58
C GLY A 11 26.50 21.25 2.75
N SER A 12 25.92 21.51 1.59
CA SER A 12 25.30 20.51 0.68
C SER A 12 26.16 19.25 0.59
N ILE A 13 27.49 19.37 0.62
CA ILE A 13 28.41 18.19 0.56
C ILE A 13 27.97 17.15 1.59
N LEU A 14 27.66 17.61 2.81
CA LEU A 14 27.39 16.73 3.97
C LEU A 14 25.98 16.12 3.86
N LYS A 15 25.04 16.84 3.26
CA LYS A 15 23.70 16.30 2.94
C LYS A 15 23.86 15.21 1.88
N LYS A 16 24.61 15.50 0.82
CA LYS A 16 24.81 14.59 -0.34
C LYS A 16 25.43 13.30 0.16
N VAL A 17 26.40 13.41 1.05
CA VAL A 17 27.07 12.24 1.70
C VAL A 17 26.00 11.38 2.37
N LEU A 18 25.24 11.95 3.29
CA LEU A 18 24.32 11.15 4.12
C LEU A 18 23.17 10.57 3.28
N GLU A 19 22.90 11.08 2.08
CA GLU A 19 21.94 10.45 1.14
C GLU A 19 22.54 9.12 0.66
N ALA A 20 23.80 9.16 0.23
CA ALA A 20 24.55 7.99 -0.30
C ALA A 20 24.51 6.83 0.71
N LEU A 21 24.72 7.16 2.00
CA LEU A 21 24.95 6.18 3.07
C LEU A 21 23.64 5.72 3.71
N LYS A 22 22.76 6.63 4.13
CA LYS A 22 21.67 6.33 5.10
C LYS A 22 20.88 5.09 4.67
N ASP A 23 20.80 4.87 3.36
CA ASP A 23 19.95 3.85 2.69
C ASP A 23 20.70 2.51 2.64
N LEU A 24 22.01 2.52 2.86
CA LEU A 24 22.89 1.33 2.81
C LEU A 24 23.25 0.85 4.22
N ILE A 25 23.37 1.77 5.19
CA ILE A 25 23.90 1.49 6.57
C ILE A 25 23.16 2.35 7.63
N ASN A 26 22.44 1.76 8.59
CA ASN A 26 21.67 2.55 9.60
C ASN A 26 22.61 3.23 10.59
N GLU A 27 23.47 2.44 11.26
CA GLU A 27 24.51 2.88 12.25
C GLU A 27 25.86 3.01 11.57
N ALA A 28 26.79 3.73 12.18
CA ALA A 28 28.18 3.90 11.68
C ALA A 28 28.99 4.73 12.67
N CYS A 29 30.26 4.41 12.80
CA CYS A 29 31.19 5.06 13.75
C CYS A 29 32.04 6.07 12.97
N TRP A 30 31.93 7.37 13.29
CA TRP A 30 32.78 8.44 12.69
C TRP A 30 34.09 8.50 13.47
N ASP A 31 35.24 8.34 12.81
CA ASP A 31 36.57 8.47 13.46
C ASP A 31 37.07 9.90 13.20
N ILE A 32 37.02 10.73 14.22
CA ILE A 32 37.52 12.13 14.18
C ILE A 32 38.98 12.15 14.64
N SER A 33 39.82 13.02 14.05
CA SER A 33 41.25 13.21 14.41
C SER A 33 41.78 14.50 13.77
N SER A 34 43.03 14.89 14.06
CA SER A 34 43.73 15.99 13.36
C SER A 34 43.49 15.88 11.86
N SER A 35 43.80 14.71 11.31
CA SER A 35 43.88 14.45 9.85
C SER A 35 42.49 14.56 9.21
N GLY A 36 41.43 14.47 10.01
CA GLY A 36 40.07 14.77 9.54
C GLY A 36 39.11 13.67 9.95
N VAL A 37 38.12 13.39 9.08
CA VAL A 37 36.94 12.53 9.39
C VAL A 37 36.99 11.26 8.53
N ASN A 38 36.93 10.11 9.19
CA ASN A 38 37.03 8.78 8.56
C ASN A 38 35.86 7.92 9.05
N LEU A 39 35.05 7.46 8.10
CA LEU A 39 33.97 6.49 8.37
C LEU A 39 34.25 5.28 7.49
N GLN A 40 34.16 4.07 8.06
CA GLN A 40 34.24 2.78 7.32
C GLN A 40 33.19 1.84 7.91
N SER A 41 32.26 1.36 7.10
CA SER A 41 31.20 0.41 7.51
C SER A 41 30.94 -0.61 6.40
N MET A 42 30.52 -1.81 6.77
CA MET A 42 29.84 -2.76 5.88
C MET A 42 28.34 -2.59 6.08
N ASP A 43 27.56 -2.83 5.02
CA ASP A 43 26.09 -3.03 5.09
C ASP A 43 25.83 -4.33 5.86
N SER A 44 24.61 -4.55 6.32
CA SER A 44 24.20 -5.63 7.25
C SER A 44 24.44 -7.03 6.65
N SER A 45 24.60 -7.12 5.33
CA SER A 45 24.77 -8.40 4.59
C SER A 45 26.24 -8.82 4.56
N HIS A 46 27.17 -7.88 4.75
CA HIS A 46 28.64 -8.08 4.75
C HIS A 46 29.15 -8.28 3.32
N VAL A 47 28.47 -7.72 2.31
CA VAL A 47 28.79 -7.93 0.86
C VAL A 47 29.44 -6.67 0.28
N SER A 48 28.98 -5.50 0.74
CA SER A 48 29.50 -4.16 0.35
C SER A 48 30.18 -3.52 1.56
N LEU A 49 31.06 -2.57 1.28
CA LEU A 49 31.82 -1.84 2.33
C LEU A 49 32.02 -0.40 1.87
N VAL A 50 31.78 0.56 2.76
CA VAL A 50 31.83 2.02 2.50
C VAL A 50 33.05 2.57 3.22
N GLN A 51 33.72 3.55 2.63
CA GLN A 51 34.98 4.10 3.17
C GLN A 51 35.02 5.59 2.83
N LEU A 52 34.41 6.41 3.68
CA LEU A 52 34.39 7.89 3.56
C LEU A 52 35.66 8.47 4.17
N THR A 53 36.28 9.42 3.48
CA THR A 53 37.42 10.22 3.99
C THR A 53 37.17 11.69 3.68
N LEU A 54 37.15 12.54 4.71
CA LEU A 54 37.09 14.02 4.55
C LEU A 54 38.32 14.60 5.23
N ARG A 55 39.34 14.99 4.47
CA ARG A 55 40.58 15.57 5.04
C ARG A 55 40.21 16.87 5.75
N SER A 56 40.85 17.14 6.88
CA SER A 56 40.60 18.33 7.74
C SER A 56 40.86 19.59 6.90
N GLU A 57 41.93 19.56 6.09
CA GLU A 57 42.31 20.56 5.06
C GLU A 57 41.07 21.16 4.39
N GLY A 58 40.12 20.32 3.98
CA GLY A 58 39.00 20.77 3.14
C GLY A 58 37.84 21.36 3.91
N PHE A 59 37.99 21.63 5.21
CA PHE A 59 36.96 22.32 6.03
C PHE A 59 37.37 23.78 6.20
N ASP A 60 36.41 24.70 6.30
CA ASP A 60 36.73 26.14 6.51
C ASP A 60 37.34 26.30 7.92
N THR A 61 36.87 25.58 8.92
CA THR A 61 37.40 25.56 10.31
C THR A 61 37.51 24.11 10.78
N TYR A 62 38.58 23.73 11.48
CA TYR A 62 38.72 22.34 11.97
C TYR A 62 39.56 22.30 13.24
N ARG A 63 38.91 22.09 14.35
CA ARG A 63 39.53 21.94 15.68
C ARG A 63 39.18 20.53 16.15
N CYS A 64 40.10 19.83 16.83
CA CYS A 64 39.92 18.45 17.30
C CYS A 64 41.07 18.08 18.25
N ASP A 65 40.80 18.05 19.56
CA ASP A 65 41.83 17.97 20.63
C ASP A 65 42.25 16.51 20.83
N ARG A 66 41.32 15.61 21.13
CA ARG A 66 41.57 14.14 21.16
C ARG A 66 40.84 13.51 19.98
N ASN A 67 41.28 12.32 19.56
CA ASN A 67 40.56 11.51 18.57
C ASN A 67 39.24 11.10 19.18
N LEU A 68 38.14 11.21 18.43
CA LEU A 68 36.81 10.69 18.85
C LEU A 68 36.44 9.49 17.98
N ALA A 69 35.54 8.67 18.53
CA ALA A 69 34.76 7.64 17.79
C ALA A 69 33.30 7.94 18.10
N MET A 70 32.66 8.76 17.26
CA MET A 70 31.24 9.13 17.43
C MET A 70 30.37 8.08 16.75
N GLY A 71 29.55 7.39 17.54
CA GLY A 71 28.55 6.41 17.05
C GLY A 71 27.27 7.10 16.70
N VAL A 72 26.94 7.14 15.41
CA VAL A 72 25.80 7.91 14.85
C VAL A 72 24.83 6.93 14.18
N ASN A 73 23.55 6.99 14.55
CA ASN A 73 22.45 6.45 13.70
C ASN A 73 22.28 7.38 12.48
N LEU A 74 22.60 6.90 11.28
CA LEU A 74 22.70 7.73 10.05
C LEU A 74 21.32 8.15 9.58
N THR A 75 20.29 7.37 9.89
CA THR A 75 18.89 7.73 9.56
C THR A 75 18.53 8.98 10.35
N SER A 76 18.72 8.94 11.67
CA SER A 76 18.54 10.10 12.60
C SER A 76 19.30 11.32 12.05
N MET A 77 20.53 11.14 11.57
CA MET A 77 21.38 12.28 11.16
C MET A 77 20.93 12.78 9.78
N SER A 78 20.33 11.93 8.96
CA SER A 78 19.76 12.29 7.64
C SER A 78 18.53 13.15 7.87
N LYS A 79 17.59 12.66 8.68
CA LYS A 79 16.37 13.41 9.07
C LYS A 79 16.76 14.81 9.56
N ILE A 80 17.95 15.00 10.10
CA ILE A 80 18.35 16.32 10.67
C ILE A 80 18.94 17.17 9.55
N LEU A 81 19.82 16.62 8.72
CA LEU A 81 20.44 17.35 7.58
C LEU A 81 19.37 17.71 6.54
N LYS A 82 18.24 17.01 6.54
CA LYS A 82 17.02 17.37 5.75
C LYS A 82 16.55 18.76 6.18
N CYS A 83 16.80 19.17 7.42
CA CYS A 83 16.38 20.49 7.97
C CYS A 83 17.43 21.59 7.69
N ALA A 84 18.37 21.33 6.80
CA ALA A 84 19.44 22.27 6.41
C ALA A 84 19.26 22.61 4.94
N GLY A 85 19.09 23.90 4.61
CA GLY A 85 19.12 24.43 3.24
C GLY A 85 20.45 24.08 2.56
N ASN A 86 20.46 23.97 1.22
CA ASN A 86 21.65 23.50 0.46
C ASN A 86 22.74 24.56 0.52
N GLU A 87 22.36 25.83 0.60
CA GLU A 87 23.29 26.98 0.65
C GLU A 87 23.81 27.18 2.09
N ASP A 88 23.27 26.44 3.07
CA ASP A 88 23.52 26.67 4.51
C ASP A 88 24.97 26.31 4.84
N ILE A 89 25.53 26.98 5.85
CA ILE A 89 26.91 26.81 6.35
C ILE A 89 26.84 25.92 7.59
N ILE A 90 27.18 24.64 7.43
CA ILE A 90 26.98 23.60 8.46
C ILE A 90 28.23 23.52 9.34
N THR A 91 28.02 23.49 10.66
CA THR A 91 29.06 23.39 11.70
C THR A 91 28.71 22.22 12.63
N LEU A 92 29.54 21.18 12.66
CA LEU A 92 29.47 20.09 13.66
C LEU A 92 30.26 20.48 14.92
N ARG A 93 29.72 20.15 16.09
CA ARG A 93 30.39 20.45 17.38
C ARG A 93 30.06 19.29 18.32
N ALA A 94 31.07 18.70 18.95
CA ALA A 94 30.89 17.62 19.94
C ALA A 94 31.69 17.99 21.18
N GLU A 95 31.02 18.32 22.27
CA GLU A 95 31.61 18.31 23.63
C GLU A 95 32.26 16.92 23.83
N ASP A 96 33.61 16.84 23.85
CA ASP A 96 34.39 15.57 24.05
C ASP A 96 33.80 14.77 25.21
N ASN A 97 33.58 15.46 26.33
CA ASN A 97 33.05 14.85 27.59
C ASN A 97 31.52 14.73 27.49
N ALA A 98 30.98 14.56 26.29
CA ALA A 98 29.52 14.42 26.06
C ALA A 98 29.25 13.39 24.94
N ASP A 99 28.11 12.72 25.11
CA ASP A 99 27.60 11.64 24.23
C ASP A 99 26.48 12.23 23.36
N THR A 100 26.56 13.51 22.98
CA THR A 100 25.68 14.10 21.94
C THR A 100 26.53 14.92 20.96
N LEU A 101 26.07 14.99 19.72
CA LEU A 101 26.67 15.75 18.59
C LEU A 101 25.71 16.86 18.19
N ALA A 102 26.21 18.09 18.11
CA ALA A 102 25.45 19.30 17.72
C ALA A 102 25.78 19.67 16.28
N LEU A 103 24.77 20.02 15.50
CA LEU A 103 24.90 20.59 14.14
C LEU A 103 24.25 21.95 14.15
N VAL A 104 24.91 22.95 13.57
CA VAL A 104 24.38 24.32 13.45
C VAL A 104 24.37 24.69 11.97
N PHE A 105 23.19 24.99 11.44
CA PHE A 105 23.00 25.46 10.05
C PHE A 105 22.73 26.98 10.04
N GLU A 106 23.65 27.75 9.49
CA GLU A 106 23.51 29.23 9.31
C GLU A 106 23.15 29.46 7.84
N ALA A 107 22.00 30.07 7.59
CA ALA A 107 21.59 30.53 6.25
C ALA A 107 22.59 31.59 5.80
N PRO A 108 23.18 31.47 4.59
CA PRO A 108 24.28 32.34 4.17
C PRO A 108 23.74 33.76 3.97
N ASN A 109 23.74 34.54 5.04
CA ASN A 109 23.00 35.81 5.17
C ASN A 109 23.28 36.21 6.61
N GLN A 110 22.19 36.33 7.34
CA GLN A 110 22.08 36.49 8.81
C GLN A 110 20.64 36.08 9.17
N GLU A 111 20.25 36.37 10.42
CA GLU A 111 18.83 36.39 10.92
C GLU A 111 18.04 35.18 10.38
N LYS A 112 18.69 34.02 10.26
CA LYS A 112 18.09 32.67 10.35
C LYS A 112 19.21 31.69 10.71
N VAL A 113 19.04 30.96 11.81
CA VAL A 113 20.02 29.94 12.30
C VAL A 113 19.27 28.76 12.95
N SER A 114 19.19 27.64 12.22
CA SER A 114 18.84 26.30 12.75
C SER A 114 20.02 25.76 13.57
N ASP A 115 19.69 24.95 14.59
CA ASP A 115 20.65 24.47 15.63
C ASP A 115 20.08 23.20 16.28
N TYR A 116 20.45 22.04 15.75
CA TYR A 116 19.98 20.70 16.18
C TYR A 116 21.08 20.03 17.02
N GLU A 117 20.72 18.90 17.64
CA GLU A 117 21.48 18.23 18.72
C GLU A 117 20.95 16.80 18.79
N MET A 118 21.80 15.82 18.51
CA MET A 118 21.41 14.41 18.26
C MET A 118 22.20 13.50 19.20
N LYS A 119 21.55 12.52 19.82
CA LYS A 119 22.18 11.58 20.79
C LYS A 119 23.15 10.66 20.03
N LEU A 120 24.32 10.37 20.58
CA LEU A 120 25.33 9.41 20.00
C LEU A 120 25.20 8.06 20.70
N MET A 121 25.73 6.98 20.11
CA MET A 121 25.70 5.62 20.71
C MET A 121 27.11 5.03 20.73
N ASP A 122 27.35 4.04 21.60
CA ASP A 122 28.58 3.23 21.66
C ASP A 122 28.60 2.29 20.44
N LEU A 123 29.70 2.24 19.70
CA LEU A 123 29.85 1.36 18.53
C LEU A 123 31.32 0.94 18.36
N ASP A 124 31.59 -0.37 18.42
CA ASP A 124 32.89 -1.02 18.14
C ASP A 124 33.33 -0.69 16.69
N VAL A 125 34.22 0.31 16.55
CA VAL A 125 35.11 0.54 15.37
C VAL A 125 36.08 -0.65 15.12
N GLU A 126 35.61 -1.90 14.99
CA GLU A 126 36.45 -2.98 14.38
C GLU A 126 36.52 -2.69 12.88
N GLN A 127 37.52 -1.89 12.44
CA GLN A 127 37.74 -1.51 11.02
C GLN A 127 38.34 -2.71 10.27
N LEU A 128 38.08 -2.81 8.96
CA LEU A 128 38.76 -3.78 8.05
C LEU A 128 40.00 -3.11 7.44
N GLY A 129 40.88 -3.92 6.84
CA GLY A 129 42.29 -3.59 6.53
C GLY A 129 42.60 -2.77 5.28
N ILE A 130 41.72 -2.70 4.28
CA ILE A 130 41.97 -2.28 2.86
C ILE A 130 43.30 -1.57 2.62
N PRO A 131 44.34 -2.28 2.11
CA PRO A 131 45.57 -1.61 1.67
C PRO A 131 45.39 -1.18 0.20
N GLU A 132 46.01 -0.06 -0.20
CA GLU A 132 45.93 0.47 -1.59
C GLU A 132 46.73 -0.48 -2.49
N GLN A 133 46.25 -0.71 -3.71
CA GLN A 133 46.85 -1.70 -4.65
C GLN A 133 46.88 -1.15 -6.08
N GLU A 134 47.92 -1.50 -6.83
CA GLU A 134 47.82 -1.69 -8.29
C GLU A 134 46.52 -2.46 -8.54
N TYR A 135 45.67 -2.02 -9.46
CA TYR A 135 44.49 -2.77 -9.93
C TYR A 135 44.76 -3.14 -11.40
N SER A 136 44.08 -4.17 -11.91
CA SER A 136 44.25 -4.66 -13.30
C SER A 136 43.65 -3.64 -14.27
N CYS A 137 42.40 -3.26 -14.03
CA CYS A 137 41.65 -2.25 -14.83
C CYS A 137 41.28 -1.08 -13.94
N VAL A 138 41.38 0.13 -14.49
CA VAL A 138 40.71 1.33 -13.91
C VAL A 138 39.97 2.05 -15.03
N VAL A 139 38.68 2.26 -14.84
CA VAL A 139 37.76 3.00 -15.76
C VAL A 139 37.30 4.26 -15.05
N LYS A 140 37.62 5.42 -15.61
CA LYS A 140 37.08 6.74 -15.22
C LYS A 140 35.98 7.07 -16.22
N MET A 141 34.79 7.46 -15.77
CA MET A 141 33.65 7.81 -16.68
C MET A 141 32.72 8.77 -15.97
N PRO A 142 31.81 9.47 -16.68
CA PRO A 142 30.86 10.38 -16.04
C PRO A 142 30.01 9.57 -15.05
N SER A 143 29.77 10.09 -13.85
CA SER A 143 29.12 9.35 -12.74
C SER A 143 27.65 9.12 -13.11
N GLY A 144 27.10 10.07 -13.87
CA GLY A 144 25.76 10.00 -14.46
C GLY A 144 25.65 8.77 -15.33
N GLU A 145 26.54 8.63 -16.30
CA GLU A 145 26.46 7.54 -17.30
C GLU A 145 26.57 6.19 -16.58
N PHE A 146 27.34 6.11 -15.48
CA PHE A 146 27.47 4.87 -14.69
C PHE A 146 26.14 4.53 -14.01
N ALA A 147 25.47 5.54 -13.44
CA ALA A 147 24.14 5.39 -12.83
C ALA A 147 23.15 4.96 -13.91
N ARG A 148 23.06 5.76 -14.98
CA ARG A 148 22.16 5.55 -16.13
C ARG A 148 22.28 4.07 -16.52
N ILE A 149 23.51 3.54 -16.65
CA ILE A 149 23.78 2.12 -17.05
C ILE A 149 23.26 1.16 -15.97
N CYS A 150 23.68 1.33 -14.71
CA CYS A 150 23.35 0.40 -13.60
C CYS A 150 21.84 0.27 -13.45
N ARG A 151 21.08 1.36 -13.58
CA ARG A 151 19.61 1.33 -13.42
C ARG A 151 18.98 0.60 -14.59
N ASP A 152 19.49 0.85 -15.79
CA ASP A 152 18.88 0.36 -17.06
C ASP A 152 19.01 -1.17 -17.10
N LEU A 153 20.15 -1.72 -16.71
CA LEU A 153 20.38 -3.20 -16.67
C LEU A 153 19.56 -3.84 -15.55
N SER A 154 19.13 -3.09 -14.54
CA SER A 154 18.25 -3.59 -13.46
C SER A 154 16.88 -3.99 -14.03
N HIS A 155 16.40 -3.35 -15.09
CA HIS A 155 15.15 -3.75 -15.80
C HIS A 155 15.35 -5.10 -16.50
N ILE A 156 16.60 -5.54 -16.69
CA ILE A 156 16.93 -6.81 -17.42
C ILE A 156 17.23 -7.93 -16.42
N GLY A 157 18.23 -7.74 -15.55
CA GLY A 157 18.85 -8.81 -14.75
C GLY A 157 19.22 -8.43 -13.31
N ASP A 158 19.60 -9.44 -12.51
CA ASP A 158 20.04 -9.34 -11.09
C ASP A 158 21.48 -8.86 -11.00
N ALA A 159 22.30 -9.42 -11.88
CA ALA A 159 23.77 -9.28 -11.89
C ALA A 159 24.22 -8.72 -13.23
N VAL A 160 25.23 -7.85 -13.19
CA VAL A 160 25.91 -7.26 -14.36
C VAL A 160 27.27 -7.95 -14.48
N VAL A 161 27.68 -8.22 -15.71
CA VAL A 161 29.06 -8.69 -16.03
C VAL A 161 29.82 -7.51 -16.62
N ILE A 162 30.82 -7.01 -15.91
CA ILE A 162 31.68 -5.88 -16.37
C ILE A 162 32.94 -6.46 -17.01
N SER A 163 33.02 -6.37 -18.33
CA SER A 163 34.18 -6.81 -19.17
C SER A 163 34.93 -5.56 -19.62
N CYS A 164 36.25 -5.59 -19.56
CA CYS A 164 37.12 -4.41 -19.76
C CYS A 164 38.35 -4.75 -20.60
N ALA A 165 38.48 -4.12 -21.78
CA ALA A 165 39.62 -4.21 -22.71
C ALA A 165 40.32 -2.85 -22.80
N LYS A 166 41.24 -2.69 -23.75
CA LYS A 166 41.87 -1.41 -24.10
C LYS A 166 40.80 -0.53 -24.77
N ASP A 167 40.25 -1.01 -25.89
CA ASP A 167 39.22 -0.33 -26.73
C ASP A 167 38.19 0.36 -25.83
N GLY A 168 37.48 -0.42 -25.01
CA GLY A 168 36.41 0.09 -24.14
C GLY A 168 36.05 -0.88 -23.05
N VAL A 169 34.83 -0.73 -22.53
CA VAL A 169 34.26 -1.49 -21.38
C VAL A 169 32.83 -1.88 -21.74
N LYS A 170 32.42 -3.09 -21.36
CA LYS A 170 31.10 -3.67 -21.72
C LYS A 170 30.41 -4.19 -20.46
N PHE A 171 29.24 -3.63 -20.16
CA PHE A 171 28.31 -4.08 -19.09
C PHE A 171 27.22 -4.96 -19.72
N SER A 172 27.03 -6.16 -19.19
CA SER A 172 26.10 -7.17 -19.76
C SER A 172 25.21 -7.71 -18.63
N ALA A 173 23.93 -7.93 -18.94
CA ALA A 173 22.96 -8.58 -18.05
C ALA A 173 22.13 -9.58 -18.86
N SER A 174 21.81 -10.71 -18.24
CA SER A 174 20.84 -11.73 -18.69
C SER A 174 19.61 -11.64 -17.79
N GLY A 175 18.44 -11.94 -18.32
CA GLY A 175 17.16 -11.84 -17.62
C GLY A 175 16.21 -12.93 -18.06
N GLU A 176 15.02 -12.99 -17.45
CA GLU A 176 13.89 -13.84 -17.91
C GLU A 176 13.50 -13.37 -19.31
N LEU A 177 13.28 -12.06 -19.49
CA LEU A 177 12.64 -11.41 -20.68
C LEU A 177 13.58 -11.41 -21.91
N GLY A 178 14.88 -11.31 -21.69
CA GLY A 178 15.90 -11.30 -22.77
C GLY A 178 17.25 -11.02 -22.17
N ASN A 179 18.14 -10.33 -22.88
CA ASN A 179 19.45 -9.89 -22.31
C ASN A 179 20.01 -8.71 -23.12
N GLY A 180 20.99 -8.00 -22.56
CA GLY A 180 21.37 -6.65 -22.99
C GLY A 180 22.83 -6.35 -22.68
N ASN A 181 23.44 -5.52 -23.52
CA ASN A 181 24.90 -5.21 -23.53
C ASN A 181 25.08 -3.72 -23.78
N ILE A 182 25.85 -3.06 -22.92
CA ILE A 182 26.22 -1.63 -23.12
C ILE A 182 27.74 -1.58 -23.25
N LYS A 183 28.21 -1.11 -24.41
CA LYS A 183 29.65 -0.90 -24.73
C LYS A 183 29.88 0.61 -24.66
N LEU A 184 30.72 1.05 -23.72
CA LEU A 184 31.37 2.38 -23.71
C LEU A 184 32.73 2.24 -24.39
N SER A 185 33.07 3.12 -25.35
CA SER A 185 34.43 3.24 -25.90
C SER A 185 35.16 4.35 -25.14
N GLN A 186 36.49 4.30 -25.17
CA GLN A 186 37.40 5.32 -24.63
C GLN A 186 37.35 6.55 -25.55
N THR A 187 37.42 7.75 -24.98
CA THR A 187 37.17 9.07 -25.66
C THR A 187 38.38 10.01 -25.53
N SER A 188 38.77 10.69 -26.61
CA SER A 188 39.85 11.72 -26.64
C SER A 188 39.30 13.12 -26.33
N GLU A 193 35.12 17.94 -20.14
CA GLU A 193 36.39 17.22 -19.85
C GLU A 193 36.17 16.05 -18.86
N GLU A 194 35.11 16.11 -18.06
CA GLU A 194 34.60 15.08 -17.11
C GLU A 194 33.65 14.13 -17.86
N GLU A 195 33.11 14.57 -19.02
CA GLU A 195 32.33 13.82 -20.04
C GLU A 195 33.13 12.64 -20.63
N ALA A 196 34.44 12.58 -20.39
CA ALA A 196 35.37 11.60 -20.99
C ALA A 196 35.26 10.24 -20.30
N VAL A 197 35.48 9.17 -21.09
CA VAL A 197 35.65 7.75 -20.65
C VAL A 197 37.10 7.35 -20.93
N THR A 198 37.84 6.85 -19.95
CA THR A 198 39.30 6.53 -20.04
C THR A 198 39.63 5.29 -19.21
N ILE A 199 40.59 4.49 -19.67
CA ILE A 199 40.89 3.13 -19.15
C ILE A 199 42.41 2.89 -19.05
N GLU A 200 42.98 3.07 -17.84
CA GLU A 200 44.33 2.59 -17.41
C GLU A 200 44.18 1.10 -17.13
N MET A 201 44.84 0.27 -17.95
CA MET A 201 44.57 -1.18 -18.10
C MET A 201 45.89 -1.96 -18.15
N ASN A 202 46.20 -2.70 -17.08
CA ASN A 202 47.36 -3.64 -17.00
C ASN A 202 47.04 -4.89 -17.82
N GLU A 203 45.85 -5.47 -17.61
CA GLU A 203 45.39 -6.70 -18.32
C GLU A 203 43.87 -6.81 -18.25
N PRO A 204 43.26 -7.55 -19.20
CA PRO A 204 41.80 -7.59 -19.31
C PRO A 204 41.19 -8.27 -18.10
N VAL A 205 40.02 -7.79 -17.68
CA VAL A 205 39.24 -8.33 -16.53
C VAL A 205 37.79 -8.52 -16.99
N GLN A 206 37.15 -9.60 -16.56
CA GLN A 206 35.67 -9.78 -16.64
C GLN A 206 35.18 -10.29 -15.29
N LEU A 207 34.23 -9.59 -14.66
CA LEU A 207 33.72 -9.95 -13.32
C LEU A 207 32.20 -9.76 -13.28
N THR A 208 31.55 -10.45 -12.35
CA THR A 208 30.08 -10.42 -12.16
C THR A 208 29.80 -9.85 -10.76
N PHE A 209 28.85 -8.90 -10.70
CA PHE A 209 28.46 -8.18 -9.46
C PHE A 209 26.93 -8.08 -9.38
N ALA A 210 26.37 -8.07 -8.17
CA ALA A 210 24.93 -7.90 -7.94
C ALA A 210 24.53 -6.44 -8.18
N LEU A 211 23.50 -6.19 -9.00
CA LEU A 211 23.07 -4.81 -9.35
C LEU A 211 22.32 -4.18 -8.17
N ARG A 212 21.49 -4.98 -7.51
CA ARG A 212 20.90 -4.68 -6.18
C ARG A 212 21.79 -3.63 -5.49
N TYR A 213 23.10 -3.89 -5.40
CA TYR A 213 24.08 -3.12 -4.60
C TYR A 213 24.63 -1.90 -5.38
N LEU A 214 25.11 -2.13 -6.59
CA LEU A 214 25.63 -1.03 -7.45
C LEU A 214 24.59 0.09 -7.52
N ASN A 215 23.31 -0.23 -7.41
CA ASN A 215 22.23 0.79 -7.43
C ASN A 215 22.28 1.63 -6.15
N PHE A 216 22.56 1.03 -4.99
CA PHE A 216 22.70 1.80 -3.72
C PHE A 216 23.92 2.72 -3.77
N PHE A 217 24.93 2.33 -4.55
CA PHE A 217 26.22 3.05 -4.67
C PHE A 217 25.99 4.31 -5.49
N THR A 218 25.22 4.21 -6.56
CA THR A 218 24.98 5.34 -7.50
C THR A 218 24.21 6.45 -6.79
N LYS A 219 23.74 6.22 -5.55
CA LYS A 219 23.13 7.30 -4.71
C LYS A 219 24.18 8.39 -4.44
N ALA A 220 25.46 8.10 -4.65
CA ALA A 220 26.60 9.04 -4.48
C ALA A 220 26.81 9.87 -5.74
N THR A 221 25.98 9.65 -6.77
CA THR A 221 26.21 10.20 -8.14
C THR A 221 26.21 11.73 -8.08
N PRO A 222 25.40 12.41 -7.22
CA PRO A 222 25.42 13.87 -7.16
C PRO A 222 26.60 14.46 -6.37
N LEU A 223 27.60 13.65 -6.00
CA LEU A 223 28.80 14.09 -5.26
C LEU A 223 29.94 14.41 -6.23
N SER A 224 29.90 13.92 -7.46
CA SER A 224 31.06 13.96 -8.38
C SER A 224 30.63 13.98 -9.86
N SER A 225 31.32 14.79 -10.68
CA SER A 225 31.23 14.77 -12.16
C SER A 225 31.43 13.33 -12.63
N THR A 226 32.48 12.69 -12.11
CA THR A 226 33.02 11.40 -12.60
C THR A 226 33.02 10.35 -11.50
N VAL A 227 33.10 9.08 -11.87
CA VAL A 227 33.39 7.96 -10.95
C VAL A 227 34.48 7.12 -11.61
N THR A 228 35.34 6.50 -10.79
CA THR A 228 36.37 5.53 -11.25
C THR A 228 36.02 4.14 -10.68
N LEU A 229 36.08 3.12 -11.53
CA LEU A 229 35.88 1.70 -11.18
C LEU A 229 37.24 1.01 -11.27
N SER A 230 37.67 0.37 -10.19
CA SER A 230 38.95 -0.39 -10.13
C SER A 230 38.66 -1.86 -9.86
N MET A 231 38.97 -2.74 -10.82
CA MET A 231 38.72 -4.19 -10.71
C MET A 231 40.05 -4.95 -10.85
N SER A 232 40.12 -6.12 -10.23
CA SER A 232 41.10 -7.18 -10.56
C SER A 232 40.42 -8.55 -10.41
N ALA A 233 40.91 -9.53 -11.16
CA ALA A 233 40.49 -10.97 -11.10
C ALA A 233 40.15 -11.37 -9.67
N ASP A 234 38.93 -11.88 -9.46
CA ASP A 234 38.44 -12.50 -8.19
C ASP A 234 38.84 -11.66 -6.95
N VAL A 235 38.70 -10.32 -6.98
CA VAL A 235 38.83 -9.41 -5.79
C VAL A 235 37.88 -8.21 -5.97
N PRO A 236 37.53 -7.51 -4.86
CA PRO A 236 36.38 -6.61 -4.86
C PRO A 236 36.55 -5.47 -5.84
N LEU A 237 35.43 -5.09 -6.45
CA LEU A 237 35.24 -3.84 -7.23
C LEU A 237 35.30 -2.65 -6.29
N VAL A 238 36.03 -1.60 -6.66
CA VAL A 238 36.06 -0.32 -5.92
C VAL A 238 35.44 0.77 -6.80
N VAL A 239 34.27 1.27 -6.38
CA VAL A 239 33.54 2.40 -7.01
C VAL A 239 33.85 3.66 -6.19
N GLU A 240 34.71 4.53 -6.71
CA GLU A 240 35.29 5.68 -5.99
C GLU A 240 34.68 6.97 -6.56
N TYR A 241 33.89 7.67 -5.76
CA TYR A 241 33.35 9.01 -6.05
C TYR A 241 34.27 10.05 -5.37
N LYS A 242 34.94 10.90 -6.16
CA LYS A 242 35.81 12.00 -5.63
C LYS A 242 34.89 13.06 -5.03
N ILE A 243 35.19 13.54 -3.82
CA ILE A 243 34.45 14.70 -3.22
C ILE A 243 35.35 15.94 -3.31
N ALA A 244 35.28 16.64 -4.44
CA ALA A 244 36.32 17.59 -4.95
C ALA A 244 37.00 18.28 -3.78
N ASP A 245 38.34 18.27 -3.76
CA ASP A 245 39.18 19.16 -2.92
C ASP A 245 38.79 19.01 -1.44
N MET A 246 38.56 17.79 -0.95
CA MET A 246 37.88 17.53 0.37
C MET A 246 38.11 16.10 0.85
N GLY A 247 37.84 15.12 -0.02
CA GLY A 247 38.11 13.69 0.26
C GLY A 247 37.62 12.79 -0.85
N HIS A 248 37.03 11.67 -0.48
CA HIS A 248 36.54 10.65 -1.43
C HIS A 248 35.56 9.75 -0.67
N LEU A 249 34.68 9.09 -1.42
CA LEU A 249 33.75 8.06 -0.92
C LEU A 249 33.96 6.80 -1.76
N LYS A 250 34.61 5.79 -1.20
CA LYS A 250 34.92 4.52 -1.89
C LYS A 250 33.90 3.47 -1.43
N TYR A 251 33.29 2.76 -2.38
CA TYR A 251 32.39 1.60 -2.20
C TYR A 251 33.09 0.33 -2.71
N TYR A 252 33.13 -0.73 -1.90
CA TYR A 252 33.75 -2.04 -2.23
C TYR A 252 32.63 -3.07 -2.34
N LEU A 253 32.55 -3.78 -3.46
CA LEU A 253 31.57 -4.88 -3.66
C LEU A 253 32.33 -6.16 -4.02
N ALA A 254 32.00 -7.26 -3.36
CA ALA A 254 32.55 -8.60 -3.64
C ALA A 254 31.92 -9.19 -4.90
N PRO A 255 32.72 -9.87 -5.76
CA PRO A 255 32.22 -10.55 -6.96
C PRO A 255 31.63 -11.93 -6.67
N LYS A 256 31.41 -12.79 -7.69
CA LYS A 256 30.65 -14.09 -7.59
C LYS A 256 31.52 -15.29 -8.04
N ILE A 257 30.98 -16.53 -8.05
CA ILE A 257 31.67 -17.85 -8.27
C ILE A 257 33.06 -17.80 -7.62
N MET B 3 -31.52 35.18 -6.34
CA MET B 3 -30.33 34.43 -6.73
C MET B 3 -29.11 35.01 -5.98
N PHE B 4 -27.96 34.33 -6.10
CA PHE B 4 -26.59 34.84 -5.84
C PHE B 4 -25.70 34.41 -6.99
N GLU B 5 -24.81 35.29 -7.43
CA GLU B 5 -23.95 35.10 -8.63
C GLU B 5 -22.71 35.96 -8.49
N ALA B 6 -21.57 35.32 -8.33
CA ALA B 6 -20.26 35.99 -8.21
C ALA B 6 -19.32 35.43 -9.27
N ARG B 7 -18.59 36.31 -9.95
CA ARG B 7 -17.61 35.95 -11.01
C ARG B 7 -16.24 36.46 -10.56
N LEU B 8 -15.23 35.61 -10.61
CA LEU B 8 -13.85 35.86 -10.09
C LEU B 8 -12.86 35.65 -11.25
N VAL B 9 -12.22 36.72 -11.71
CA VAL B 9 -11.39 36.68 -12.95
C VAL B 9 -10.14 35.86 -12.67
N GLN B 10 -9.49 36.07 -11.52
CA GLN B 10 -8.38 35.22 -11.03
C GLN B 10 -8.99 33.98 -10.36
N GLY B 11 -9.31 32.97 -11.16
CA GLY B 11 -9.91 31.71 -10.68
C GLY B 11 -9.01 31.03 -9.67
N SER B 12 -7.72 30.92 -9.97
CA SER B 12 -6.72 30.20 -9.15
C SER B 12 -6.91 30.48 -7.66
N ILE B 13 -7.31 31.70 -7.28
CA ILE B 13 -7.52 32.06 -5.84
C ILE B 13 -8.44 31.02 -5.20
N LEU B 14 -9.51 30.63 -5.91
CA LEU B 14 -10.59 29.79 -5.35
C LEU B 14 -10.12 28.32 -5.27
N LYS B 15 -9.26 27.90 -6.21
CA LYS B 15 -8.62 26.57 -6.16
C LYS B 15 -7.67 26.54 -4.97
N LYS B 16 -6.84 27.58 -4.83
CA LYS B 16 -5.80 27.66 -3.79
C LYS B 16 -6.47 27.60 -2.43
N VAL B 17 -7.58 28.32 -2.26
CA VAL B 17 -8.40 28.32 -1.02
C VAL B 17 -8.79 26.88 -0.70
N LEU B 18 -9.48 26.21 -1.62
CA LEU B 18 -10.07 24.89 -1.30
C LEU B 18 -8.98 23.83 -1.09
N GLU B 19 -7.73 24.06 -1.53
CA GLU B 19 -6.60 23.16 -1.17
C GLU B 19 -6.30 23.31 0.32
N ALA B 20 -6.22 24.55 0.81
CA ALA B 20 -5.93 24.88 2.22
C ALA B 20 -6.94 24.20 3.15
N LEU B 21 -8.23 24.23 2.77
CA LEU B 21 -9.38 23.83 3.61
C LEU B 21 -9.69 22.34 3.50
N LYS B 22 -9.84 21.80 2.30
CA LYS B 22 -10.49 20.47 2.05
C LYS B 22 -9.88 19.39 2.96
N ASP B 23 -8.60 19.55 3.29
CA ASP B 23 -7.76 18.57 4.02
C ASP B 23 -7.97 18.72 5.53
N LEU B 24 -8.52 19.86 5.97
CA LEU B 24 -8.72 20.20 7.40
C LEU B 24 -10.19 20.03 7.79
N ILE B 25 -11.13 20.26 6.87
CA ILE B 25 -12.61 20.30 7.17
C ILE B 25 -13.41 19.72 5.98
N ASN B 26 -14.16 18.61 6.14
CA ASN B 26 -14.92 17.99 5.01
C ASN B 26 -16.09 18.87 4.60
N GLU B 27 -16.98 19.20 5.55
CA GLU B 27 -18.21 20.05 5.37
C GLU B 27 -17.90 21.46 5.86
N ALA B 28 -18.69 22.44 5.45
CA ALA B 28 -18.56 23.85 5.88
C ALA B 28 -19.68 24.68 5.26
N CYS B 29 -20.14 25.67 5.99
CA CYS B 29 -21.27 26.54 5.61
C CYS B 29 -20.72 27.86 5.06
N TRP B 30 -20.97 28.18 3.79
CA TRP B 30 -20.60 29.48 3.18
C TRP B 30 -21.69 30.49 3.54
N ASP B 31 -21.32 31.61 4.17
CA ASP B 31 -22.26 32.70 4.54
C ASP B 31 -22.13 33.76 3.45
N ILE B 32 -23.13 33.83 2.58
CA ILE B 32 -23.20 34.79 1.45
C ILE B 32 -23.99 36.00 1.93
N SER B 33 -23.61 37.22 1.50
CA SER B 33 -24.29 38.50 1.83
C SER B 33 -23.80 39.60 0.88
N SER B 34 -24.38 40.79 0.95
CA SER B 34 -23.87 42.00 0.27
C SER B 34 -22.37 42.08 0.41
N SER B 35 -21.89 42.04 1.65
CA SER B 35 -20.49 42.33 2.04
C SER B 35 -19.54 41.26 1.51
N GLY B 36 -20.06 40.11 1.13
CA GLY B 36 -19.28 39.09 0.39
C GLY B 36 -19.42 37.72 0.98
N VAL B 37 -18.36 36.92 0.93
CA VAL B 37 -18.37 35.47 1.26
C VAL B 37 -17.56 35.21 2.52
N ASN B 38 -18.19 34.57 3.49
CA ASN B 38 -17.62 34.29 4.84
C ASN B 38 -17.81 32.82 5.14
N LEU B 39 -16.71 32.13 5.37
CA LEU B 39 -16.70 30.73 5.84
C LEU B 39 -15.96 30.72 7.17
N GLN B 40 -16.53 30.06 8.17
CA GLN B 40 -15.88 29.79 9.48
C GLN B 40 -16.24 28.37 9.88
N SER B 41 -15.23 27.52 10.08
CA SER B 41 -15.41 26.14 10.57
C SER B 41 -14.29 25.79 11.54
N MET B 42 -14.60 24.91 12.50
CA MET B 42 -13.61 24.13 13.26
C MET B 42 -13.41 22.80 12.56
N ASP B 43 -12.20 22.26 12.62
CA ASP B 43 -11.89 20.84 12.28
C ASP B 43 -12.62 19.96 13.29
N SER B 44 -12.77 18.67 13.01
CA SER B 44 -13.64 17.73 13.76
C SER B 44 -13.17 17.54 15.22
N SER B 45 -11.93 17.92 15.53
CA SER B 45 -11.29 17.77 16.86
C SER B 45 -11.64 18.95 17.77
N HIS B 46 -12.01 20.10 17.20
CA HIS B 46 -12.39 21.36 17.90
C HIS B 46 -11.13 22.04 18.44
N VAL B 47 -9.98 21.86 17.80
CA VAL B 47 -8.66 22.37 18.30
C VAL B 47 -8.21 23.56 17.43
N SER B 48 -8.52 23.48 16.13
CA SER B 48 -8.23 24.54 15.12
C SER B 48 -9.55 25.13 14.63
N LEU B 49 -9.47 26.34 14.10
CA LEU B 49 -10.64 27.05 13.54
C LEU B 49 -10.18 27.85 12.32
N VAL B 50 -10.93 27.77 11.23
CA VAL B 50 -10.63 28.45 9.94
C VAL B 50 -11.62 29.57 9.77
N GLN B 51 -11.19 30.69 9.20
CA GLN B 51 -12.03 31.90 9.06
C GLN B 51 -11.67 32.59 7.74
N LEU B 52 -12.30 32.15 6.65
CA LEU B 52 -12.14 32.72 5.29
C LEU B 52 -13.03 33.94 5.15
N THR B 53 -12.50 35.03 4.57
CA THR B 53 -13.28 36.23 4.18
C THR B 53 -12.89 36.64 2.77
N LEU B 54 -13.86 36.72 1.87
CA LEU B 54 -13.68 37.26 0.50
C LEU B 54 -14.65 38.44 0.34
N ARG B 55 -14.15 39.69 0.42
CA ARG B 55 -15.00 40.89 0.24
C ARG B 55 -15.62 40.85 -1.16
N SER B 56 -16.88 41.26 -1.28
CA SER B 56 -17.66 41.29 -2.55
C SER B 56 -16.93 42.18 -3.53
N GLU B 57 -16.43 43.30 -3.05
CA GLU B 57 -15.69 44.31 -3.84
C GLU B 57 -14.58 43.63 -4.63
N GLY B 58 -13.91 42.57 -4.16
CA GLY B 58 -12.78 41.94 -4.88
C GLY B 58 -13.22 40.92 -5.93
N PHE B 59 -14.51 40.83 -6.24
CA PHE B 59 -15.02 39.97 -7.34
C PHE B 59 -15.32 40.85 -8.55
N ASP B 60 -15.14 40.33 -9.76
CA ASP B 60 -15.41 41.09 -11.00
C ASP B 60 -16.92 41.36 -11.10
N THR B 61 -17.78 40.43 -10.69
CA THR B 61 -19.25 40.59 -10.62
C THR B 61 -19.75 40.04 -9.29
N TYR B 62 -20.73 40.68 -8.64
CA TYR B 62 -21.25 40.18 -7.36
C TYR B 62 -22.70 40.63 -7.14
N ARG B 63 -23.62 39.68 -7.29
CA ARG B 63 -25.06 39.88 -7.03
C ARG B 63 -25.44 38.91 -5.91
N CYS B 64 -26.38 39.26 -5.04
CA CYS B 64 -26.78 38.48 -3.84
C CYS B 64 -27.99 39.15 -3.19
N ASP B 65 -29.19 38.57 -3.34
CA ASP B 65 -30.49 39.23 -3.02
C ASP B 65 -30.79 39.20 -1.53
N ARG B 66 -30.83 38.04 -0.90
CA ARG B 66 -30.84 37.89 0.59
C ARG B 66 -29.55 37.21 0.99
N ASN B 67 -29.19 37.23 2.26
CA ASN B 67 -28.09 36.43 2.83
C ASN B 67 -28.44 34.95 2.66
N LEU B 68 -27.47 34.15 2.21
CA LEU B 68 -27.59 32.67 2.13
C LEU B 68 -26.64 32.01 3.11
N ALA B 69 -26.92 30.75 3.40
CA ALA B 69 -26.06 29.78 4.07
C ALA B 69 -25.96 28.56 3.17
N MET B 70 -24.98 28.51 2.29
CA MET B 70 -24.75 27.34 1.40
C MET B 70 -23.91 26.30 2.11
N GLY B 71 -24.46 25.13 2.36
CA GLY B 71 -23.75 24.00 2.99
C GLY B 71 -23.06 23.14 1.94
N VAL B 72 -21.75 23.14 1.97
CA VAL B 72 -20.90 22.53 0.92
C VAL B 72 -20.03 21.45 1.54
N ASN B 73 -20.06 20.22 0.99
CA ASN B 73 -18.97 19.24 1.20
C ASN B 73 -17.73 19.71 0.43
N LEU B 74 -16.66 20.08 1.13
CA LEU B 74 -15.49 20.78 0.55
C LEU B 74 -14.65 19.81 -0.29
N THR B 75 -14.71 18.52 0.02
CA THR B 75 -14.03 17.46 -0.75
C THR B 75 -14.65 17.45 -2.16
N SER B 76 -15.98 17.32 -2.23
CA SER B 76 -16.78 17.39 -3.48
C SER B 76 -16.38 18.63 -4.27
N MET B 77 -16.23 19.77 -3.60
CA MET B 77 -16.04 21.06 -4.29
C MET B 77 -14.59 21.19 -4.73
N SER B 78 -13.66 20.52 -4.04
CA SER B 78 -12.23 20.47 -4.41
C SER B 78 -12.09 19.64 -5.69
N LYS B 79 -12.63 18.43 -5.68
CA LYS B 79 -12.66 17.54 -6.87
C LYS B 79 -13.18 18.31 -8.09
N ILE B 80 -14.02 19.33 -7.90
CA ILE B 80 -14.63 20.05 -9.05
C ILE B 80 -13.69 21.18 -9.47
N LEU B 81 -13.14 21.94 -8.53
CA LEU B 81 -12.21 23.05 -8.84
C LEU B 81 -10.89 22.50 -9.41
N LYS B 82 -10.60 21.21 -9.16
CA LYS B 82 -9.50 20.48 -9.83
C LYS B 82 -9.73 20.48 -11.35
N CYS B 83 -10.97 20.53 -11.80
CA CYS B 83 -11.36 20.52 -13.23
C CYS B 83 -11.37 21.93 -13.83
N ALA B 84 -10.77 22.91 -13.14
CA ALA B 84 -10.67 24.31 -13.58
C ALA B 84 -9.19 24.65 -13.78
N GLY B 85 -8.79 25.04 -15.00
CA GLY B 85 -7.46 25.56 -15.31
C GLY B 85 -7.12 26.78 -14.47
N ASN B 86 -5.83 27.07 -14.27
CA ASN B 86 -5.37 28.10 -13.32
C ASN B 86 -5.73 29.49 -13.83
N GLU B 87 -5.72 29.67 -15.15
CA GLU B 87 -6.01 30.98 -15.80
C GLU B 87 -7.52 31.13 -15.98
N ASP B 88 -8.32 30.12 -15.61
CA ASP B 88 -9.79 30.08 -15.89
C ASP B 88 -10.53 31.15 -15.06
N ILE B 89 -11.64 31.65 -15.60
CA ILE B 89 -12.52 32.69 -14.99
C ILE B 89 -13.70 31.97 -14.34
N ILE B 90 -13.66 31.83 -13.01
CA ILE B 90 -14.66 31.03 -12.25
C ILE B 90 -15.84 31.89 -11.84
N THR B 91 -17.05 31.37 -12.06
CA THR B 91 -18.34 32.01 -11.71
C THR B 91 -19.16 31.02 -10.86
N LEU B 92 -19.45 31.38 -9.60
CA LEU B 92 -20.41 30.67 -8.71
C LEU B 92 -21.81 31.22 -8.96
N ARG B 93 -22.82 30.35 -9.00
CA ARG B 93 -24.22 30.78 -9.12
C ARG B 93 -25.06 29.80 -8.30
N ALA B 94 -25.90 30.30 -7.40
CA ALA B 94 -26.78 29.47 -6.56
C ALA B 94 -28.19 30.02 -6.69
N GLU B 95 -29.09 29.29 -7.34
CA GLU B 95 -30.54 29.59 -7.22
C GLU B 95 -30.89 29.52 -5.72
N ASP B 96 -31.24 30.66 -5.11
CA ASP B 96 -31.77 30.80 -3.71
C ASP B 96 -32.82 29.71 -3.47
N ASN B 97 -33.74 29.58 -4.43
CA ASN B 97 -34.89 28.65 -4.51
C ASN B 97 -34.40 27.26 -4.93
N ALA B 98 -33.13 26.90 -4.66
CA ALA B 98 -32.52 25.61 -5.06
C ALA B 98 -31.51 25.15 -4.00
N ASP B 99 -31.37 23.83 -3.92
CA ASP B 99 -30.43 23.09 -3.04
C ASP B 99 -29.23 22.64 -3.88
N THR B 100 -28.87 23.31 -4.98
CA THR B 100 -27.61 22.99 -5.73
C THR B 100 -26.88 24.30 -6.09
N LEU B 101 -25.56 24.22 -6.18
CA LEU B 101 -24.61 25.31 -6.50
C LEU B 101 -23.94 24.99 -7.83
N ALA B 102 -23.93 25.97 -8.75
CA ALA B 102 -23.29 25.87 -10.09
C ALA B 102 -21.96 26.63 -10.06
N LEU B 103 -20.92 26.01 -10.63
CA LEU B 103 -19.63 26.67 -10.93
C LEU B 103 -19.42 26.59 -12.43
N VAL B 104 -19.01 27.70 -13.03
CA VAL B 104 -18.73 27.78 -14.49
C VAL B 104 -17.29 28.28 -14.66
N PHE B 105 -16.46 27.47 -15.31
CA PHE B 105 -15.06 27.81 -15.64
C PHE B 105 -14.94 28.16 -17.13
N GLU B 106 -14.63 29.42 -17.44
CA GLU B 106 -14.36 29.89 -18.83
C GLU B 106 -12.85 29.99 -18.98
N ALA B 107 -12.27 29.25 -19.92
CA ALA B 107 -10.87 29.40 -20.36
C ALA B 107 -10.72 30.79 -20.92
N PRO B 108 -9.72 31.59 -20.49
CA PRO B 108 -9.64 33.00 -20.91
C PRO B 108 -9.26 33.03 -22.39
N ASN B 109 -8.36 32.11 -22.77
CA ASN B 109 -7.94 31.83 -24.16
C ASN B 109 -9.00 30.90 -24.76
N GLN B 110 -8.72 29.60 -24.74
CA GLN B 110 -9.47 28.52 -25.44
C GLN B 110 -10.98 28.88 -25.42
N GLU B 111 -11.70 28.90 -26.57
CA GLU B 111 -13.19 29.04 -26.61
C GLU B 111 -13.77 27.69 -26.20
N LYS B 112 -13.45 27.34 -24.96
CA LYS B 112 -13.86 26.16 -24.15
C LYS B 112 -14.47 26.61 -22.82
N VAL B 113 -15.55 25.94 -22.37
CA VAL B 113 -16.28 26.32 -21.13
C VAL B 113 -16.76 25.08 -20.38
N SER B 114 -16.05 24.73 -19.30
CA SER B 114 -16.50 23.77 -18.26
C SER B 114 -17.62 24.41 -17.41
N ASP B 115 -18.54 23.56 -16.91
CA ASP B 115 -19.81 23.97 -16.26
C ASP B 115 -20.30 22.81 -15.37
N TYR B 116 -19.91 22.83 -14.08
CA TYR B 116 -20.25 21.81 -13.07
C TYR B 116 -21.39 22.35 -12.19
N GLU B 117 -21.99 21.44 -11.41
CA GLU B 117 -23.27 21.61 -10.71
C GLU B 117 -23.28 20.56 -9.59
N MET B 118 -23.27 21.01 -8.34
CA MET B 118 -22.95 20.18 -7.16
C MET B 118 -24.05 20.34 -6.12
N LYS B 119 -24.53 19.25 -5.53
CA LYS B 119 -25.66 19.24 -4.55
C LYS B 119 -25.17 19.91 -3.25
N LEU B 120 -25.98 20.74 -2.60
CA LEU B 120 -25.70 21.42 -1.30
C LEU B 120 -26.34 20.64 -0.15
N MET B 121 -25.95 20.91 1.11
CA MET B 121 -26.56 20.29 2.32
C MET B 121 -26.99 21.39 3.29
N ASP B 122 -27.94 21.09 4.18
CA ASP B 122 -28.34 21.99 5.31
C ASP B 122 -27.26 21.88 6.39
N LEU B 123 -26.78 23.01 6.89
CA LEU B 123 -25.73 23.06 7.96
C LEU B 123 -25.92 24.30 8.84
N ASP B 124 -25.85 24.13 10.17
CA ASP B 124 -25.92 25.20 11.22
C ASP B 124 -24.79 26.22 11.01
N VAL B 125 -25.12 27.34 10.35
CA VAL B 125 -24.23 28.52 10.10
C VAL B 125 -23.83 29.22 11.43
N GLU B 126 -24.55 28.96 12.52
CA GLU B 126 -24.40 29.54 13.88
C GLU B 126 -23.01 29.15 14.42
N GLN B 127 -21.99 29.97 14.12
CA GLN B 127 -20.55 29.72 14.40
C GLN B 127 -20.09 30.51 15.62
N LEU B 128 -18.78 30.69 15.81
CA LEU B 128 -18.16 31.26 17.03
C LEU B 128 -17.95 32.77 16.86
N GLY B 129 -17.74 33.49 17.96
CA GLY B 129 -17.63 34.96 17.96
C GLY B 129 -16.22 35.39 18.29
N ILE B 130 -15.24 35.10 17.43
CA ILE B 130 -13.83 35.54 17.61
C ILE B 130 -13.77 37.05 17.53
N PRO B 131 -13.48 37.77 18.64
CA PRO B 131 -13.40 39.24 18.59
C PRO B 131 -11.99 39.66 18.16
N GLU B 132 -11.86 40.81 17.49
CA GLU B 132 -10.54 41.42 17.14
C GLU B 132 -9.85 41.88 18.44
N GLN B 133 -8.54 41.70 18.56
CA GLN B 133 -7.76 42.01 19.79
C GLN B 133 -6.40 42.60 19.44
N GLU B 134 -5.95 43.60 20.19
CA GLU B 134 -4.50 43.82 20.41
C GLU B 134 -3.92 42.44 20.76
N TYR B 135 -2.81 42.03 20.16
CA TYR B 135 -2.06 40.80 20.51
C TYR B 135 -0.72 41.25 21.14
N SER B 136 -0.08 40.38 21.92
CA SER B 136 1.20 40.66 22.61
C SER B 136 2.34 40.71 21.60
N CYS B 137 2.46 39.67 20.78
CA CYS B 137 3.47 39.57 19.69
C CYS B 137 2.76 39.47 18.34
N VAL B 138 3.30 40.13 17.34
CA VAL B 138 2.94 39.86 15.92
C VAL B 138 4.22 39.74 15.11
N VAL B 139 4.37 38.61 14.40
CA VAL B 139 5.53 38.29 13.52
C VAL B 139 5.01 38.19 12.10
N LYS B 140 5.51 39.06 11.22
CA LYS B 140 5.31 38.98 9.76
C LYS B 140 6.57 38.35 9.18
N MET B 141 6.43 37.33 8.33
CA MET B 141 7.60 36.65 7.70
C MET B 141 7.18 36.03 6.38
N PRO B 142 8.14 35.65 5.49
CA PRO B 142 7.78 35.00 4.23
C PRO B 142 7.02 33.71 4.53
N SER B 143 5.94 33.44 3.79
CA SER B 143 5.02 32.31 4.09
C SER B 143 5.73 30.99 3.81
N GLY B 144 6.66 31.03 2.84
CA GLY B 144 7.57 29.94 2.50
C GLY B 144 8.39 29.56 3.72
N GLU B 145 9.09 30.52 4.30
CA GLU B 145 10.03 30.26 5.42
C GLU B 145 9.25 29.68 6.61
N PHE B 146 7.99 30.07 6.80
CA PHE B 146 7.14 29.53 7.88
C PHE B 146 6.82 28.06 7.63
N ALA B 147 6.50 27.73 6.38
CA ALA B 147 6.25 26.33 5.96
C ALA B 147 7.54 25.53 6.14
N ARG B 148 8.63 26.00 5.53
CA ARG B 148 9.98 25.38 5.55
C ARG B 148 10.25 25.01 7.01
N ILE B 149 10.02 25.94 7.96
CA ILE B 149 10.27 25.74 9.43
C ILE B 149 9.34 24.64 9.98
N CYS B 150 8.03 24.79 9.80
CA CYS B 150 7.01 23.88 10.38
C CYS B 150 7.26 22.44 9.93
N ARG B 151 7.63 22.22 8.67
CA ARG B 151 7.88 20.87 8.12
C ARG B 151 9.15 20.30 8.75
N ASP B 152 10.19 21.12 8.88
CA ASP B 152 11.53 20.68 9.30
C ASP B 152 11.48 20.18 10.74
N LEU B 153 10.77 20.89 11.62
CA LEU B 153 10.61 20.49 13.04
C LEU B 153 9.72 19.25 13.17
N SER B 154 8.90 18.94 12.17
CA SER B 154 8.06 17.71 12.15
C SER B 154 8.94 16.46 12.10
N HIS B 155 10.11 16.52 11.46
CA HIS B 155 11.09 15.39 11.44
C HIS B 155 11.66 15.18 12.87
N ILE B 156 11.52 16.17 13.76
CA ILE B 156 12.09 16.14 15.14
C ILE B 156 11.02 15.74 16.14
N GLY B 157 9.91 16.50 16.22
CA GLY B 157 8.97 16.49 17.36
C GLY B 157 7.50 16.68 16.95
N ASP B 158 6.61 16.45 17.92
CA ASP B 158 5.12 16.54 17.81
C ASP B 158 4.69 18.00 17.93
N ALA B 159 5.32 18.70 18.89
CA ALA B 159 4.91 20.05 19.34
C ALA B 159 6.10 20.99 19.20
N VAL B 160 5.80 22.20 18.74
CA VAL B 160 6.78 23.32 18.60
C VAL B 160 6.51 24.32 19.73
N VAL B 161 7.57 24.88 20.29
CA VAL B 161 7.49 26.01 21.24
C VAL B 161 7.91 27.28 20.49
N ILE B 162 6.97 28.20 20.28
CA ILE B 162 7.25 29.52 19.62
C ILE B 162 7.52 30.57 20.71
N SER B 163 8.78 30.97 20.84
CA SER B 163 9.27 32.03 21.76
C SER B 163 9.56 33.30 20.95
N CYS B 164 9.11 34.46 21.44
CA CYS B 164 9.13 35.74 20.71
C CYS B 164 9.64 36.88 21.60
N ALA B 165 10.76 37.48 21.19
CA ALA B 165 11.43 38.65 21.82
C ALA B 165 11.39 39.84 20.83
N LYS B 166 12.10 40.92 21.17
CA LYS B 166 12.25 42.11 20.30
C LYS B 166 13.18 41.71 19.14
N ASP B 167 14.40 41.30 19.49
CA ASP B 167 15.49 40.80 18.62
C ASP B 167 14.86 39.94 17.50
N GLY B 168 14.22 38.82 17.87
CA GLY B 168 13.75 37.82 16.90
C GLY B 168 12.74 36.85 17.49
N VAL B 169 12.54 35.73 16.83
CA VAL B 169 11.53 34.68 17.15
C VAL B 169 12.22 33.31 17.02
N LYS B 170 11.91 32.38 17.92
CA LYS B 170 12.58 31.07 18.02
C LYS B 170 11.53 29.96 18.11
N PHE B 171 11.57 29.04 17.13
CA PHE B 171 10.76 27.80 17.09
C PHE B 171 11.64 26.64 17.58
N SER B 172 11.15 25.89 18.58
CA SER B 172 11.94 24.83 19.26
C SER B 172 11.10 23.56 19.32
N ALA B 173 11.74 22.42 19.10
CA ALA B 173 11.10 21.09 19.16
C ALA B 173 12.07 20.11 19.83
N SER B 174 11.54 19.22 20.68
CA SER B 174 12.22 18.06 21.28
C SER B 174 11.65 16.80 20.65
N GLY B 175 12.45 15.74 20.52
CA GLY B 175 12.02 14.51 19.87
C GLY B 175 12.72 13.29 20.39
N GLU B 176 12.44 12.14 19.79
CA GLU B 176 13.07 10.84 20.09
C GLU B 176 14.58 10.98 19.77
N LEU B 177 14.89 11.40 18.54
CA LEU B 177 16.25 11.29 17.90
C LEU B 177 17.17 12.40 18.43
N GLY B 178 16.61 13.57 18.74
CA GLY B 178 17.38 14.75 19.18
C GLY B 178 16.45 15.91 19.45
N ASN B 179 16.91 17.15 19.25
CA ASN B 179 16.07 18.36 19.35
C ASN B 179 16.72 19.51 18.59
N GLY B 180 15.94 20.56 18.30
CA GLY B 180 16.38 21.68 17.45
C GLY B 180 15.72 22.98 17.80
N ASN B 181 16.38 24.06 17.36
CA ASN B 181 15.96 25.47 17.55
C ASN B 181 16.17 26.22 16.25
N ILE B 182 15.15 26.92 15.77
CA ILE B 182 15.28 27.81 14.59
C ILE B 182 15.00 29.24 15.06
N LYS B 183 16.01 30.11 14.95
CA LYS B 183 15.92 31.54 15.33
C LYS B 183 15.86 32.33 14.02
N LEU B 184 14.75 33.04 13.78
CA LEU B 184 14.66 34.17 12.83
C LEU B 184 14.98 35.46 13.57
N SER B 185 15.87 36.30 13.04
CA SER B 185 16.11 37.68 13.51
C SER B 185 15.29 38.62 12.63
N GLN B 186 15.02 39.82 13.13
CA GLN B 186 14.30 40.89 12.40
C GLN B 186 15.26 41.49 11.36
N THR B 187 14.73 41.86 10.19
CA THR B 187 15.53 42.25 8.97
C THR B 187 15.24 43.68 8.53
N GLU B 193 10.31 43.52 -0.01
CA GLU B 193 9.29 43.91 0.98
C GLU B 193 8.72 42.66 1.68
N GLU B 194 8.54 41.56 0.95
CA GLU B 194 7.82 40.33 1.43
C GLU B 194 8.83 39.35 2.05
N GLU B 195 10.09 39.45 1.61
CA GLU B 195 11.28 38.67 2.04
C GLU B 195 11.64 39.02 3.49
N ALA B 196 11.08 40.10 4.04
CA ALA B 196 11.46 40.66 5.36
C ALA B 196 10.82 39.87 6.50
N VAL B 197 11.49 39.83 7.66
CA VAL B 197 10.97 39.35 8.98
C VAL B 197 10.86 40.56 9.91
N THR B 198 9.68 40.79 10.52
CA THR B 198 9.41 41.99 11.36
C THR B 198 8.49 41.61 12.53
N ILE B 199 8.65 42.29 13.67
CA ILE B 199 8.01 41.91 14.97
C ILE B 199 7.51 43.16 15.71
N GLU B 200 6.19 43.45 15.61
CA GLU B 200 5.42 44.37 16.49
C GLU B 200 5.18 43.59 17.80
N MET B 201 5.78 44.05 18.90
CA MET B 201 5.93 43.30 20.18
C MET B 201 5.60 44.20 21.38
N ASN B 202 4.46 43.97 22.03
CA ASN B 202 4.03 44.64 23.29
C ASN B 202 4.83 44.05 24.45
N GLU B 203 4.90 42.72 24.55
CA GLU B 203 5.64 41.99 25.61
C GLU B 203 5.96 40.56 25.18
N PRO B 204 6.98 39.92 25.78
CA PRO B 204 7.46 38.62 25.33
C PRO B 204 6.39 37.55 25.57
N VAL B 205 6.31 36.58 24.66
CA VAL B 205 5.37 35.42 24.71
C VAL B 205 6.17 34.17 24.41
N GLN B 206 5.85 33.06 25.08
CA GLN B 206 6.29 31.69 24.70
C GLN B 206 5.10 30.74 24.80
N LEU B 207 4.79 30.02 23.73
CA LEU B 207 3.61 29.13 23.68
C LEU B 207 3.98 27.82 22.97
N THR B 208 3.23 26.76 23.26
CA THR B 208 3.44 25.40 22.70
C THR B 208 2.20 25.03 21.89
N PHE B 209 2.41 24.51 20.67
CA PHE B 209 1.36 24.15 19.69
C PHE B 209 1.68 22.80 19.06
N ALA B 210 0.66 22.05 18.64
CA ALA B 210 0.81 20.78 17.89
C ALA B 210 1.26 21.07 16.45
N LEU B 211 2.32 20.41 15.96
CA LEU B 211 2.82 20.62 14.57
C LEU B 211 1.89 19.94 13.57
N ARG B 212 1.42 18.74 13.91
CA ARG B 212 0.31 18.05 13.21
C ARG B 212 -0.55 19.11 12.50
N TYR B 213 -0.97 20.16 13.22
CA TYR B 213 -1.96 21.17 12.77
C TYR B 213 -1.31 22.31 11.98
N LEU B 214 -0.25 22.91 12.50
CA LEU B 214 0.49 24.00 11.80
C LEU B 214 0.85 23.53 10.39
N ASN B 215 1.05 22.23 10.21
CA ASN B 215 1.37 21.66 8.87
C ASN B 215 0.14 21.74 7.95
N PHE B 216 -1.06 21.50 8.45
CA PHE B 216 -2.30 21.65 7.64
C PHE B 216 -2.53 23.11 7.24
N PHE B 217 -2.05 24.03 8.07
CA PHE B 217 -2.25 25.48 7.88
C PHE B 217 -1.36 25.94 6.74
N THR B 218 -0.12 25.47 6.71
CA THR B 218 0.87 25.89 5.70
C THR B 218 0.42 25.45 4.30
N LYS B 219 -0.66 24.67 4.18
CA LYS B 219 -1.28 24.35 2.86
C LYS B 219 -1.80 25.62 2.19
N ALA B 220 -1.92 26.71 2.95
CA ALA B 220 -2.37 28.04 2.46
C ALA B 220 -1.17 28.84 1.93
N THR B 221 0.03 28.25 1.96
CA THR B 221 1.31 28.97 1.69
C THR B 221 1.30 29.51 0.27
N PRO B 222 0.68 28.85 -0.74
CA PRO B 222 0.62 29.40 -2.09
C PRO B 222 -0.43 30.50 -2.30
N LEU B 223 -1.03 31.01 -1.24
CA LEU B 223 -2.02 32.12 -1.30
C LEU B 223 -1.33 33.46 -1.09
N SER B 224 -0.15 33.50 -0.46
CA SER B 224 0.46 34.78 0.01
C SER B 224 1.99 34.74 0.02
N SER B 225 2.64 35.85 -0.38
CA SER B 225 4.09 36.12 -0.20
C SER B 225 4.44 35.88 1.26
N THR B 226 3.63 36.44 2.17
CA THR B 226 3.93 36.54 3.62
C THR B 226 2.83 35.88 4.44
N VAL B 227 3.13 35.55 5.69
CA VAL B 227 2.13 35.19 6.73
C VAL B 227 2.46 36.01 7.98
N THR B 228 1.44 36.34 8.78
CA THR B 228 1.59 36.98 10.10
C THR B 228 1.10 36.00 11.18
N LEU B 229 1.87 35.88 12.25
CA LEU B 229 1.53 35.09 13.46
C LEU B 229 1.23 36.07 14.59
N SER B 230 0.06 35.97 15.20
CA SER B 230 -0.35 36.81 16.34
C SER B 230 -0.58 35.92 17.57
N MET B 231 0.23 36.09 18.62
CA MET B 231 0.15 35.28 19.87
C MET B 231 -0.08 36.21 21.06
N SER B 232 -0.75 35.69 22.08
CA SER B 232 -0.75 36.24 23.46
C SER B 232 -0.79 35.07 24.46
N ALA B 233 -0.25 35.31 25.66
CA ALA B 233 -0.26 34.41 26.83
C ALA B 233 -1.55 33.59 26.86
N ASP B 234 -1.42 32.26 26.87
CA ASP B 234 -2.53 31.28 27.09
C ASP B 234 -3.80 31.64 26.29
N VAL B 235 -3.67 32.06 25.02
CA VAL B 235 -4.82 32.23 24.06
C VAL B 235 -4.37 31.90 22.63
N PRO B 236 -5.32 31.58 21.72
CA PRO B 236 -4.99 30.90 20.47
C PRO B 236 -4.04 31.72 19.62
N LEU B 237 -3.14 31.00 18.94
CA LEU B 237 -2.29 31.49 17.83
C LEU B 237 -3.20 31.78 16.63
N VAL B 238 -2.99 32.93 15.98
CA VAL B 238 -3.68 33.28 14.71
C VAL B 238 -2.63 33.35 13.59
N VAL B 239 -2.71 32.40 12.67
CA VAL B 239 -1.88 32.33 11.43
C VAL B 239 -2.73 32.91 10.28
N GLU B 240 -2.41 34.13 9.85
CA GLU B 240 -3.22 34.92 8.90
C GLU B 240 -2.49 35.00 7.56
N TYR B 241 -3.04 34.36 6.53
CA TYR B 241 -2.59 34.43 5.11
C TYR B 241 -3.44 35.49 4.41
N LYS B 242 -2.82 36.58 3.92
CA LYS B 242 -3.54 37.62 3.15
C LYS B 242 -3.86 37.08 1.78
N ILE B 243 -5.08 37.26 1.27
CA ILE B 243 -5.43 36.90 -0.14
C ILE B 243 -5.54 38.20 -0.95
N ALA B 244 -4.41 38.68 -1.47
CA ALA B 244 -4.19 40.07 -1.92
C ALA B 244 -5.49 40.67 -2.47
N ASP B 245 -5.86 41.86 -2.00
CA ASP B 245 -6.87 42.75 -2.61
C ASP B 245 -8.19 41.98 -2.84
N MET B 246 -8.63 41.21 -1.85
CA MET B 246 -9.74 40.22 -1.98
C MET B 246 -10.30 39.80 -0.61
N GLY B 247 -9.42 39.42 0.31
CA GLY B 247 -9.78 39.06 1.69
C GLY B 247 -8.60 38.48 2.47
N HIS B 248 -8.85 37.45 3.27
CA HIS B 248 -7.83 36.84 4.15
C HIS B 248 -8.33 35.46 4.55
N LEU B 249 -7.38 34.61 4.96
CA LEU B 249 -7.66 33.27 5.52
C LEU B 249 -6.94 33.18 6.86
N LYS B 250 -7.68 33.25 7.96
CA LYS B 250 -7.13 33.20 9.33
C LYS B 250 -7.34 31.78 9.86
N TYR B 251 -6.28 31.19 10.43
CA TYR B 251 -6.27 29.90 11.16
C TYR B 251 -5.99 30.15 12.65
N TYR B 252 -6.84 29.59 13.52
CA TYR B 252 -6.71 29.70 15.00
C TYR B 252 -6.36 28.32 15.57
N LEU B 253 -5.27 28.23 16.33
CA LEU B 253 -4.87 26.99 17.01
C LEU B 253 -4.75 27.26 18.51
N ALA B 254 -5.36 26.41 19.33
CA ALA B 254 -5.28 26.47 20.80
C ALA B 254 -3.92 25.95 21.29
N PRO B 255 -3.32 26.61 22.32
CA PRO B 255 -2.06 26.16 22.91
C PRO B 255 -2.26 25.07 23.98
N LYS B 256 -1.25 24.74 24.81
CA LYS B 256 -1.22 23.53 25.70
C LYS B 256 -1.04 23.89 27.20
N ILE B 257 -1.09 22.89 28.12
CA ILE B 257 -0.80 22.96 29.60
C ILE B 257 -1.27 24.29 30.18
N MET C 3 15.82 -11.97 -43.67
CA MET C 3 16.02 -11.13 -42.48
C MET C 3 15.03 -9.95 -42.54
N PHE C 4 14.94 -9.18 -41.46
CA PHE C 4 14.28 -7.85 -41.36
C PHE C 4 15.17 -6.94 -40.51
N GLU C 5 15.33 -5.69 -40.93
CA GLU C 5 16.23 -4.70 -40.29
C GLU C 5 15.73 -3.30 -40.61
N ALA C 6 15.23 -2.61 -39.59
CA ALA C 6 14.72 -1.24 -39.70
C ALA C 6 15.48 -0.36 -38.71
N ARG C 7 15.90 0.82 -39.18
CA ARG C 7 16.66 1.79 -38.37
C ARG C 7 15.83 3.08 -38.36
N LEU C 8 15.61 3.63 -37.16
CA LEU C 8 14.75 4.81 -36.91
C LEU C 8 15.60 5.89 -36.24
N VAL C 9 15.83 7.01 -36.91
CA VAL C 9 16.80 8.04 -36.45
C VAL C 9 16.24 8.71 -35.20
N GLN C 10 14.96 9.11 -35.23
CA GLN C 10 14.21 9.58 -34.04
C GLN C 10 13.73 8.36 -33.25
N GLY C 11 14.58 7.84 -32.38
CA GLY C 11 14.28 6.67 -31.54
C GLY C 11 13.06 6.91 -30.68
N SER C 12 13.02 8.06 -29.99
CA SER C 12 11.96 8.44 -29.03
C SER C 12 10.57 8.04 -29.55
N ILE C 13 10.31 8.09 -30.86
CA ILE C 13 8.97 7.74 -31.43
C ILE C 13 8.58 6.34 -30.94
N LEU C 14 9.54 5.42 -30.94
CA LEU C 14 9.30 4.00 -30.63
C LEU C 14 9.09 3.80 -29.12
N LYS C 15 9.76 4.60 -28.30
CA LYS C 15 9.54 4.62 -26.83
C LYS C 15 8.14 5.17 -26.56
N LYS C 16 7.78 6.28 -27.21
CA LYS C 16 6.49 6.98 -27.02
C LYS C 16 5.35 6.01 -27.36
N VAL C 17 5.51 5.27 -28.45
CA VAL C 17 4.54 4.25 -28.90
C VAL C 17 4.35 3.24 -27.76
N LEU C 18 5.41 2.62 -27.32
CA LEU C 18 5.26 1.50 -26.35
C LEU C 18 4.78 1.99 -24.98
N GLU C 19 4.85 3.29 -24.68
CA GLU C 19 4.20 3.85 -23.46
C GLU C 19 2.68 3.78 -23.64
N ALA C 20 2.19 4.22 -24.81
CA ALA C 20 0.76 4.23 -25.14
C ALA C 20 0.15 2.83 -24.96
N LEU C 21 0.86 1.81 -25.44
CA LEU C 21 0.36 0.42 -25.56
C LEU C 21 0.56 -0.40 -24.28
N LYS C 22 1.77 -0.42 -23.72
CA LYS C 22 2.20 -1.46 -22.73
C LYS C 22 1.18 -1.59 -21.60
N ASP C 23 0.50 -0.49 -21.29
CA ASP C 23 -0.42 -0.34 -20.13
C ASP C 23 -1.81 -0.84 -20.50
N LEU C 24 -2.09 -0.99 -21.79
CA LEU C 24 -3.42 -1.42 -22.32
C LEU C 24 -3.39 -2.88 -22.76
N ILE C 25 -2.24 -3.38 -23.25
CA ILE C 25 -2.12 -4.75 -23.87
C ILE C 25 -0.76 -5.36 -23.51
N ASN C 26 -0.70 -6.51 -22.81
CA ASN C 26 0.60 -7.12 -22.38
C ASN C 26 1.31 -7.71 -23.61
N GLU C 27 0.63 -8.62 -24.33
CA GLU C 27 1.11 -9.34 -25.55
C GLU C 27 0.54 -8.66 -26.79
N ALA C 28 1.14 -8.87 -27.95
CA ALA C 28 0.67 -8.32 -29.24
C ALA C 28 1.55 -8.85 -30.38
N CYS C 29 0.96 -9.04 -31.54
CA CYS C 29 1.63 -9.61 -32.74
C CYS C 29 1.98 -8.47 -33.70
N TRP C 30 3.27 -8.22 -33.93
CA TRP C 30 3.76 -7.21 -34.91
C TRP C 30 3.76 -7.87 -36.29
N ASP C 31 3.07 -7.28 -37.27
CA ASP C 31 3.04 -7.77 -38.67
C ASP C 31 4.08 -6.95 -39.44
N ILE C 32 5.21 -7.56 -39.74
CA ILE C 32 6.29 -6.94 -40.54
C ILE C 32 6.06 -7.30 -42.02
N SER C 33 6.35 -6.40 -42.95
CA SER C 33 6.20 -6.60 -44.42
C SER C 33 6.91 -5.47 -45.16
N SER C 34 7.01 -5.51 -46.48
CA SER C 34 7.67 -4.39 -47.17
C SER C 34 6.91 -3.08 -46.90
N SER C 35 5.58 -3.07 -46.78
CA SER C 35 4.78 -1.84 -46.55
C SER C 35 5.05 -1.24 -45.16
N GLY C 36 5.60 -2.04 -44.26
CA GLY C 36 6.07 -1.54 -42.96
C GLY C 36 5.56 -2.37 -41.81
N VAL C 37 5.30 -1.75 -40.67
CA VAL C 37 5.01 -2.41 -39.37
C VAL C 37 3.57 -2.15 -38.96
N ASN C 38 2.82 -3.21 -38.72
CA ASN C 38 1.36 -3.17 -38.41
C ASN C 38 1.10 -4.00 -37.18
N LEU C 39 0.54 -3.37 -36.16
CA LEU C 39 0.10 -4.04 -34.93
C LEU C 39 -1.39 -3.75 -34.78
N GLN C 40 -2.18 -4.77 -34.50
CA GLN C 40 -3.61 -4.65 -34.14
C GLN C 40 -3.90 -5.61 -32.99
N SER C 41 -4.35 -5.09 -31.86
CA SER C 41 -4.72 -5.90 -30.67
C SER C 41 -5.97 -5.31 -30.02
N MET C 42 -6.77 -6.17 -29.41
CA MET C 42 -7.77 -5.79 -28.39
C MET C 42 -7.12 -5.94 -27.02
N ASP C 43 -7.52 -5.11 -26.07
CA ASP C 43 -7.24 -5.29 -24.61
C ASP C 43 -8.01 -6.54 -24.19
N SER C 44 -7.67 -7.11 -23.03
CA SER C 44 -8.16 -8.45 -22.58
C SER C 44 -9.67 -8.43 -22.30
N SER C 45 -10.28 -7.25 -22.20
CA SER C 45 -11.73 -7.07 -21.93
C SER C 45 -12.56 -7.16 -23.22
N HIS C 46 -11.94 -6.90 -24.38
CA HIS C 46 -12.55 -6.93 -25.74
C HIS C 46 -13.45 -5.70 -25.94
N VAL C 47 -13.11 -4.59 -25.30
CA VAL C 47 -13.94 -3.35 -25.32
C VAL C 47 -13.23 -2.29 -26.18
N SER C 48 -11.90 -2.25 -26.12
CA SER C 48 -11.02 -1.35 -26.90
C SER C 48 -10.20 -2.16 -27.89
N LEU C 49 -9.72 -1.50 -28.93
CA LEU C 49 -8.88 -2.11 -29.99
C LEU C 49 -7.86 -1.09 -30.47
N VAL C 50 -6.61 -1.50 -30.59
CA VAL C 50 -5.44 -0.65 -30.96
C VAL C 50 -5.04 -1.04 -32.36
N GLN C 51 -4.63 -0.07 -33.16
CA GLN C 51 -4.27 -0.28 -34.58
C GLN C 51 -3.11 0.65 -34.93
N LEU C 52 -1.89 0.20 -34.64
CA LEU C 52 -0.64 0.93 -34.95
C LEU C 52 -0.24 0.65 -36.40
N THR C 53 0.16 1.69 -37.14
CA THR C 53 0.79 1.59 -38.49
C THR C 53 2.05 2.46 -38.49
N LEU C 54 3.19 1.86 -38.80
CA LEU C 54 4.45 2.60 -39.08
C LEU C 54 4.88 2.26 -40.50
N ARG C 55 4.62 3.16 -41.46
CA ARG C 55 4.95 2.89 -42.88
C ARG C 55 6.47 2.74 -43.00
N SER C 56 6.95 1.84 -43.86
CA SER C 56 8.38 1.56 -44.07
C SER C 56 9.08 2.83 -44.50
N GLU C 57 8.42 3.59 -45.38
CA GLU C 57 8.75 4.98 -45.83
C GLU C 57 9.38 5.79 -44.69
N GLY C 58 8.80 5.77 -43.50
CA GLY C 58 9.17 6.67 -42.40
C GLY C 58 10.32 6.17 -41.57
N PHE C 59 11.01 5.11 -41.99
CA PHE C 59 12.24 4.64 -41.34
C PHE C 59 13.45 5.10 -42.17
N ASP C 60 14.58 5.40 -41.53
CA ASP C 60 15.80 5.82 -42.27
C ASP C 60 16.31 4.64 -43.11
N THR C 61 16.22 3.40 -42.61
CA THR C 61 16.61 2.15 -43.32
C THR C 61 15.51 1.12 -43.13
N TYR C 62 15.14 0.36 -44.16
CA TYR C 62 14.07 -0.66 -44.01
C TYR C 62 14.28 -1.78 -45.00
N ARG C 63 14.75 -2.90 -44.49
CA ARG C 63 14.93 -4.16 -45.25
C ARG C 63 13.95 -5.16 -44.63
N CYS C 64 13.32 -5.97 -45.47
CA CYS C 64 12.30 -6.94 -45.01
C CYS C 64 11.97 -7.90 -46.14
N ASP C 65 12.51 -9.13 -46.09
CA ASP C 65 12.53 -10.10 -47.23
C ASP C 65 11.20 -10.84 -47.26
N ARG C 66 10.83 -11.51 -46.16
CA ARG C 66 9.52 -12.19 -46.01
C ARG C 66 8.73 -11.42 -44.96
N ASN C 67 7.41 -11.57 -45.01
CA ASN C 67 6.50 -11.06 -43.96
C ASN C 67 6.81 -11.84 -42.69
N LEU C 68 6.90 -11.16 -41.56
CA LEU C 68 6.98 -11.80 -40.22
C LEU C 68 5.69 -11.51 -39.45
N ALA C 69 5.42 -12.35 -38.46
CA ALA C 69 4.45 -12.12 -37.37
C ALA C 69 5.24 -12.32 -36.08
N MET C 70 5.84 -11.25 -35.55
CA MET C 70 6.61 -11.31 -34.28
C MET C 70 5.65 -11.14 -33.11
N GLY C 71 5.56 -12.16 -32.27
CA GLY C 71 4.84 -12.15 -30.99
C GLY C 71 5.70 -11.56 -29.90
N VAL C 72 5.31 -10.39 -29.42
CA VAL C 72 6.12 -9.59 -28.45
C VAL C 72 5.29 -9.41 -27.18
N ASN C 73 5.86 -9.75 -26.03
CA ASN C 73 5.37 -9.23 -24.73
C ASN C 73 5.77 -7.75 -24.63
N LEU C 74 4.79 -6.85 -24.63
CA LEU C 74 5.01 -5.38 -24.76
C LEU C 74 5.61 -4.81 -23.48
N THR C 75 5.35 -5.46 -22.34
CA THR C 75 5.92 -5.07 -21.04
C THR C 75 7.44 -5.27 -21.13
N SER C 76 7.87 -6.48 -21.50
CA SER C 76 9.29 -6.83 -21.78
C SER C 76 9.92 -5.80 -22.72
N MET C 77 9.21 -5.39 -23.76
CA MET C 77 9.79 -4.52 -24.81
C MET C 77 9.83 -3.07 -24.31
N SER C 78 8.93 -2.71 -23.38
CA SER C 78 8.90 -1.38 -22.74
C SER C 78 10.11 -1.26 -21.82
N LYS C 79 10.27 -2.22 -20.92
CA LYS C 79 11.44 -2.30 -20.00
C LYS C 79 12.74 -2.16 -20.82
N ILE C 80 12.76 -2.53 -22.09
CA ILE C 80 14.01 -2.49 -22.91
C ILE C 80 14.15 -1.09 -23.51
N LEU C 81 13.08 -0.53 -24.07
CA LEU C 81 13.12 0.82 -24.68
C LEU C 81 13.34 1.89 -23.59
N LYS C 82 13.03 1.56 -22.34
CA LYS C 82 13.37 2.40 -21.16
C LYS C 82 14.89 2.57 -21.09
N CYS C 83 15.67 1.61 -21.60
CA CYS C 83 17.15 1.63 -21.57
C CYS C 83 17.73 2.35 -22.79
N ALA C 84 16.90 3.10 -23.52
CA ALA C 84 17.31 3.87 -24.72
C ALA C 84 17.12 5.35 -24.41
N GLY C 85 18.20 6.15 -24.48
CA GLY C 85 18.16 7.62 -24.39
C GLY C 85 17.26 8.21 -25.48
N ASN C 86 16.76 9.41 -25.26
CA ASN C 86 15.68 10.01 -26.10
C ASN C 86 16.23 10.36 -27.49
N GLU C 87 17.50 10.77 -27.53
CA GLU C 87 18.17 11.19 -28.78
C GLU C 87 18.74 9.95 -29.50
N ASP C 88 18.62 8.75 -28.91
CA ASP C 88 19.29 7.52 -29.41
C ASP C 88 18.68 7.07 -30.74
N ILE C 89 19.50 6.44 -31.58
CA ILE C 89 19.16 5.96 -32.94
C ILE C 89 18.87 4.47 -32.87
N ILE C 90 17.60 4.09 -32.87
CA ILE C 90 17.13 2.72 -32.58
C ILE C 90 17.04 1.92 -33.87
N THR C 91 17.60 0.71 -33.86
CA THR C 91 17.63 -0.26 -34.98
C THR C 91 17.05 -1.59 -34.49
N LEU C 92 15.92 -2.02 -35.05
CA LEU C 92 15.34 -3.38 -34.87
C LEU C 92 15.96 -4.34 -35.89
N ARG C 93 16.25 -5.56 -35.48
CA ARG C 93 16.80 -6.60 -36.38
C ARG C 93 16.23 -7.94 -35.93
N ALA C 94 15.66 -8.73 -36.83
CA ALA C 94 15.07 -10.04 -36.51
C ALA C 94 15.56 -11.03 -37.55
N GLU C 95 16.39 -12.00 -37.15
CA GLU C 95 16.62 -13.22 -37.97
C GLU C 95 15.24 -13.86 -38.18
N ASP C 96 14.72 -13.85 -39.42
CA ASP C 96 13.41 -14.46 -39.82
C ASP C 96 13.31 -15.88 -39.24
N ASN C 97 14.39 -16.65 -39.41
CA ASN C 97 14.52 -18.05 -38.94
C ASN C 97 15.02 -18.03 -37.49
N ALA C 98 14.53 -17.06 -36.70
CA ALA C 98 14.79 -16.97 -35.25
C ALA C 98 13.55 -16.41 -34.52
N ASP C 99 13.45 -16.89 -33.28
CA ASP C 99 12.42 -16.62 -32.26
C ASP C 99 12.97 -15.56 -31.30
N THR C 100 13.92 -14.68 -31.72
CA THR C 100 14.33 -13.51 -30.91
C THR C 100 14.40 -12.28 -31.82
N LEU C 101 14.14 -11.10 -31.23
CA LEU C 101 14.21 -9.76 -31.86
C LEU C 101 15.31 -8.96 -31.17
N ALA C 102 16.22 -8.35 -31.92
CA ALA C 102 17.35 -7.52 -31.42
C ALA C 102 17.02 -6.04 -31.62
N LEU C 103 17.30 -5.22 -30.61
CA LEU C 103 17.23 -3.74 -30.68
C LEU C 103 18.62 -3.21 -30.37
N VAL C 104 19.08 -2.24 -31.15
CA VAL C 104 20.40 -1.58 -30.94
C VAL C 104 20.15 -0.09 -30.81
N PHE C 105 20.54 0.49 -29.68
CA PHE C 105 20.46 1.95 -29.41
C PHE C 105 21.86 2.56 -29.50
N GLU C 106 22.10 3.40 -30.52
CA GLU C 106 23.35 4.17 -30.71
C GLU C 106 23.11 5.57 -30.19
N ALA C 107 23.89 6.01 -29.19
CA ALA C 107 23.91 7.41 -28.74
C ALA C 107 24.39 8.25 -29.92
N PRO C 108 23.68 9.32 -30.31
CA PRO C 108 23.89 9.96 -31.61
C PRO C 108 25.24 10.68 -31.58
N ASN C 109 25.58 11.23 -30.41
CA ASN C 109 26.90 11.82 -30.12
C ASN C 109 27.97 10.70 -30.05
N GLN C 110 28.20 10.07 -28.88
CA GLN C 110 29.57 9.78 -28.43
C GLN C 110 29.74 8.34 -27.90
N GLU C 111 30.85 8.11 -27.19
CA GLU C 111 31.05 7.00 -26.21
C GLU C 111 30.45 5.67 -26.73
N LYS C 112 29.13 5.53 -26.91
CA LYS C 112 28.35 4.42 -26.29
C LYS C 112 27.30 3.79 -27.19
N VAL C 113 27.11 2.48 -27.09
CA VAL C 113 26.10 1.71 -27.86
C VAL C 113 25.51 0.57 -27.00
N SER C 114 24.26 0.77 -26.55
CA SER C 114 23.39 -0.27 -25.97
C SER C 114 22.90 -1.22 -27.07
N ASP C 115 22.68 -2.49 -26.72
CA ASP C 115 22.41 -3.60 -27.68
C ASP C 115 21.70 -4.74 -26.95
N TYR C 116 20.37 -4.72 -26.97
CA TYR C 116 19.49 -5.69 -26.27
C TYR C 116 18.94 -6.69 -27.29
N GLU C 117 18.31 -7.74 -26.78
CA GLU C 117 17.94 -8.97 -27.51
C GLU C 117 16.86 -9.65 -26.66
N MET C 118 15.66 -9.74 -27.21
CA MET C 118 14.44 -10.05 -26.44
C MET C 118 13.75 -11.27 -27.07
N LYS C 119 13.33 -12.23 -26.24
CA LYS C 119 12.72 -13.50 -26.72
C LYS C 119 11.33 -13.19 -27.26
N LEU C 120 10.92 -13.79 -28.38
CA LEU C 120 9.58 -13.62 -29.01
C LEU C 120 8.71 -14.81 -28.63
N MET C 121 7.38 -14.69 -28.80
CA MET C 121 6.43 -15.80 -28.51
C MET C 121 5.59 -16.08 -29.76
N ASP C 122 5.10 -17.33 -29.86
CA ASP C 122 4.14 -17.77 -30.90
C ASP C 122 2.77 -17.17 -30.55
N LEU C 123 2.11 -16.50 -31.49
CA LEU C 123 0.90 -15.69 -31.23
C LEU C 123 0.02 -15.71 -32.50
N ASP C 124 -0.74 -16.80 -32.64
CA ASP C 124 -2.02 -16.89 -33.44
C ASP C 124 -3.00 -15.85 -32.89
N VAL C 125 -3.05 -14.66 -33.52
CA VAL C 125 -3.93 -13.51 -33.14
C VAL C 125 -4.83 -13.33 -34.37
N GLU C 126 -6.09 -13.74 -34.21
CA GLU C 126 -7.25 -13.35 -35.05
C GLU C 126 -7.37 -11.82 -34.98
N GLN C 127 -6.71 -11.12 -35.90
CA GLN C 127 -6.91 -9.66 -36.19
C GLN C 127 -8.30 -9.45 -36.83
N LEU C 128 -8.92 -8.30 -36.53
CA LEU C 128 -10.30 -7.95 -36.94
C LEU C 128 -10.28 -7.15 -38.24
N GLY C 129 -11.43 -7.07 -38.90
CA GLY C 129 -11.61 -6.38 -40.19
C GLY C 129 -12.35 -5.08 -39.98
N ILE C 130 -11.67 -4.05 -39.46
CA ILE C 130 -12.20 -2.65 -39.40
C ILE C 130 -12.37 -2.18 -40.84
N PRO C 131 -13.61 -1.96 -41.35
CA PRO C 131 -13.79 -1.44 -42.70
C PRO C 131 -13.74 0.10 -42.66
N GLU C 132 -13.22 0.75 -43.70
CA GLU C 132 -13.15 2.25 -43.75
C GLU C 132 -14.57 2.76 -44.01
N GLN C 133 -14.96 3.85 -43.35
CA GLN C 133 -16.34 4.37 -43.38
C GLN C 133 -16.29 5.90 -43.36
N GLU C 134 -17.16 6.51 -44.15
CA GLU C 134 -17.75 7.83 -43.82
C GLU C 134 -18.12 7.77 -42.33
N TYR C 135 -17.76 8.78 -41.54
CA TYR C 135 -18.22 8.92 -40.14
C TYR C 135 -19.21 10.09 -40.10
N SER C 136 -20.10 10.12 -39.11
CA SER C 136 -21.13 11.18 -38.94
C SER C 136 -20.43 12.47 -38.49
N CYS C 137 -19.61 12.38 -37.44
CA CYS C 137 -18.84 13.50 -36.88
C CYS C 137 -17.36 13.17 -36.95
N VAL C 138 -16.55 14.17 -37.27
CA VAL C 138 -15.09 14.14 -37.00
C VAL C 138 -14.68 15.44 -36.32
N VAL C 139 -14.05 15.32 -35.16
CA VAL C 139 -13.53 16.46 -34.34
C VAL C 139 -12.02 16.34 -34.30
N LYS C 140 -11.31 17.34 -34.81
CA LYS C 140 -9.85 17.53 -34.62
C LYS C 140 -9.68 18.55 -33.50
N MET C 141 -8.85 18.26 -32.50
CA MET C 141 -8.56 19.20 -31.39
C MET C 141 -7.17 18.93 -30.83
N PRO C 142 -6.59 19.86 -30.04
CA PRO C 142 -5.27 19.63 -29.45
C PRO C 142 -5.34 18.38 -28.57
N SER C 143 -4.33 17.52 -28.63
CA SER C 143 -4.35 16.19 -27.98
C SER C 143 -4.29 16.38 -26.46
N GLY C 144 -3.60 17.45 -26.05
CA GLY C 144 -3.55 17.91 -24.64
C GLY C 144 -4.94 18.20 -24.14
N GLU C 145 -5.71 19.04 -24.82
CA GLU C 145 -7.05 19.48 -24.36
C GLU C 145 -7.94 18.25 -24.25
N PHE C 146 -7.77 17.24 -25.10
CA PHE C 146 -8.57 15.99 -25.02
C PHE C 146 -8.21 15.21 -23.75
N ALA C 147 -6.92 15.12 -23.44
CA ALA C 147 -6.42 14.48 -22.19
C ALA C 147 -6.98 15.26 -21.00
N ARG C 148 -6.71 16.57 -20.95
CA ARG C 148 -7.12 17.51 -19.88
C ARG C 148 -8.59 17.22 -19.60
N ILE C 149 -9.44 17.12 -20.65
CA ILE C 149 -10.91 16.85 -20.53
C ILE C 149 -11.16 15.46 -19.91
N CYS C 150 -10.61 14.42 -20.52
CA CYS C 150 -10.87 13.01 -20.12
C CYS C 150 -10.49 12.79 -18.65
N ARG C 151 -9.39 13.37 -18.18
CA ARG C 151 -8.93 13.23 -16.78
C ARG C 151 -9.87 13.96 -15.84
N ASP C 152 -10.30 15.15 -16.23
CA ASP C 152 -11.09 16.06 -15.37
C ASP C 152 -12.45 15.42 -15.07
N LEU C 153 -13.09 14.84 -16.07
CA LEU C 153 -14.41 14.18 -15.91
C LEU C 153 -14.25 12.88 -15.12
N SER C 154 -13.06 12.29 -15.03
CA SER C 154 -12.79 11.09 -14.21
C SER C 154 -12.98 11.42 -12.73
N HIS C 155 -12.72 12.64 -12.27
CA HIS C 155 -13.02 13.08 -10.87
C HIS C 155 -14.54 13.08 -10.61
N ILE C 156 -15.35 13.09 -11.68
CA ILE C 156 -16.84 13.23 -11.60
C ILE C 156 -17.50 11.86 -11.75
N GLY C 157 -17.24 11.16 -12.87
CA GLY C 157 -18.04 10.02 -13.35
C GLY C 157 -17.21 8.90 -13.99
N ASP C 158 -17.88 7.77 -14.25
CA ASP C 158 -17.33 6.53 -14.87
C ASP C 158 -17.32 6.68 -16.37
N ALA C 159 -18.40 7.25 -16.90
CA ALA C 159 -18.70 7.33 -18.33
C ALA C 159 -18.90 8.79 -18.73
N VAL C 160 -18.43 9.15 -19.92
CA VAL C 160 -18.63 10.46 -20.57
C VAL C 160 -19.66 10.30 -21.70
N VAL C 161 -20.52 11.28 -21.88
CA VAL C 161 -21.42 11.40 -23.04
C VAL C 161 -20.84 12.46 -23.98
N ILE C 162 -20.38 12.05 -25.16
CA ILE C 162 -19.84 12.98 -26.20
C ILE C 162 -20.95 13.33 -27.17
N SER C 163 -21.44 14.57 -27.09
CA SER C 163 -22.46 15.20 -27.97
C SER C 163 -21.75 16.15 -28.96
N CYS C 164 -22.15 16.15 -30.22
CA CYS C 164 -21.44 16.83 -31.32
C CYS C 164 -22.40 17.50 -32.30
N ALA C 165 -22.35 18.83 -32.43
CA ALA C 165 -23.11 19.68 -33.39
C ALA C 165 -22.14 20.35 -34.38
N LYS C 166 -22.65 21.28 -35.17
CA LYS C 166 -21.84 22.16 -36.07
C LYS C 166 -21.07 23.13 -35.17
N ASP C 167 -21.81 23.92 -34.36
CA ASP C 167 -21.32 24.90 -33.36
C ASP C 167 -20.06 24.34 -32.68
N GLY C 168 -20.19 23.23 -31.97
CA GLY C 168 -19.10 22.66 -31.15
C GLY C 168 -19.36 21.23 -30.73
N VAL C 169 -18.67 20.78 -29.69
CA VAL C 169 -18.69 19.40 -29.13
C VAL C 169 -18.75 19.50 -27.60
N LYS C 170 -19.51 18.64 -26.93
CA LYS C 170 -19.81 18.70 -25.49
C LYS C 170 -19.58 17.32 -24.85
N PHE C 171 -18.65 17.25 -23.91
CA PHE C 171 -18.37 16.07 -23.05
C PHE C 171 -19.09 16.26 -21.70
N SER C 172 -19.90 15.28 -21.29
CA SER C 172 -20.75 15.37 -20.08
C SER C 172 -20.57 14.13 -19.23
N ALA C 173 -20.51 14.31 -17.91
CA ALA C 173 -20.41 13.22 -16.92
C ALA C 173 -21.33 13.52 -15.73
N SER C 174 -21.98 12.50 -15.20
CA SER C 174 -22.76 12.45 -13.95
C SER C 174 -21.96 11.64 -12.91
N GLY C 175 -22.10 11.96 -11.63
CA GLY C 175 -21.34 11.30 -10.55
C GLY C 175 -22.11 11.33 -9.26
N GLU C 176 -21.51 10.75 -8.22
CA GLU C 176 -22.03 10.77 -6.83
C GLU C 176 -22.06 12.24 -6.38
N LEU C 177 -20.93 12.96 -6.53
CA LEU C 177 -20.68 14.28 -5.88
C LEU C 177 -21.43 15.41 -6.60
N GLY C 178 -21.57 15.28 -7.92
CA GLY C 178 -22.23 16.29 -8.77
C GLY C 178 -22.23 15.84 -10.20
N ASN C 179 -22.19 16.77 -11.15
CA ASN C 179 -22.05 16.46 -12.60
C ASN C 179 -21.51 17.70 -13.33
N GLY C 180 -21.04 17.51 -14.56
CA GLY C 180 -20.34 18.55 -15.32
C GLY C 180 -20.44 18.34 -16.82
N ASN C 181 -20.20 19.45 -17.53
CA ASN C 181 -20.26 19.58 -19.01
C ASN C 181 -19.07 20.40 -19.46
N ILE C 182 -18.33 19.92 -20.43
CA ILE C 182 -17.25 20.70 -21.11
C ILE C 182 -17.65 20.89 -22.57
N LYS C 183 -17.86 22.13 -22.99
CA LYS C 183 -18.19 22.52 -24.38
C LYS C 183 -16.90 23.10 -24.98
N LEU C 184 -16.36 22.46 -26.03
CA LEU C 184 -15.43 23.08 -27.00
C LEU C 184 -16.23 23.66 -28.14
N SER C 185 -15.96 24.92 -28.52
CA SER C 185 -16.51 25.55 -29.75
C SER C 185 -15.47 25.39 -30.85
N GLN C 186 -15.93 25.47 -32.10
CA GLN C 186 -15.05 25.43 -33.30
C GLN C 186 -14.33 26.79 -33.39
N THR C 187 -13.04 26.78 -33.78
CA THR C 187 -12.13 27.94 -33.64
C THR C 187 -11.60 28.34 -35.01
N SER C 188 -11.78 29.62 -35.32
CA SER C 188 -11.07 30.34 -36.38
C SER C 188 -9.85 30.89 -35.67
N ASN C 189 -9.95 32.13 -35.17
CA ASN C 189 -8.81 33.03 -34.84
C ASN C 189 -7.91 32.38 -33.79
N VAL C 190 -6.95 31.57 -34.26
CA VAL C 190 -5.83 30.96 -33.50
C VAL C 190 -4.54 31.69 -33.92
N ASP C 191 -3.39 31.27 -33.39
CA ASP C 191 -2.06 31.41 -34.05
C ASP C 191 -1.32 30.09 -33.81
N LYS C 192 -1.81 29.05 -34.48
CA LYS C 192 -1.26 27.67 -34.51
C LYS C 192 -2.35 26.79 -35.15
N GLU C 193 -2.01 26.05 -36.21
CA GLU C 193 -2.95 25.14 -36.94
C GLU C 193 -3.40 23.99 -36.03
N GLU C 194 -2.56 23.64 -35.03
CA GLU C 194 -2.74 22.46 -34.15
C GLU C 194 -3.54 22.83 -32.91
N GLU C 195 -3.49 24.11 -32.51
CA GLU C 195 -4.23 24.69 -31.36
C GLU C 195 -5.73 24.77 -31.67
N ALA C 196 -6.12 24.55 -32.93
CA ALA C 196 -7.50 24.74 -33.42
C ALA C 196 -8.38 23.54 -33.06
N VAL C 197 -9.68 23.81 -32.86
CA VAL C 197 -10.79 22.80 -32.75
C VAL C 197 -11.66 22.95 -34.01
N THR C 198 -11.89 21.85 -34.73
CA THR C 198 -12.59 21.86 -36.05
C THR C 198 -13.44 20.59 -36.18
N ILE C 199 -14.59 20.71 -36.87
CA ILE C 199 -15.65 19.65 -36.89
C ILE C 199 -16.24 19.51 -38.29
N GLU C 200 -15.80 18.50 -39.06
CA GLU C 200 -16.48 17.94 -40.27
C GLU C 200 -17.62 17.07 -39.75
N MET C 201 -18.86 17.49 -40.02
CA MET C 201 -20.11 17.00 -39.38
C MET C 201 -21.19 16.75 -40.45
N ASN C 202 -21.48 15.49 -40.74
CA ASN C 202 -22.58 15.04 -41.63
C ASN C 202 -23.92 15.23 -40.90
N GLU C 203 -24.00 14.77 -39.65
CA GLU C 203 -25.22 14.87 -38.81
C GLU C 203 -24.85 14.72 -37.33
N PRO C 204 -25.70 15.24 -36.42
CA PRO C 204 -25.38 15.25 -34.99
C PRO C 204 -25.31 13.82 -34.45
N VAL C 205 -24.42 13.61 -33.50
CA VAL C 205 -24.17 12.31 -32.81
C VAL C 205 -24.12 12.61 -31.30
N GLN C 206 -24.68 11.72 -30.50
CA GLN C 206 -24.46 11.69 -29.03
C GLN C 206 -24.23 10.23 -28.62
N LEU C 207 -23.11 9.93 -27.94
CA LEU C 207 -22.74 8.54 -27.56
C LEU C 207 -22.14 8.54 -26.17
N THR C 208 -22.15 7.39 -25.50
CA THR C 208 -21.64 7.20 -24.13
C THR C 208 -20.48 6.20 -24.17
N PHE C 209 -19.37 6.52 -23.50
CA PHE C 209 -18.11 5.75 -23.48
C PHE C 209 -17.56 5.67 -22.06
N ALA C 210 -16.89 4.57 -21.73
CA ALA C 210 -16.23 4.42 -20.41
C ALA C 210 -14.96 5.28 -20.34
N LEU C 211 -14.79 6.10 -19.29
CA LEU C 211 -13.61 6.98 -19.15
C LEU C 211 -12.38 6.15 -18.75
N ARG C 212 -12.58 5.19 -17.85
CA ARG C 212 -11.61 4.10 -17.56
C ARG C 212 -10.67 3.95 -18.76
N TYR C 213 -11.22 3.80 -19.97
CA TYR C 213 -10.51 3.44 -21.23
C TYR C 213 -9.92 4.67 -21.92
N LEU C 214 -10.74 5.70 -22.14
CA LEU C 214 -10.28 6.96 -22.78
C LEU C 214 -9.03 7.46 -22.06
N ASN C 215 -8.90 7.17 -20.76
CA ASN C 215 -7.71 7.60 -19.99
C ASN C 215 -6.48 6.80 -20.42
N PHE C 216 -6.61 5.50 -20.69
CA PHE C 216 -5.47 4.68 -21.21
C PHE C 216 -5.04 5.16 -22.61
N PHE C 217 -5.98 5.74 -23.37
CA PHE C 217 -5.78 6.17 -24.77
C PHE C 217 -4.93 7.43 -24.75
N THR C 218 -5.23 8.34 -23.82
CA THR C 218 -4.55 9.65 -23.76
C THR C 218 -3.07 9.45 -23.40
N LYS C 219 -2.63 8.22 -23.08
CA LYS C 219 -1.19 7.90 -22.90
C LYS C 219 -0.43 8.12 -24.21
N ALA C 220 -1.14 8.23 -25.34
CA ALA C 220 -0.59 8.50 -26.69
C ALA C 220 -0.43 10.00 -26.93
N THR C 221 -0.79 10.82 -25.94
CA THR C 221 -0.92 12.30 -26.10
C THR C 221 0.44 12.90 -26.46
N PRO C 222 1.60 12.37 -25.98
CA PRO C 222 2.91 12.90 -26.40
C PRO C 222 3.38 12.45 -27.79
N LEU C 223 2.52 11.81 -28.59
CA LEU C 223 2.85 11.35 -29.96
C LEU C 223 2.39 12.39 -30.98
N SER C 224 1.48 13.30 -30.63
CA SER C 224 0.82 14.20 -31.61
C SER C 224 0.39 15.54 -30.99
N SER C 225 0.57 16.64 -31.73
CA SER C 225 -0.01 17.97 -31.43
C SER C 225 -1.50 17.82 -31.21
N THR C 226 -2.16 17.08 -32.12
CA THR C 226 -3.63 17.00 -32.24
C THR C 226 -4.10 15.56 -32.11
N VAL C 227 -5.38 15.37 -31.82
CA VAL C 227 -6.09 14.08 -31.95
C VAL C 227 -7.38 14.35 -32.71
N THR C 228 -7.85 13.36 -33.48
CA THR C 228 -9.16 13.39 -34.18
C THR C 228 -10.04 12.29 -33.58
N LEU C 229 -11.29 12.63 -33.29
CA LEU C 229 -12.35 11.71 -32.82
C LEU C 229 -13.33 11.53 -33.97
N SER C 230 -13.58 10.29 -34.36
CA SER C 230 -14.57 9.94 -35.40
C SER C 230 -15.68 9.10 -34.76
N MET C 231 -16.90 9.61 -34.71
CA MET C 231 -18.07 8.89 -34.13
C MET C 231 -19.16 8.74 -35.17
N SER C 232 -19.94 7.68 -35.04
CA SER C 232 -21.27 7.53 -35.68
C SER C 232 -22.20 6.80 -34.74
N ALA C 233 -23.51 7.08 -34.86
CA ALA C 233 -24.63 6.36 -34.22
C ALA C 233 -24.28 4.88 -34.02
N ASP C 234 -24.35 4.41 -32.76
CA ASP C 234 -24.25 2.99 -32.35
C ASP C 234 -23.09 2.27 -33.08
N VAL C 235 -21.90 2.87 -33.21
CA VAL C 235 -20.64 2.20 -33.69
C VAL C 235 -19.42 2.84 -33.04
N PRO C 236 -18.26 2.13 -33.01
CA PRO C 236 -17.15 2.50 -32.13
C PRO C 236 -16.62 3.90 -32.44
N LEU C 237 -16.22 4.58 -31.38
CA LEU C 237 -15.39 5.80 -31.41
C LEU C 237 -13.98 5.43 -31.88
N VAL C 238 -13.42 6.23 -32.78
CA VAL C 238 -12.00 6.10 -33.23
C VAL C 238 -11.24 7.35 -32.79
N VAL C 239 -10.32 7.15 -31.84
CA VAL C 239 -9.39 8.18 -31.31
C VAL C 239 -8.04 7.99 -32.02
N GLU C 240 -7.73 8.86 -32.98
CA GLU C 240 -6.60 8.71 -33.92
C GLU C 240 -5.54 9.75 -33.60
N TYR C 241 -4.37 9.29 -33.14
CA TYR C 241 -3.15 10.09 -32.93
C TYR C 241 -2.26 9.94 -34.17
N LYS C 242 -2.02 11.02 -34.93
CA LYS C 242 -1.10 11.01 -36.10
C LYS C 242 0.34 10.92 -35.59
N ILE C 243 1.17 10.04 -36.16
CA ILE C 243 2.63 9.98 -35.83
C ILE C 243 3.42 10.60 -36.99
N ALA C 244 3.56 11.93 -36.99
CA ALA C 244 4.05 12.77 -38.11
C ALA C 244 4.98 11.98 -39.00
N ASP C 245 4.74 12.00 -40.32
CA ASP C 245 5.72 11.59 -41.37
C ASP C 245 6.20 10.14 -41.09
N MET C 246 5.33 9.21 -40.69
CA MET C 246 5.73 7.89 -40.11
C MET C 246 4.59 6.89 -40.07
N GLY C 247 3.45 7.25 -39.45
CA GLY C 247 2.26 6.40 -39.38
C GLY C 247 1.09 7.03 -38.63
N HIS C 248 0.40 6.22 -37.85
CA HIS C 248 -0.75 6.66 -37.04
C HIS C 248 -0.99 5.58 -35.97
N LEU C 249 -1.63 5.97 -34.88
CA LEU C 249 -2.06 5.06 -33.80
C LEU C 249 -3.55 5.30 -33.58
N LYS C 250 -4.40 4.37 -34.02
CA LYS C 250 -5.87 4.47 -33.88
C LYS C 250 -6.28 3.59 -32.69
N TYR C 251 -7.13 4.15 -31.81
CA TYR C 251 -7.83 3.46 -30.70
C TYR C 251 -9.33 3.41 -31.02
N TYR C 252 -9.93 2.23 -30.91
CA TYR C 252 -11.39 1.99 -31.10
C TYR C 252 -12.01 1.63 -29.75
N LEU C 253 -13.05 2.37 -29.35
CA LEU C 253 -13.82 2.08 -28.12
C LEU C 253 -15.28 1.88 -28.48
N ALA C 254 -15.88 0.79 -28.00
CA ALA C 254 -17.31 0.47 -28.19
C ALA C 254 -18.18 1.32 -27.26
N PRO C 255 -19.33 1.84 -27.75
CA PRO C 255 -20.25 2.63 -26.92
C PRO C 255 -21.19 1.74 -26.07
N LYS C 256 -22.24 2.32 -25.44
CA LYS C 256 -23.10 1.65 -24.43
C LYS C 256 -24.58 1.71 -24.86
N ILE C 257 -25.48 0.94 -24.19
CA ILE C 257 -26.92 0.64 -24.56
C ILE C 257 -27.03 0.53 -26.09
N MET D 3 -25.01 14.01 38.33
CA MET D 3 -24.15 12.99 37.69
C MET D 3 -25.02 12.18 36.75
N PHE D 4 -24.38 11.31 35.96
CA PHE D 4 -25.01 10.16 35.25
C PHE D 4 -24.09 8.95 35.39
N GLU D 5 -24.66 7.77 35.60
CA GLU D 5 -23.91 6.51 35.85
C GLU D 5 -24.78 5.33 35.43
N ALA D 6 -24.38 4.62 34.39
CA ALA D 6 -25.05 3.42 33.90
C ALA D 6 -24.05 2.26 33.89
N ARG D 7 -24.47 1.09 34.36
CA ARG D 7 -23.66 -0.15 34.36
C ARG D 7 -24.41 -1.18 33.53
N LEU D 8 -23.73 -1.80 32.56
CA LEU D 8 -24.28 -2.77 31.58
C LEU D 8 -23.55 -4.11 31.73
N VAL D 9 -24.26 -5.14 32.18
CA VAL D 9 -23.60 -6.42 32.59
C VAL D 9 -23.08 -7.12 31.33
N GLN D 10 -23.89 -7.19 30.27
CA GLN D 10 -23.46 -7.60 28.91
C GLN D 10 -22.75 -6.44 28.21
N GLY D 11 -21.46 -6.27 28.50
CA GLY D 11 -20.62 -5.20 27.94
C GLY D 11 -20.58 -5.25 26.43
N SER D 12 -20.35 -6.44 25.87
CA SER D 12 -20.15 -6.66 24.42
C SER D 12 -21.16 -5.85 23.59
N ILE D 13 -22.40 -5.66 24.07
CA ILE D 13 -23.44 -4.89 23.34
C ILE D 13 -22.87 -3.52 22.95
N LEU D 14 -22.14 -2.89 23.85
CA LEU D 14 -21.67 -1.49 23.69
C LEU D 14 -20.48 -1.46 22.73
N LYS D 15 -19.65 -2.51 22.72
CA LYS D 15 -18.56 -2.66 21.73
C LYS D 15 -19.19 -2.86 20.35
N LYS D 16 -20.17 -3.76 20.26
CA LYS D 16 -20.82 -4.15 18.98
C LYS D 16 -21.46 -2.92 18.37
N VAL D 17 -22.11 -2.11 19.19
CA VAL D 17 -22.75 -0.83 18.77
C VAL D 17 -21.68 0.05 18.12
N LEU D 18 -20.62 0.35 18.84
CA LEU D 18 -19.64 1.35 18.34
C LEU D 18 -18.88 0.83 17.11
N GLU D 19 -18.88 -0.48 16.84
CA GLU D 19 -18.34 -1.03 15.57
C GLU D 19 -19.26 -0.59 14.41
N ALA D 20 -20.58 -0.76 14.60
CA ALA D 20 -21.61 -0.41 13.61
C ALA D 20 -21.46 1.08 13.20
N LEU D 21 -21.25 1.96 14.19
CA LEU D 21 -21.31 3.43 14.03
C LEU D 21 -19.97 4.02 13.58
N LYS D 22 -18.86 3.69 14.26
CA LYS D 22 -17.60 4.49 14.19
C LYS D 22 -17.17 4.73 12.75
N ASP D 23 -17.51 3.79 11.86
CA ASP D 23 -17.07 3.73 10.45
C ASP D 23 -18.00 4.59 9.59
N LEU D 24 -19.18 4.93 10.11
CA LEU D 24 -20.23 5.70 9.38
C LEU D 24 -20.24 7.16 9.84
N ILE D 25 -19.91 7.45 11.11
CA ILE D 25 -20.07 8.80 11.75
C ILE D 25 -18.92 9.05 12.75
N ASN D 26 -18.10 10.09 12.58
CA ASN D 26 -16.94 10.35 13.51
C ASN D 26 -17.45 10.86 14.85
N GLU D 27 -18.21 11.97 14.82
CA GLU D 27 -18.81 12.70 15.99
C GLU D 27 -20.27 12.28 16.13
N ALA D 28 -20.87 12.52 17.28
CA ALA D 28 -22.29 12.20 17.56
C ALA D 28 -22.64 12.70 18.97
N CYS D 29 -23.89 13.14 19.13
CA CYS D 29 -24.42 13.68 20.39
C CYS D 29 -25.26 12.59 21.07
N TRP D 30 -24.85 12.11 22.24
CA TRP D 30 -25.62 11.14 23.06
C TRP D 30 -26.63 11.93 23.88
N ASP D 31 -27.93 11.62 23.75
CA ASP D 31 -29.00 12.26 24.57
C ASP D 31 -29.30 11.33 25.73
N ILE D 32 -28.83 11.70 26.91
CA ILE D 32 -29.04 10.94 28.17
C ILE D 32 -30.30 11.49 28.86
N SER D 33 -31.08 10.62 29.52
CA SER D 33 -32.31 10.97 30.28
C SER D 33 -32.73 9.80 31.15
N SER D 34 -33.76 9.96 31.99
CA SER D 34 -34.41 8.87 32.74
C SER D 34 -34.61 7.67 31.83
N SER D 35 -35.26 7.92 30.69
CA SER D 35 -35.78 6.87 29.77
C SER D 35 -34.63 6.14 29.09
N GLY D 36 -33.43 6.70 29.12
CA GLY D 36 -32.21 5.97 28.70
C GLY D 36 -31.38 6.79 27.74
N VAL D 37 -30.73 6.11 26.77
CA VAL D 37 -29.68 6.70 25.88
C VAL D 37 -30.18 6.71 24.43
N ASN D 38 -30.17 7.89 23.83
CA ASN D 38 -30.68 8.13 22.46
C ASN D 38 -29.63 8.89 21.66
N LEU D 39 -29.20 8.28 20.57
CA LEU D 39 -28.25 8.87 19.61
C LEU D 39 -28.95 8.89 18.27
N GLN D 40 -28.90 10.02 17.59
CA GLN D 40 -29.40 10.18 16.20
C GLN D 40 -28.40 11.05 15.45
N SER D 41 -27.81 10.53 14.37
CA SER D 41 -26.85 11.25 13.52
C SER D 41 -27.10 10.92 12.06
N MET D 42 -26.79 11.87 11.19
CA MET D 42 -26.54 11.62 9.74
C MET D 42 -25.05 11.43 9.55
N ASP D 43 -24.66 10.59 8.60
CA ASP D 43 -23.28 10.51 8.06
C ASP D 43 -22.99 11.82 7.35
N SER D 44 -21.73 12.12 7.07
CA SER D 44 -21.27 13.45 6.59
C SER D 44 -21.83 13.78 5.19
N SER D 45 -22.34 12.77 4.48
CA SER D 45 -22.93 12.93 3.13
C SER D 45 -24.39 13.39 3.18
N HIS D 46 -25.08 13.13 4.30
CA HIS D 46 -26.51 13.46 4.57
C HIS D 46 -27.43 12.51 3.78
N VAL D 47 -26.99 11.28 3.52
CA VAL D 47 -27.74 10.29 2.68
C VAL D 47 -28.33 9.19 3.58
N SER D 48 -27.59 8.83 4.63
CA SER D 48 -28.01 7.84 5.68
C SER D 48 -28.23 8.58 7.00
N LEU D 49 -29.02 7.97 7.87
CA LEU D 49 -29.33 8.50 9.21
C LEU D 49 -29.41 7.33 10.19
N VAL D 50 -28.76 7.47 11.35
CA VAL D 50 -28.63 6.42 12.39
C VAL D 50 -29.48 6.84 13.55
N GLN D 51 -30.12 5.90 14.23
CA GLN D 51 -31.07 6.18 15.32
C GLN D 51 -30.96 5.06 16.35
N LEU D 52 -29.99 5.19 17.26
CA LEU D 52 -29.73 4.23 18.36
C LEU D 52 -30.65 4.57 19.54
N THR D 53 -31.26 3.55 20.14
CA THR D 53 -32.03 3.65 21.39
C THR D 53 -31.57 2.53 22.33
N LEU D 54 -31.12 2.88 23.54
CA LEU D 54 -30.85 1.93 24.64
C LEU D 54 -31.72 2.32 25.83
N ARG D 55 -32.84 1.65 26.05
CA ARG D 55 -33.77 1.98 27.16
C ARG D 55 -33.04 1.71 28.48
N SER D 56 -33.26 2.59 29.47
CA SER D 56 -32.62 2.55 30.80
C SER D 56 -32.96 1.21 31.46
N GLU D 57 -34.22 0.77 31.31
CA GLU D 57 -34.77 -0.57 31.63
C GLU D 57 -33.69 -1.66 31.49
N GLY D 58 -32.97 -1.68 30.38
CA GLY D 58 -32.10 -2.82 30.04
C GLY D 58 -30.71 -2.70 30.60
N PHE D 59 -30.45 -1.77 31.52
CA PHE D 59 -29.14 -1.62 32.20
C PHE D 59 -29.25 -2.22 33.60
N ASP D 60 -28.17 -2.78 34.13
CA ASP D 60 -28.15 -3.31 35.51
C ASP D 60 -28.33 -2.14 36.51
N THR D 61 -27.72 -1.00 36.26
CA THR D 61 -27.75 0.22 37.11
C THR D 61 -27.94 1.44 36.20
N TYR D 62 -28.78 2.39 36.57
CA TYR D 62 -29.03 3.56 35.70
C TYR D 62 -29.50 4.75 36.53
N ARG D 63 -28.58 5.68 36.74
CA ARG D 63 -28.83 6.93 37.46
C ARG D 63 -28.57 8.04 36.46
N CYS D 64 -29.35 9.12 36.52
CA CYS D 64 -29.26 10.25 35.57
C CYS D 64 -30.12 11.40 36.08
N ASP D 65 -29.51 12.47 36.62
CA ASP D 65 -30.21 13.50 37.43
C ASP D 65 -30.92 14.51 36.51
N ARG D 66 -30.18 15.15 35.60
CA ARG D 66 -30.76 15.98 34.51
C ARG D 66 -30.46 15.29 33.20
N ASN D 67 -31.19 15.68 32.16
CA ASN D 67 -30.92 15.24 30.77
C ASN D 67 -29.57 15.82 30.35
N LEU D 68 -28.72 15.02 29.74
CA LEU D 68 -27.44 15.49 29.14
C LEU D 68 -27.51 15.39 27.63
N ALA D 69 -26.63 16.16 26.97
CA ALA D 69 -26.27 16.03 25.54
C ALA D 69 -24.74 15.91 25.48
N MET D 70 -24.22 14.69 25.58
CA MET D 70 -22.76 14.43 25.57
C MET D 70 -22.27 14.33 24.14
N GLY D 71 -21.37 15.23 23.75
CA GLY D 71 -20.70 15.22 22.44
C GLY D 71 -19.47 14.34 22.44
N VAL D 72 -19.53 13.23 21.72
CA VAL D 72 -18.51 12.17 21.74
C VAL D 72 -17.92 12.01 20.35
N ASN D 73 -16.58 12.07 20.21
CA ASN D 73 -15.89 11.53 19.01
C ASN D 73 -15.93 9.99 19.08
N LEU D 74 -16.64 9.35 18.16
CA LEU D 74 -16.95 7.90 18.20
C LEU D 74 -15.71 7.07 17.87
N THR D 75 -14.77 7.64 17.12
CA THR D 75 -13.49 6.99 16.80
C THR D 75 -12.72 6.81 18.11
N SER D 76 -12.52 7.91 18.85
CA SER D 76 -11.91 7.94 20.20
C SER D 76 -12.57 6.87 21.09
N MET D 77 -13.90 6.77 21.04
CA MET D 77 -14.66 5.93 21.98
C MET D 77 -14.57 4.45 21.52
N SER D 78 -14.37 4.22 20.23
CA SER D 78 -14.17 2.87 19.63
C SER D 78 -12.81 2.36 20.08
N LYS D 79 -11.76 3.14 19.86
CA LYS D 79 -10.38 2.82 20.31
C LYS D 79 -10.40 2.42 21.79
N ILE D 80 -11.35 2.92 22.59
CA ILE D 80 -11.36 2.65 24.05
C ILE D 80 -12.12 1.34 24.30
N LEU D 81 -13.28 1.15 23.67
CA LEU D 81 -14.08 -0.07 23.84
C LEU D 81 -13.36 -1.29 23.27
N LYS D 82 -12.41 -1.05 22.35
CA LYS D 82 -11.49 -2.10 21.86
C LYS D 82 -10.68 -2.68 23.04
N CYS D 83 -10.46 -1.89 24.09
CA CYS D 83 -9.68 -2.29 25.29
C CYS D 83 -10.56 -2.97 26.35
N ALA D 84 -11.77 -3.39 25.97
CA ALA D 84 -12.73 -4.07 26.87
C ALA D 84 -12.96 -5.48 26.36
N GLY D 85 -12.67 -6.50 27.18
CA GLY D 85 -13.04 -7.91 26.91
C GLY D 85 -14.53 -8.07 26.70
N ASN D 86 -14.97 -9.09 25.97
CA ASN D 86 -16.39 -9.25 25.56
C ASN D 86 -17.24 -9.61 26.78
N GLU D 87 -16.66 -10.33 27.73
CA GLU D 87 -17.35 -10.77 28.96
C GLU D 87 -17.34 -9.66 30.01
N ASP D 88 -16.66 -8.53 29.73
CA ASP D 88 -16.42 -7.44 30.72
C ASP D 88 -17.74 -6.74 31.04
N ILE D 89 -17.84 -6.22 32.27
CA ILE D 89 -19.02 -5.48 32.81
C ILE D 89 -18.73 -3.99 32.70
N ILE D 90 -19.32 -3.34 31.70
CA ILE D 90 -18.98 -1.93 31.32
C ILE D 90 -19.88 -0.96 32.09
N THR D 91 -19.27 0.07 32.66
CA THR D 91 -19.92 1.15 33.43
C THR D 91 -19.51 2.50 32.82
N LEU D 92 -20.46 3.24 32.27
CA LEU D 92 -20.30 4.67 31.86
C LEU D 92 -20.56 5.58 33.05
N ARG D 93 -19.77 6.63 33.22
CA ARG D 93 -19.96 7.61 34.30
C ARG D 93 -19.54 8.97 33.77
N ALA D 94 -20.36 10.00 33.92
CA ALA D 94 -20.04 11.37 33.46
C ALA D 94 -20.31 12.32 34.61
N GLU D 95 -19.25 12.90 35.17
CA GLU D 95 -19.40 14.04 36.10
C GLU D 95 -20.14 15.14 35.31
N ASP D 96 -21.42 15.44 35.66
CA ASP D 96 -22.23 16.55 35.08
C ASP D 96 -21.38 17.84 35.09
N ASN D 97 -20.70 18.09 36.21
CA ASN D 97 -19.80 19.25 36.44
C ASN D 97 -18.45 19.01 35.77
N ALA D 98 -18.40 18.24 34.67
CA ALA D 98 -17.16 17.93 33.92
C ALA D 98 -17.46 17.77 32.42
N ASP D 99 -16.42 18.00 31.62
CA ASP D 99 -16.43 17.87 30.14
C ASP D 99 -15.77 16.55 29.74
N THR D 100 -15.82 15.49 30.57
CA THR D 100 -15.25 14.17 30.23
C THR D 100 -16.23 13.05 30.60
N LEU D 101 -16.16 11.95 29.86
CA LEU D 101 -16.91 10.69 30.06
C LEU D 101 -15.94 9.57 30.46
N ALA D 102 -16.21 8.85 31.54
CA ALA D 102 -15.40 7.72 32.08
C ALA D 102 -16.10 6.40 31.74
N LEU D 103 -15.33 5.40 31.30
CA LEU D 103 -15.79 4.01 31.07
C LEU D 103 -14.94 3.11 31.94
N VAL D 104 -15.57 2.18 32.66
CA VAL D 104 -14.88 1.22 33.56
C VAL D 104 -15.27 -0.18 33.13
N PHE D 105 -14.29 -0.98 32.77
CA PHE D 105 -14.45 -2.41 32.38
C PHE D 105 -13.96 -3.31 33.53
N GLU D 106 -14.88 -4.03 34.16
CA GLU D 106 -14.55 -5.05 35.20
C GLU D 106 -14.60 -6.42 34.54
N ALA D 107 -13.47 -7.13 34.55
CA ALA D 107 -13.37 -8.52 34.09
C ALA D 107 -14.23 -9.34 35.03
N PRO D 108 -15.14 -10.21 34.50
CA PRO D 108 -16.09 -10.94 35.35
C PRO D 108 -15.31 -11.95 36.20
N ASN D 109 -14.25 -12.54 35.62
CA ASN D 109 -13.20 -13.29 36.37
C ASN D 109 -12.41 -12.39 37.34
N GLN D 110 -12.78 -11.11 37.50
CA GLN D 110 -12.36 -10.20 38.60
C GLN D 110 -10.81 -10.18 38.67
N GLU D 111 -10.28 -9.65 39.79
CA GLU D 111 -8.85 -9.31 40.03
C GLU D 111 -8.20 -8.75 38.75
N LYS D 112 -8.94 -7.95 37.98
CA LYS D 112 -8.47 -7.01 36.94
C LYS D 112 -9.59 -6.01 36.62
N VAL D 113 -9.24 -4.72 36.50
CA VAL D 113 -10.19 -3.61 36.21
C VAL D 113 -9.51 -2.53 35.36
N SER D 114 -9.85 -2.51 34.06
CA SER D 114 -9.59 -1.37 33.13
C SER D 114 -10.54 -0.22 33.47
N ASP D 115 -10.07 1.01 33.24
CA ASP D 115 -10.71 2.28 33.70
C ASP D 115 -10.19 3.45 32.85
N TYR D 116 -10.88 3.76 31.77
CA TYR D 116 -10.52 4.80 30.77
C TYR D 116 -11.41 6.04 30.99
N GLU D 117 -11.10 7.14 30.29
CA GLU D 117 -11.61 8.50 30.56
C GLU D 117 -11.31 9.33 29.30
N MET D 118 -12.34 9.83 28.64
CA MET D 118 -12.27 10.41 27.27
C MET D 118 -12.90 11.79 27.27
N LYS D 119 -12.27 12.79 26.65
CA LYS D 119 -12.74 14.19 26.58
C LYS D 119 -14.02 14.25 25.73
N LEU D 120 -15.00 15.06 26.14
CA LEU D 120 -16.26 15.34 25.40
C LEU D 120 -16.14 16.66 24.65
N MET D 121 -17.02 16.89 23.66
CA MET D 121 -17.05 18.16 22.88
C MET D 121 -18.47 18.74 22.89
N ASP D 122 -18.59 20.05 22.62
CA ASP D 122 -19.91 20.70 22.40
C ASP D 122 -20.40 20.31 21.00
N LEU D 123 -21.66 19.87 20.87
CA LEU D 123 -22.26 19.55 19.54
C LEU D 123 -23.76 19.87 19.56
N ASP D 124 -24.15 20.94 18.84
CA ASP D 124 -25.51 21.56 18.86
C ASP D 124 -26.52 20.55 18.32
N VAL D 125 -27.22 19.83 19.21
CA VAL D 125 -28.14 18.66 18.93
C VAL D 125 -29.11 18.94 17.77
N GLU D 126 -28.55 19.05 16.57
CA GLU D 126 -29.25 18.90 15.26
C GLU D 126 -29.75 17.45 15.18
N GLN D 127 -30.95 17.16 15.71
CA GLN D 127 -31.68 15.88 15.47
C GLN D 127 -32.87 16.18 14.54
N LEU D 128 -33.25 15.21 13.70
CA LEU D 128 -34.42 15.27 12.78
C LEU D 128 -35.64 14.65 13.45
N GLY D 129 -36.82 14.87 12.88
CA GLY D 129 -38.11 14.38 13.42
C GLY D 129 -38.64 13.24 12.59
N ILE D 130 -38.14 12.03 12.80
CA ILE D 130 -38.72 10.79 12.20
C ILE D 130 -40.15 10.62 12.70
N PRO D 131 -41.20 10.75 11.85
CA PRO D 131 -42.55 10.41 12.27
C PRO D 131 -42.78 8.89 12.08
N GLU D 132 -43.60 8.27 12.94
CA GLU D 132 -44.01 6.84 12.79
C GLU D 132 -44.91 6.73 11.56
N GLN D 133 -44.75 5.68 10.77
CA GLN D 133 -45.51 5.47 9.52
C GLN D 133 -45.84 3.98 9.39
N GLU D 134 -47.08 3.68 9.03
CA GLU D 134 -47.41 2.48 8.24
C GLU D 134 -46.38 2.45 7.09
N TYR D 135 -45.76 1.31 6.83
CA TYR D 135 -44.89 1.10 5.67
C TYR D 135 -45.62 0.15 4.72
N SER D 136 -45.29 0.20 3.42
CA SER D 136 -45.93 -0.63 2.37
C SER D 136 -45.47 -2.08 2.52
N CYS D 137 -44.16 -2.29 2.62
CA CYS D 137 -43.53 -3.62 2.80
C CYS D 137 -42.74 -3.64 4.08
N VAL D 138 -42.78 -4.75 4.80
CA VAL D 138 -41.81 -5.06 5.88
C VAL D 138 -41.32 -6.49 5.70
N VAL D 139 -40.00 -6.66 5.63
CA VAL D 139 -39.30 -7.96 5.48
C VAL D 139 -38.47 -8.18 6.74
N LYS D 140 -38.78 -9.23 7.48
CA LYS D 140 -37.94 -9.74 8.60
C LYS D 140 -37.14 -10.92 8.04
N MET D 141 -35.82 -10.94 8.24
CA MET D 141 -34.98 -12.08 7.77
C MET D 141 -33.75 -12.19 8.67
N PRO D 142 -33.02 -13.31 8.63
CA PRO D 142 -31.78 -13.45 9.40
C PRO D 142 -30.80 -12.36 8.99
N SER D 143 -30.14 -11.72 9.95
CA SER D 143 -29.31 -10.51 9.71
C SER D 143 -28.07 -10.91 8.92
N GLY D 144 -27.62 -12.15 9.14
CA GLY D 144 -26.52 -12.79 8.38
C GLY D 144 -26.88 -12.82 6.91
N GLU D 145 -28.03 -13.38 6.56
CA GLU D 145 -28.43 -13.57 5.15
C GLU D 145 -28.53 -12.21 4.47
N PHE D 146 -28.92 -11.16 5.18
CA PHE D 146 -28.98 -9.79 4.62
C PHE D 146 -27.58 -9.26 4.32
N ALA D 147 -26.63 -9.50 5.22
CA ALA D 147 -25.22 -9.14 5.03
C ALA D 147 -24.67 -9.93 3.83
N ARG D 148 -24.79 -11.26 3.88
CA ARG D 148 -24.33 -12.23 2.85
C ARG D 148 -24.79 -11.64 1.52
N ILE D 149 -26.06 -11.25 1.40
CA ILE D 149 -26.66 -10.69 0.13
C ILE D 149 -25.99 -9.37 -0.24
N CYS D 150 -25.97 -8.38 0.66
CA CYS D 150 -25.47 -7.02 0.39
C CYS D 150 -24.02 -7.07 -0.08
N ARG D 151 -23.18 -7.92 0.51
CA ARG D 151 -21.75 -8.04 0.13
C ARG D 151 -21.64 -8.65 -1.25
N ASP D 152 -22.44 -9.68 -1.52
CA ASP D 152 -22.31 -10.50 -2.75
C ASP D 152 -22.65 -9.64 -3.96
N LEU D 153 -23.69 -8.82 -3.89
CA LEU D 153 -24.10 -7.92 -4.99
C LEU D 153 -23.11 -6.76 -5.14
N SER D 154 -22.30 -6.45 -4.14
CA SER D 154 -21.22 -5.43 -4.24
C SER D 154 -20.16 -5.87 -5.25
N HIS D 155 -19.91 -7.17 -5.42
CA HIS D 155 -18.98 -7.70 -6.46
C HIS D 155 -19.57 -7.47 -7.86
N ILE D 156 -20.88 -7.18 -7.95
CA ILE D 156 -21.61 -6.99 -9.23
C ILE D 156 -21.75 -5.51 -9.53
N GLY D 157 -22.41 -4.74 -8.65
CA GLY D 157 -22.94 -3.39 -8.93
C GLY D 157 -22.83 -2.40 -7.78
N ASP D 158 -23.11 -1.12 -8.07
CA ASP D 158 -23.07 0.04 -7.13
C ASP D 158 -24.34 0.08 -6.30
N ALA D 159 -25.46 -0.16 -6.96
CA ALA D 159 -26.82 0.00 -6.42
C ALA D 159 -27.57 -1.33 -6.54
N VAL D 160 -28.38 -1.64 -5.54
CA VAL D 160 -29.29 -2.80 -5.49
C VAL D 160 -30.71 -2.30 -5.71
N VAL D 161 -31.51 -3.06 -6.45
CA VAL D 161 -32.97 -2.84 -6.59
C VAL D 161 -33.67 -3.89 -5.73
N ILE D 162 -34.34 -3.44 -4.66
CA ILE D 162 -35.12 -4.33 -3.75
C ILE D 162 -36.58 -4.33 -4.20
N SER D 163 -37.02 -5.44 -4.80
CA SER D 163 -38.41 -5.71 -5.25
C SER D 163 -39.07 -6.67 -4.28
N CYS D 164 -40.31 -6.41 -3.90
CA CYS D 164 -41.00 -7.11 -2.78
C CYS D 164 -42.45 -7.42 -3.14
N ALA D 165 -42.80 -8.72 -3.20
CA ALA D 165 -44.16 -9.26 -3.43
C ALA D 165 -44.64 -10.00 -2.17
N LYS D 166 -45.76 -10.74 -2.29
CA LYS D 166 -46.27 -11.66 -1.24
C LYS D 166 -45.30 -12.84 -1.18
N ASP D 167 -45.14 -13.56 -2.30
CA ASP D 167 -44.31 -14.78 -2.43
C ASP D 167 -42.97 -14.57 -1.69
N GLY D 168 -42.19 -13.57 -2.12
CA GLY D 168 -40.84 -13.33 -1.59
C GLY D 168 -40.35 -11.93 -1.91
N VAL D 169 -39.03 -11.78 -1.87
CA VAL D 169 -38.29 -10.49 -2.03
C VAL D 169 -37.09 -10.77 -2.92
N LYS D 170 -36.78 -9.84 -3.82
CA LYS D 170 -35.71 -10.00 -4.84
C LYS D 170 -34.78 -8.79 -4.82
N PHE D 171 -33.51 -9.03 -4.53
CA PHE D 171 -32.41 -8.05 -4.61
C PHE D 171 -31.67 -8.23 -5.94
N SER D 172 -31.53 -7.15 -6.72
CA SER D 172 -30.97 -7.19 -8.09
C SER D 172 -29.92 -6.10 -8.23
N ALA D 173 -28.84 -6.40 -8.95
CA ALA D 173 -27.75 -5.47 -9.29
C ALA D 173 -27.34 -5.70 -10.75
N SER D 174 -27.00 -4.63 -11.45
CA SER D 174 -26.36 -4.60 -12.79
C SER D 174 -24.90 -4.13 -12.59
N GLY D 175 -23.99 -4.59 -13.44
CA GLY D 175 -22.55 -4.29 -13.33
C GLY D 175 -21.90 -4.23 -14.70
N GLU D 176 -20.60 -3.96 -14.74
CA GLU D 176 -19.81 -4.00 -16.01
C GLU D 176 -19.79 -5.47 -16.46
N LEU D 177 -19.45 -6.40 -15.55
CA LEU D 177 -19.11 -7.82 -15.81
C LEU D 177 -20.35 -8.65 -16.17
N GLY D 178 -21.50 -8.32 -15.58
CA GLY D 178 -22.78 -9.02 -15.80
C GLY D 178 -23.84 -8.44 -14.91
N ASN D 179 -24.79 -9.25 -14.45
CA ASN D 179 -25.79 -8.82 -13.45
C ASN D 179 -26.32 -10.03 -12.68
N GLY D 180 -26.96 -9.77 -11.54
CA GLY D 180 -27.33 -10.80 -10.56
C GLY D 180 -28.63 -10.49 -9.85
N ASN D 181 -29.30 -11.55 -9.41
CA ASN D 181 -30.62 -11.54 -8.74
C ASN D 181 -30.57 -12.55 -7.60
N ILE D 182 -30.94 -12.11 -6.40
CA ILE D 182 -31.13 -13.02 -5.24
C ILE D 182 -32.61 -12.95 -4.84
N LYS D 183 -33.30 -14.10 -4.91
CA LYS D 183 -34.70 -14.24 -4.48
C LYS D 183 -34.68 -14.98 -3.14
N LEU D 184 -35.16 -14.33 -2.08
CA LEU D 184 -35.61 -14.99 -0.84
C LEU D 184 -37.11 -15.28 -0.96
N SER D 185 -37.54 -16.50 -0.65
CA SER D 185 -38.98 -16.83 -0.45
C SER D 185 -39.29 -16.73 1.03
N GLN D 186 -40.56 -16.53 1.36
CA GLN D 186 -41.08 -16.53 2.76
C GLN D 186 -41.11 -17.98 3.27
N THR D 187 -40.72 -18.18 4.53
CA THR D 187 -40.42 -19.49 5.19
C THR D 187 -41.15 -19.49 6.55
N SER D 188 -41.81 -20.59 6.94
CA SER D 188 -41.87 -21.03 8.36
C SER D 188 -40.61 -21.86 8.62
N ASN D 189 -40.34 -22.79 7.68
CA ASN D 189 -39.61 -24.07 7.88
C ASN D 189 -38.21 -23.80 8.44
N VAL D 190 -38.11 -23.76 9.78
CA VAL D 190 -36.78 -23.65 10.44
C VAL D 190 -36.92 -24.06 11.92
N ASP D 191 -35.79 -24.07 12.64
CA ASP D 191 -35.67 -24.63 14.00
C ASP D 191 -35.90 -23.50 15.02
N LYS D 192 -35.18 -22.38 14.90
CA LYS D 192 -35.37 -21.18 15.76
C LYS D 192 -35.95 -20.08 14.87
N GLU D 193 -37.11 -19.50 15.24
CA GLU D 193 -37.90 -18.61 14.35
C GLU D 193 -37.22 -17.24 14.20
N GLU D 194 -35.89 -17.13 14.42
CA GLU D 194 -35.02 -16.02 13.92
C GLU D 194 -34.49 -16.35 12.52
N GLU D 195 -34.37 -17.65 12.22
CA GLU D 195 -33.94 -18.17 10.90
C GLU D 195 -35.04 -18.00 9.85
N ALA D 196 -36.22 -17.52 10.24
CA ALA D 196 -37.39 -17.37 9.33
C ALA D 196 -37.27 -16.10 8.50
N VAL D 197 -37.83 -16.13 7.28
CA VAL D 197 -38.04 -14.97 6.35
C VAL D 197 -39.55 -14.72 6.26
N THR D 198 -40.02 -13.50 6.53
CA THR D 198 -41.48 -13.17 6.60
C THR D 198 -41.71 -11.76 6.06
N ILE D 199 -42.87 -11.54 5.44
CA ILE D 199 -43.19 -10.30 4.70
C ILE D 199 -44.64 -9.87 4.99
N GLU D 200 -44.80 -8.89 5.90
CA GLU D 200 -46.02 -8.06 6.11
C GLU D 200 -46.03 -7.02 4.98
N MET D 201 -47.01 -7.13 4.07
CA MET D 201 -47.02 -6.46 2.74
C MET D 201 -48.41 -5.86 2.49
N ASN D 202 -48.52 -4.53 2.54
CA ASN D 202 -49.74 -3.75 2.21
C ASN D 202 -49.89 -3.72 0.69
N GLU D 203 -48.82 -3.40 -0.03
CA GLU D 203 -48.77 -3.36 -1.52
C GLU D 203 -47.33 -3.48 -2.01
N PRO D 204 -47.11 -3.91 -3.27
CA PRO D 204 -45.77 -4.21 -3.77
C PRO D 204 -44.94 -2.92 -3.83
N VAL D 205 -43.65 -3.04 -3.54
CA VAL D 205 -42.67 -1.93 -3.60
C VAL D 205 -41.45 -2.41 -4.37
N GLN D 206 -40.89 -1.54 -5.21
CA GLN D 206 -39.56 -1.72 -5.83
C GLN D 206 -38.79 -0.40 -5.71
N LEU D 207 -37.60 -0.43 -5.12
CA LEU D 207 -36.79 0.79 -4.88
C LEU D 207 -35.33 0.47 -5.14
N THR D 208 -34.54 1.52 -5.41
CA THR D 208 -33.08 1.41 -5.70
C THR D 208 -32.31 2.14 -4.61
N PHE D 209 -31.26 1.52 -4.08
CA PHE D 209 -30.42 2.01 -2.96
C PHE D 209 -28.94 1.79 -3.25
N ALA D 210 -28.07 2.65 -2.75
CA ALA D 210 -26.59 2.52 -2.93
C ALA D 210 -26.05 1.42 -2.02
N LEU D 211 -25.29 0.46 -2.55
CA LEU D 211 -24.76 -0.68 -1.74
C LEU D 211 -23.60 -0.20 -0.86
N ARG D 212 -22.73 0.64 -1.41
CA ARG D 212 -21.75 1.44 -0.65
C ARG D 212 -22.23 1.54 0.81
N TYR D 213 -23.48 1.99 1.04
CA TYR D 213 -24.07 2.34 2.36
C TYR D 213 -24.62 1.11 3.08
N LEU D 214 -25.45 0.32 2.42
CA LEU D 214 -26.03 -0.92 2.99
C LEU D 214 -24.91 -1.76 3.58
N ASN D 215 -23.71 -1.69 3.02
CA ASN D 215 -22.54 -2.46 3.51
C ASN D 215 -22.10 -1.90 4.87
N PHE D 216 -22.09 -0.58 5.06
CA PHE D 216 -21.75 0.04 6.37
C PHE D 216 -22.78 -0.35 7.43
N PHE D 217 -24.02 -0.60 7.02
CA PHE D 217 -25.16 -0.90 7.90
C PHE D 217 -24.99 -2.30 8.43
N THR D 218 -24.61 -3.24 7.58
CA THR D 218 -24.48 -4.68 7.93
C THR D 218 -23.38 -4.85 8.96
N LYS D 219 -22.61 -3.80 9.30
CA LYS D 219 -21.62 -3.83 10.41
C LYS D 219 -22.36 -4.05 11.74
N ALA D 220 -23.67 -3.86 11.77
CA ALA D 220 -24.55 -4.08 12.94
C ALA D 220 -24.99 -5.54 13.04
N THR D 221 -24.54 -6.38 12.10
CA THR D 221 -25.06 -7.75 11.91
C THR D 221 -24.79 -8.58 13.17
N PRO D 222 -23.67 -8.39 13.91
CA PRO D 222 -23.44 -9.16 15.15
C PRO D 222 -24.24 -8.67 16.37
N LEU D 223 -25.20 -7.77 16.18
CA LEU D 223 -26.05 -7.22 17.27
C LEU D 223 -27.36 -8.00 17.36
N SER D 224 -27.75 -8.72 16.31
CA SER D 224 -29.11 -9.29 16.18
C SER D 224 -29.14 -10.57 15.34
N SER D 225 -29.90 -11.58 15.79
CA SER D 225 -30.29 -12.77 15.01
C SER D 225 -30.87 -12.30 13.67
N THR D 226 -31.77 -11.32 13.71
CA THR D 226 -32.63 -10.89 12.57
C THR D 226 -32.44 -9.41 12.28
N VAL D 227 -32.82 -8.99 11.09
CA VAL D 227 -33.01 -7.56 10.73
C VAL D 227 -34.38 -7.45 10.03
N THR D 228 -35.04 -6.31 10.15
CA THR D 228 -36.29 -5.96 9.43
C THR D 228 -36.00 -4.79 8.50
N LEU D 229 -36.48 -4.88 7.26
CA LEU D 229 -36.43 -3.81 6.23
C LEU D 229 -37.85 -3.28 6.05
N SER D 230 -38.04 -1.97 6.20
CA SER D 230 -39.34 -1.30 5.98
C SER D 230 -39.21 -0.30 4.82
N MET D 231 -39.91 -0.53 3.71
CA MET D 231 -39.88 0.35 2.52
C MET D 231 -41.28 0.87 2.20
N SER D 232 -41.34 2.06 1.60
CA SER D 232 -42.52 2.56 0.86
C SER D 232 -42.04 3.37 -0.35
N ALA D 233 -42.85 3.42 -1.41
CA ALA D 233 -42.68 4.23 -2.62
C ALA D 233 -42.00 5.56 -2.28
N ASP D 234 -40.87 5.85 -2.93
CA ASP D 234 -40.15 7.16 -2.91
C ASP D 234 -40.03 7.71 -1.48
N VAL D 235 -39.70 6.88 -0.48
CA VAL D 235 -39.32 7.32 0.91
C VAL D 235 -38.30 6.34 1.50
N PRO D 236 -37.52 6.79 2.51
CA PRO D 236 -36.31 6.09 2.93
C PRO D 236 -36.59 4.67 3.39
N LEU D 237 -35.66 3.78 3.06
CA LEU D 237 -35.53 2.41 3.61
C LEU D 237 -35.12 2.51 5.08
N VAL D 238 -35.76 1.72 5.95
CA VAL D 238 -35.37 1.60 7.37
C VAL D 238 -34.88 0.17 7.63
N VAL D 239 -33.58 0.04 7.88
CA VAL D 239 -32.89 -1.23 8.26
C VAL D 239 -32.73 -1.24 9.78
N GLU D 240 -33.57 -2.03 10.47
CA GLU D 240 -33.74 -2.02 11.94
C GLU D 240 -33.14 -3.29 12.51
N TYR D 241 -32.05 -3.18 13.26
CA TYR D 241 -31.40 -4.25 14.05
C TYR D 241 -31.93 -4.17 15.49
N LYS D 242 -32.64 -5.19 15.97
CA LYS D 242 -33.15 -5.23 17.38
C LYS D 242 -31.95 -5.50 18.28
N ILE D 243 -31.79 -4.77 19.39
CA ILE D 243 -30.76 -5.06 20.43
C ILE D 243 -31.44 -5.73 21.62
N ALA D 244 -31.60 -7.06 21.58
CA ALA D 244 -32.55 -7.86 22.39
C ALA D 244 -32.74 -7.19 23.74
N ASP D 245 -33.99 -6.97 24.18
CA ASP D 245 -34.24 -6.81 25.63
C ASP D 245 -33.57 -5.49 26.11
N MET D 246 -33.43 -4.42 25.30
CA MET D 246 -32.44 -3.32 25.55
C MET D 246 -32.72 -2.08 24.70
N GLY D 247 -32.90 -2.24 23.39
CA GLY D 247 -33.27 -1.15 22.47
C GLY D 247 -33.35 -1.58 21.01
N HIS D 248 -32.86 -0.74 20.12
CA HIS D 248 -32.82 -1.00 18.67
C HIS D 248 -31.82 -0.03 18.04
N LEU D 249 -31.31 -0.40 16.88
CA LEU D 249 -30.43 0.44 16.02
C LEU D 249 -31.07 0.52 14.63
N LYS D 250 -31.68 1.64 14.29
CA LYS D 250 -32.37 1.87 12.99
C LYS D 250 -31.42 2.70 12.11
N TYR D 251 -31.25 2.25 10.86
CA TYR D 251 -30.53 2.93 9.77
C TYR D 251 -31.55 3.35 8.69
N TYR D 252 -31.54 4.62 8.28
CA TYR D 252 -32.40 5.19 7.23
C TYR D 252 -31.54 5.54 6.01
N LEU D 253 -31.89 5.01 4.83
CA LEU D 253 -31.18 5.30 3.56
C LEU D 253 -32.18 5.85 2.55
N ALA D 254 -31.85 6.96 1.91
CA ALA D 254 -32.67 7.58 0.84
C ALA D 254 -32.55 6.81 -0.47
N PRO D 255 -33.67 6.62 -1.22
CA PRO D 255 -33.64 5.95 -2.52
C PRO D 255 -33.22 6.89 -3.67
N LYS D 256 -33.39 6.49 -4.96
CA LYS D 256 -32.69 7.17 -6.09
C LYS D 256 -33.64 7.72 -7.17
N ILE D 257 -33.05 8.31 -8.23
CA ILE D 257 -33.66 8.77 -9.52
C ILE D 257 -35.00 9.41 -9.21
N MET E 3 33.14 -30.55 16.24
CA MET E 3 31.76 -30.34 15.76
C MET E 3 30.89 -29.81 16.91
N PHE E 4 29.69 -29.35 16.58
CA PHE E 4 28.57 -29.07 17.52
C PHE E 4 27.28 -29.60 16.89
N GLU E 5 26.45 -30.26 17.68
CA GLU E 5 25.24 -30.98 17.21
C GLU E 5 24.24 -31.06 18.35
N ALA E 6 23.14 -30.33 18.23
CA ALA E 6 22.04 -30.34 19.22
C ALA E 6 20.74 -30.73 18.51
N ARG E 7 19.99 -31.64 19.11
CA ARG E 7 18.70 -32.16 18.59
C ARG E 7 17.64 -31.85 19.64
N LEU E 8 16.54 -31.23 19.20
CA LEU E 8 15.44 -30.72 20.06
C LEU E 8 14.14 -31.36 19.61
N VAL E 9 13.54 -32.21 20.46
CA VAL E 9 12.39 -33.07 20.06
C VAL E 9 11.17 -32.17 19.83
N GLN E 10 10.92 -31.25 20.76
CA GLN E 10 9.92 -30.15 20.61
C GLN E 10 10.55 -29.04 19.75
N GLY E 11 10.49 -29.18 18.44
CA GLY E 11 11.04 -28.20 17.49
C GLY E 11 10.43 -26.83 17.68
N SER E 12 9.10 -26.77 17.80
CA SER E 12 8.30 -25.52 17.90
C SER E 12 8.99 -24.52 18.83
N ILE E 13 9.65 -24.96 19.91
CA ILE E 13 10.34 -24.03 20.85
C ILE E 13 11.26 -23.09 20.05
N LEU E 14 11.99 -23.64 19.08
CA LEU E 14 13.03 -22.90 18.34
C LEU E 14 12.38 -21.97 17.30
N LYS E 15 11.24 -22.35 16.75
CA LYS E 15 10.44 -21.46 15.88
C LYS E 15 9.91 -20.30 16.71
N LYS E 16 9.33 -20.61 17.88
CA LYS E 16 8.68 -19.61 18.77
C LYS E 16 9.74 -18.59 19.20
N VAL E 17 10.95 -19.05 19.52
CA VAL E 17 12.09 -18.19 19.89
C VAL E 17 12.35 -17.20 18.74
N LEU E 18 12.60 -17.70 17.54
CA LEU E 18 13.02 -16.81 16.44
C LEU E 18 11.90 -15.88 16.01
N GLU E 19 10.64 -16.13 16.36
CA GLU E 19 9.54 -15.15 16.14
C GLU E 19 9.75 -13.95 17.08
N ALA E 20 10.01 -14.23 18.34
CA ALA E 20 10.26 -13.21 19.40
C ALA E 20 11.37 -12.25 18.96
N LEU E 21 12.46 -12.80 18.41
CA LEU E 21 13.73 -12.07 18.15
C LEU E 21 13.73 -11.40 16.77
N LYS E 22 13.41 -12.13 15.69
CA LYS E 22 13.74 -11.72 14.30
C LYS E 22 13.29 -10.28 14.03
N ASP E 23 12.20 -9.86 14.69
CA ASP E 23 11.49 -8.57 14.45
C ASP E 23 12.18 -7.46 15.23
N LEU E 24 12.99 -7.80 16.24
CA LEU E 24 13.65 -6.84 17.15
C LEU E 24 15.13 -6.68 16.79
N ILE E 25 15.78 -7.73 16.26
CA ILE E 25 17.26 -7.76 15.99
C ILE E 25 17.55 -8.55 14.71
N ASN E 26 18.13 -7.94 13.66
CA ASN E 26 18.39 -8.65 12.38
C ASN E 26 19.55 -9.63 12.55
N GLU E 27 20.72 -9.13 13.02
CA GLU E 27 21.97 -9.91 13.28
C GLU E 27 22.05 -10.27 14.76
N ALA E 28 22.86 -11.26 15.12
CA ALA E 28 23.12 -11.67 16.51
C ALA E 28 24.14 -12.81 16.56
N CYS E 29 24.96 -12.85 17.60
CA CYS E 29 26.00 -13.86 17.82
C CYS E 29 25.48 -14.93 18.80
N TRP E 30 25.35 -16.17 18.36
CA TRP E 30 25.01 -17.32 19.24
C TRP E 30 26.30 -17.83 19.90
N ASP E 31 26.35 -17.89 21.23
CA ASP E 31 27.51 -18.45 21.98
C ASP E 31 27.17 -19.90 22.32
N ILE E 32 27.81 -20.83 21.62
CA ILE E 32 27.67 -22.30 21.88
C ILE E 32 28.77 -22.73 22.86
N SER E 33 28.48 -23.69 23.74
CA SER E 33 29.42 -24.28 24.73
C SER E 33 28.84 -25.55 25.33
N SER E 34 29.59 -26.28 26.16
CA SER E 34 29.10 -27.42 26.95
C SER E 34 27.76 -27.07 27.57
N SER E 35 27.74 -25.95 28.29
CA SER E 35 26.63 -25.53 29.18
C SER E 35 25.39 -25.16 28.35
N GLY E 36 25.54 -24.93 27.06
CA GLY E 36 24.39 -24.79 26.15
C GLY E 36 24.53 -23.56 25.27
N VAL E 37 23.39 -22.93 24.94
CA VAL E 37 23.28 -21.87 23.91
C VAL E 37 22.91 -20.54 24.58
N ASN E 38 23.72 -19.51 24.34
CA ASN E 38 23.56 -18.16 24.92
C ASN E 38 23.62 -17.13 23.82
N LEU E 39 22.54 -16.34 23.70
CA LEU E 39 22.46 -15.20 22.77
C LEU E 39 22.19 -13.97 23.62
N GLN E 40 22.93 -12.89 23.37
CA GLN E 40 22.68 -11.56 23.98
C GLN E 40 22.90 -10.51 22.91
N SER E 41 21.87 -9.70 22.63
CA SER E 41 21.95 -8.59 21.65
C SER E 41 21.15 -7.39 22.17
N MET E 42 21.57 -6.19 21.77
CA MET E 42 20.74 -4.97 21.79
C MET E 42 20.11 -4.82 20.42
N ASP E 43 18.90 -4.27 20.37
CA ASP E 43 18.25 -3.76 19.13
C ASP E 43 19.07 -2.56 18.65
N SER E 44 18.90 -2.15 17.40
CA SER E 44 19.78 -1.15 16.72
C SER E 44 19.68 0.23 17.38
N SER E 45 18.66 0.47 18.20
CA SER E 45 18.42 1.76 18.90
C SER E 45 19.23 1.85 20.21
N HIS E 46 19.62 0.70 20.78
CA HIS E 46 20.38 0.54 22.05
C HIS E 46 19.47 0.85 23.25
N VAL E 47 18.18 0.60 23.14
CA VAL E 47 17.17 0.94 24.19
C VAL E 47 16.72 -0.35 24.91
N SER E 48 16.62 -1.44 24.15
CA SER E 48 16.28 -2.80 24.65
C SER E 48 17.51 -3.70 24.50
N LEU E 49 17.52 -4.77 25.30
CA LEU E 49 18.57 -5.81 25.26
C LEU E 49 17.90 -7.17 25.49
N VAL E 50 18.27 -8.16 24.68
CA VAL E 50 17.69 -9.53 24.68
C VAL E 50 18.75 -10.46 25.23
N GLN E 51 18.35 -11.47 26.00
CA GLN E 51 19.28 -12.38 26.70
C GLN E 51 18.65 -13.77 26.74
N LEU E 52 18.83 -14.54 25.67
CA LEU E 52 18.32 -15.92 25.53
C LEU E 52 19.32 -16.89 26.18
N THR E 53 18.82 -17.85 26.95
CA THR E 53 19.60 -18.99 27.51
C THR E 53 18.84 -20.29 27.26
N LEU E 54 19.47 -21.24 26.58
CA LEU E 54 18.95 -22.62 26.41
C LEU E 54 19.98 -23.60 26.98
N ARG E 55 19.77 -24.10 28.19
CA ARG E 55 20.73 -25.03 28.83
C ARG E 55 20.78 -26.31 28.00
N SER E 56 21.98 -26.88 27.90
CA SER E 56 22.26 -28.09 27.09
C SER E 56 21.38 -29.23 27.59
N GLU E 57 21.25 -29.33 28.92
CA GLU E 57 20.36 -30.27 29.66
C GLU E 57 19.02 -30.44 28.91
N GLY E 58 18.40 -29.36 28.44
CA GLY E 58 17.04 -29.41 27.92
C GLY E 58 16.96 -29.81 26.46
N PHE E 59 18.05 -30.28 25.86
CA PHE E 59 18.05 -30.83 24.48
C PHE E 59 18.04 -32.35 24.54
N ASP E 60 17.41 -33.03 23.59
CA ASP E 60 17.41 -34.53 23.55
C ASP E 60 18.85 -35.02 23.29
N THR E 61 19.62 -34.33 22.44
CA THR E 61 21.05 -34.62 22.14
C THR E 61 21.84 -33.32 22.19
N TYR E 62 23.03 -33.32 22.78
CA TYR E 62 23.86 -32.10 22.80
C TYR E 62 25.34 -32.44 22.86
N ARG E 63 26.02 -32.27 21.74
CA ARG E 63 27.46 -32.45 21.59
C ARG E 63 28.04 -31.09 21.25
N CYS E 64 29.24 -30.76 21.76
CA CYS E 64 29.89 -29.46 21.54
C CYS E 64 31.33 -29.49 22.02
N ASP E 65 32.30 -29.59 21.11
CA ASP E 65 33.73 -29.91 21.38
C ASP E 65 34.45 -28.61 21.75
N ARG E 66 34.41 -27.59 20.88
CA ARG E 66 34.95 -26.24 21.16
C ARG E 66 33.78 -25.29 21.31
N ASN E 67 33.98 -24.23 22.08
CA ASN E 67 32.98 -23.12 22.16
C ASN E 67 32.94 -22.45 20.80
N LEU E 68 31.74 -22.17 20.29
CA LEU E 68 31.57 -21.41 19.02
C LEU E 68 30.96 -20.05 19.32
N ALA E 69 31.18 -19.12 18.40
CA ALA E 69 30.47 -17.82 18.29
C ALA E 69 29.91 -17.75 16.87
N MET E 70 28.70 -18.26 16.66
CA MET E 70 28.07 -18.30 15.33
C MET E 70 27.33 -16.99 15.11
N GLY E 71 27.75 -16.24 14.10
CA GLY E 71 27.09 -14.99 13.66
C GLY E 71 25.99 -15.28 12.67
N VAL E 72 24.75 -15.04 13.09
CA VAL E 72 23.54 -15.45 12.35
C VAL E 72 22.74 -14.21 11.99
N ASN E 73 22.39 -14.02 10.71
CA ASN E 73 21.26 -13.14 10.33
C ASN E 73 19.95 -13.82 10.72
N LEU E 74 19.22 -13.26 11.68
CA LEU E 74 18.06 -13.91 12.32
C LEU E 74 16.86 -13.94 11.38
N THR E 75 16.79 -13.00 10.44
CA THR E 75 15.75 -12.97 9.40
C THR E 75 15.92 -14.21 8.52
N SER E 76 17.12 -14.43 7.98
CA SER E 76 17.53 -15.64 7.22
C SER E 76 17.12 -16.90 7.99
N MET E 77 17.36 -16.93 9.30
CA MET E 77 17.17 -18.17 10.10
C MET E 77 15.68 -18.36 10.40
N SER E 78 14.91 -17.26 10.44
CA SER E 78 13.44 -17.29 10.62
C SER E 78 12.82 -17.86 9.35
N LYS E 79 13.15 -17.30 8.18
CA LYS E 79 12.70 -17.81 6.87
C LYS E 79 12.94 -19.32 6.77
N ILE E 80 13.94 -19.86 7.47
CA ILE E 80 14.26 -21.31 7.35
C ILE E 80 13.40 -22.10 8.33
N LEU E 81 13.27 -21.64 9.57
CA LEU E 81 12.43 -22.31 10.60
C LEU E 81 10.95 -22.25 10.21
N LYS E 82 10.58 -21.31 9.35
CA LYS E 82 9.24 -21.26 8.71
C LYS E 82 9.00 -22.55 7.93
N CYS E 83 10.06 -23.18 7.41
CA CYS E 83 9.97 -24.42 6.60
C CYS E 83 9.98 -25.68 7.48
N ALA E 84 9.77 -25.53 8.80
CA ALA E 84 9.74 -26.64 9.77
C ALA E 84 8.34 -26.72 10.36
N GLY E 85 7.68 -27.87 10.21
CA GLY E 85 6.39 -28.19 10.87
C GLY E 85 6.54 -28.10 12.38
N ASN E 86 5.43 -27.89 13.08
CA ASN E 86 5.44 -27.56 14.53
C ASN E 86 5.84 -28.82 15.32
N GLU E 87 5.43 -29.99 14.84
CA GLU E 87 5.70 -31.27 15.52
C GLU E 87 7.08 -31.79 15.11
N ASP E 88 7.79 -31.09 14.22
CA ASP E 88 9.08 -31.57 13.62
C ASP E 88 10.17 -31.62 14.69
N ILE E 89 11.11 -32.55 14.50
CA ILE E 89 12.27 -32.79 15.41
C ILE E 89 13.49 -32.11 14.81
N ILE E 90 13.83 -30.94 15.35
CA ILE E 90 14.84 -30.01 14.76
C ILE E 90 16.21 -30.34 15.34
N THR E 91 17.21 -30.43 14.47
CA THR E 91 18.62 -30.72 14.79
C THR E 91 19.49 -29.62 14.16
N LEU E 92 20.21 -28.85 14.98
CA LEU E 92 21.29 -27.93 14.56
C LEU E 92 22.61 -28.70 14.47
N ARG E 93 23.41 -28.43 13.44
CA ARG E 93 24.74 -29.07 13.27
C ARG E 93 25.65 -28.03 12.64
N ALA E 94 26.82 -27.79 13.23
CA ALA E 94 27.82 -26.85 12.69
C ALA E 94 29.14 -27.59 12.64
N GLU E 95 29.65 -27.88 11.45
CA GLU E 95 31.08 -28.18 11.25
C GLU E 95 31.86 -27.01 11.86
N ASP E 96 32.57 -27.23 12.99
CA ASP E 96 33.46 -26.24 13.65
C ASP E 96 34.36 -25.59 12.61
N ASN E 97 34.94 -26.43 11.75
CA ASN E 97 35.83 -26.09 10.63
C ASN E 97 35.00 -25.60 9.42
N ALA E 98 33.85 -24.96 9.66
CA ALA E 98 32.97 -24.39 8.61
C ALA E 98 32.27 -23.12 9.13
N ASP E 99 32.01 -22.22 8.17
CA ASP E 99 31.32 -20.92 8.37
C ASP E 99 29.88 -21.05 7.83
N THR E 100 29.27 -22.24 7.94
CA THR E 100 27.82 -22.43 7.68
C THR E 100 27.23 -23.30 8.80
N LEU E 101 25.95 -23.11 9.09
CA LEU E 101 25.14 -23.83 10.11
C LEU E 101 24.04 -24.61 9.40
N ALA E 102 23.90 -25.91 9.70
CA ALA E 102 22.88 -26.82 9.13
C ALA E 102 21.75 -27.02 10.12
N LEU E 103 20.50 -26.98 9.64
CA LEU E 103 19.30 -27.37 10.41
C LEU E 103 18.64 -28.53 9.67
N VAL E 104 18.24 -29.56 10.40
CA VAL E 104 17.56 -30.75 9.85
C VAL E 104 16.23 -30.92 10.57
N PHE E 105 15.13 -30.88 9.83
CA PHE E 105 13.75 -31.10 10.34
C PHE E 105 13.27 -32.49 9.93
N GLU E 106 13.07 -33.38 10.91
CA GLU E 106 12.46 -34.73 10.70
C GLU E 106 10.99 -34.62 11.13
N ALA E 107 10.06 -34.88 10.22
CA ALA E 107 8.63 -35.06 10.54
C ALA E 107 8.52 -36.26 11.48
N PRO E 108 7.84 -36.14 12.65
CA PRO E 108 7.91 -37.17 13.68
C PRO E 108 7.13 -38.40 13.16
N ASN E 109 6.03 -38.12 12.47
CA ASN E 109 5.16 -39.07 11.72
C ASN E 109 5.00 -38.53 10.31
N GLN E 110 5.83 -38.90 9.31
CA GLN E 110 7.03 -39.74 9.32
C GLN E 110 7.58 -39.75 7.87
N GLU E 111 8.62 -40.53 7.60
CA GLU E 111 9.21 -40.81 6.25
C GLU E 111 9.22 -39.54 5.37
N LYS E 112 9.60 -38.41 5.95
CA LYS E 112 10.01 -37.18 5.21
C LYS E 112 11.00 -36.35 6.03
N VAL E 113 12.03 -35.76 5.38
CA VAL E 113 13.11 -35.01 6.06
C VAL E 113 13.57 -33.78 5.25
N SER E 114 13.18 -32.60 5.73
CA SER E 114 13.77 -31.29 5.33
C SER E 114 15.17 -31.15 5.95
N ASP E 115 16.06 -30.44 5.25
CA ASP E 115 17.52 -30.34 5.55
C ASP E 115 18.09 -29.08 4.89
N TYR E 116 18.10 -27.96 5.63
CA TYR E 116 18.57 -26.63 5.17
C TYR E 116 19.98 -26.38 5.73
N GLU E 117 20.63 -25.33 5.22
CA GLU E 117 22.07 -25.04 5.41
C GLU E 117 22.24 -23.55 5.10
N MET E 118 22.64 -22.75 6.08
CA MET E 118 22.57 -21.27 6.04
C MET E 118 23.96 -20.69 6.35
N LYS E 119 24.43 -19.74 5.54
CA LYS E 119 25.80 -19.15 5.68
C LYS E 119 25.83 -18.30 6.96
N LEU E 120 26.94 -18.35 7.71
CA LEU E 120 27.16 -17.58 8.97
C LEU E 120 28.02 -16.34 8.66
N MET E 121 28.06 -15.36 9.56
CA MET E 121 28.88 -14.13 9.38
C MET E 121 29.77 -13.93 10.61
N ASP E 122 30.87 -13.20 10.46
CA ASP E 122 31.74 -12.73 11.58
C ASP E 122 31.00 -11.59 12.29
N LEU E 123 30.91 -11.62 13.61
CA LEU E 123 30.29 -10.53 14.41
C LEU E 123 31.05 -10.31 15.71
N ASP E 124 31.64 -9.12 15.87
CA ASP E 124 32.42 -8.65 17.06
C ASP E 124 31.51 -8.69 18.30
N VAL E 125 31.58 -9.79 19.06
CA VAL E 125 30.65 -10.15 20.19
C VAL E 125 31.05 -9.35 21.44
N GLU E 126 31.05 -8.02 21.38
CA GLU E 126 31.17 -7.20 22.62
C GLU E 126 29.83 -7.28 23.36
N GLN E 127 29.64 -8.31 24.19
CA GLN E 127 28.43 -8.56 25.04
C GLN E 127 28.52 -7.65 26.27
N LEU E 128 27.37 -7.34 26.88
CA LEU E 128 27.28 -6.48 28.11
C LEU E 128 27.27 -7.37 29.36
N GLY E 129 27.57 -6.78 30.51
CA GLY E 129 27.72 -7.48 31.80
C GLY E 129 26.57 -7.16 32.71
N ILE E 130 25.40 -7.79 32.47
CA ILE E 130 24.20 -7.66 33.34
C ILE E 130 24.55 -8.26 34.70
N PRO E 131 24.66 -7.48 35.79
CA PRO E 131 24.94 -8.04 37.11
C PRO E 131 23.63 -8.47 37.80
N GLU E 132 23.66 -9.52 38.61
CA GLU E 132 22.50 -10.05 39.40
C GLU E 132 22.10 -8.99 40.44
N GLN E 133 20.81 -8.75 40.64
CA GLN E 133 20.33 -7.73 41.61
C GLN E 133 19.07 -8.24 42.31
N GLU E 134 19.01 -8.06 43.63
CA GLU E 134 17.73 -7.84 44.33
C GLU E 134 16.96 -6.81 43.49
N TYR E 135 15.68 -7.03 43.22
CA TYR E 135 14.80 -6.02 42.58
C TYR E 135 13.81 -5.53 43.63
N SER E 136 13.28 -4.31 43.46
CA SER E 136 12.31 -3.67 44.38
C SER E 136 10.97 -4.38 44.28
N CYS E 137 10.47 -4.52 43.06
CA CYS E 137 9.18 -5.19 42.73
C CYS E 137 9.44 -6.36 41.81
N VAL E 138 8.74 -7.47 42.02
CA VAL E 138 8.61 -8.54 41.00
C VAL E 138 7.13 -8.91 40.88
N VAL E 139 6.61 -8.85 39.66
CA VAL E 139 5.21 -9.20 39.30
C VAL E 139 5.24 -10.41 38.38
N LYS E 140 4.65 -11.52 38.82
CA LYS E 140 4.41 -12.73 38.00
C LYS E 140 2.95 -12.66 37.58
N MET E 141 2.64 -12.85 36.29
CA MET E 141 1.24 -12.82 35.79
C MET E 141 1.13 -13.63 34.50
N PRO E 142 -0.09 -14.00 34.05
CA PRO E 142 -0.25 -14.73 32.80
C PRO E 142 0.33 -13.89 31.65
N SER E 143 1.08 -14.51 30.74
CA SER E 143 1.84 -13.78 29.67
C SER E 143 0.85 -13.19 28.66
N GLY E 144 -0.28 -13.87 28.51
CA GLY E 144 -1.45 -13.41 27.74
C GLY E 144 -1.93 -12.08 28.28
N GLU E 145 -2.25 -12.01 29.57
CA GLU E 145 -2.84 -10.80 30.19
C GLU E 145 -1.84 -9.64 30.06
N PHE E 146 -0.54 -9.90 30.08
CA PHE E 146 0.49 -8.85 29.91
C PHE E 146 0.46 -8.31 28.47
N ALA E 147 0.33 -9.19 27.49
CA ALA E 147 0.20 -8.83 26.06
C ALA E 147 -1.10 -8.04 25.90
N ARG E 148 -2.24 -8.62 26.32
CA ARG E 148 -3.60 -8.04 26.25
C ARG E 148 -3.47 -6.59 26.74
N ILE E 149 -2.81 -6.36 27.88
CA ILE E 149 -2.64 -5.01 28.50
C ILE E 149 -1.79 -4.11 27.59
N CYS E 150 -0.59 -4.55 27.22
CA CYS E 150 0.40 -3.74 26.45
C CYS E 150 -0.21 -3.29 25.11
N ARG E 151 -0.97 -4.15 24.44
CA ARG E 151 -1.60 -3.81 23.14
C ARG E 151 -2.71 -2.78 23.36
N ASP E 152 -3.50 -2.97 24.40
CA ASP E 152 -4.72 -2.16 24.66
C ASP E 152 -4.31 -0.72 24.95
N LEU E 153 -3.26 -0.51 25.74
CA LEU E 153 -2.76 0.86 26.06
C LEU E 153 -2.09 1.50 24.85
N SER E 154 -1.68 0.72 23.85
CA SER E 154 -1.12 1.24 22.58
C SER E 154 -2.17 2.03 21.81
N HIS E 155 -3.46 1.68 21.91
CA HIS E 155 -4.58 2.46 21.31
C HIS E 155 -4.70 3.83 22.00
N ILE E 156 -4.12 3.99 23.19
CA ILE E 156 -4.22 5.23 24.03
C ILE E 156 -2.98 6.09 23.86
N GLY E 157 -1.79 5.54 24.18
CA GLY E 157 -0.54 6.30 24.38
C GLY E 157 0.72 5.62 23.88
N ASP E 158 1.83 6.36 23.90
CA ASP E 158 3.20 5.95 23.50
C ASP E 158 3.87 5.16 24.60
N ALA E 159 3.69 5.63 25.83
CA ALA E 159 4.41 5.16 27.03
C ALA E 159 3.39 4.73 28.08
N VAL E 160 3.72 3.66 28.80
CA VAL E 160 2.94 3.11 29.94
C VAL E 160 3.69 3.46 31.23
N VAL E 161 2.94 3.80 32.27
CA VAL E 161 3.47 3.99 33.65
C VAL E 161 3.06 2.77 34.45
N ILE E 162 4.03 1.95 34.86
CA ILE E 162 3.80 0.74 35.70
C ILE E 162 4.03 1.12 37.16
N SER E 163 2.94 1.23 37.94
CA SER E 163 2.92 1.52 39.39
C SER E 163 2.59 0.24 40.16
N CYS E 164 3.32 -0.02 41.24
CA CYS E 164 3.29 -1.33 41.94
C CYS E 164 3.30 -1.18 43.46
N ALA E 165 2.23 -1.67 44.12
CA ALA E 165 2.06 -1.75 45.59
C ALA E 165 2.03 -3.22 46.04
N LYS E 166 1.68 -3.46 47.31
CA LYS E 166 1.43 -4.83 47.85
C LYS E 166 0.12 -5.34 47.22
N ASP E 167 -0.97 -4.61 47.46
CA ASP E 167 -2.34 -4.86 46.94
C ASP E 167 -2.27 -5.42 45.50
N GLY E 168 -1.74 -4.62 44.58
CA GLY E 168 -1.74 -4.96 43.14
C GLY E 168 -0.78 -4.07 42.36
N VAL E 169 -1.00 -4.01 41.04
CA VAL E 169 -0.14 -3.30 40.05
C VAL E 169 -1.07 -2.56 39.08
N LYS E 170 -0.68 -1.35 38.67
CA LYS E 170 -1.48 -0.46 37.80
C LYS E 170 -0.64 0.01 36.62
N PHE E 171 -1.10 -0.30 35.40
CA PHE E 171 -0.56 0.19 34.11
C PHE E 171 -1.41 1.36 33.63
N SER E 172 -0.78 2.50 33.33
CA SER E 172 -1.46 3.77 32.99
C SER E 172 -0.85 4.36 31.72
N ALA E 173 -1.66 4.96 30.87
CA ALA E 173 -1.25 5.64 29.63
C ALA E 173 -2.09 6.91 29.47
N SER E 174 -1.44 7.96 28.97
CA SER E 174 -2.05 9.25 28.52
C SER E 174 -2.01 9.30 27.00
N GLY E 175 -2.98 9.95 26.35
CA GLY E 175 -3.06 10.04 24.88
C GLY E 175 -3.70 11.37 24.47
N GLU E 176 -3.79 11.65 23.16
CA GLU E 176 -4.56 12.84 22.69
C GLU E 176 -6.04 12.59 22.99
N LEU E 177 -6.55 11.38 22.66
CA LEU E 177 -7.99 11.01 22.66
C LEU E 177 -8.58 10.90 24.08
N GLY E 178 -7.77 10.45 25.05
CA GLY E 178 -8.17 10.31 26.45
C GLY E 178 -7.01 9.79 27.27
N ASN E 179 -7.29 9.08 28.36
CA ASN E 179 -6.24 8.30 29.10
C ASN E 179 -6.91 7.18 29.90
N GLY E 180 -6.11 6.20 30.32
CA GLY E 180 -6.62 4.87 30.73
C GLY E 180 -5.72 4.22 31.76
N ASN E 181 -6.30 3.38 32.63
CA ASN E 181 -5.65 2.72 33.79
C ASN E 181 -6.13 1.28 33.89
N ILE E 182 -5.21 0.33 33.97
CA ILE E 182 -5.55 -1.11 34.19
C ILE E 182 -4.95 -1.53 35.53
N LYS E 183 -5.79 -1.95 36.47
CA LYS E 183 -5.35 -2.46 37.81
C LYS E 183 -5.51 -3.97 37.82
N LEU E 184 -4.41 -4.70 37.97
CA LEU E 184 -4.39 -6.13 38.38
C LEU E 184 -4.26 -6.19 39.90
N SER E 185 -5.08 -6.99 40.57
CA SER E 185 -4.95 -7.32 42.02
C SER E 185 -4.21 -8.66 42.12
N GLN E 186 -3.62 -8.92 43.28
CA GLN E 186 -2.94 -10.20 43.61
C GLN E 186 -4.03 -11.25 43.88
N THR E 187 -3.79 -12.50 43.46
CA THR E 187 -4.79 -13.62 43.45
C THR E 187 -4.33 -14.78 44.33
N GLU E 193 -2.37 -22.62 38.48
CA GLU E 193 -1.08 -22.13 39.01
C GLU E 193 -0.56 -20.95 38.19
N GLU E 194 -0.78 -20.94 36.86
CA GLU E 194 -0.17 -19.99 35.88
C GLU E 194 -1.11 -18.78 35.67
N GLU E 195 -2.41 -18.99 35.92
CA GLU E 195 -3.51 -17.99 35.82
C GLU E 195 -3.37 -16.93 36.93
N ALA E 196 -2.49 -17.17 37.91
CA ALA E 196 -2.35 -16.33 39.13
C ALA E 196 -1.54 -15.06 38.83
N VAL E 197 -1.84 -13.97 39.55
CA VAL E 197 -1.07 -12.70 39.62
C VAL E 197 -0.49 -12.58 41.04
N THR E 198 0.84 -12.39 41.17
CA THR E 198 1.55 -12.41 42.48
C THR E 198 2.69 -11.38 42.46
N ILE E 199 2.99 -10.79 43.63
CA ILE E 199 3.90 -9.62 43.76
C ILE E 199 4.80 -9.78 44.99
N GLU E 200 6.06 -10.22 44.78
CA GLU E 200 7.21 -10.12 45.72
C GLU E 200 7.70 -8.67 45.65
N MET E 201 7.55 -7.91 46.74
CA MET E 201 7.66 -6.43 46.78
C MET E 201 8.48 -6.00 48.01
N ASN E 202 9.70 -5.50 47.81
CA ASN E 202 10.56 -4.87 48.84
C ASN E 202 10.00 -3.48 49.17
N GLU E 203 9.73 -2.67 48.15
CA GLU E 203 9.22 -1.27 48.31
C GLU E 203 8.54 -0.81 47.03
N PRO E 204 7.63 0.18 47.12
CA PRO E 204 6.81 0.58 45.98
C PRO E 204 7.68 1.20 44.89
N VAL E 205 7.31 0.95 43.62
CA VAL E 205 8.01 1.47 42.42
C VAL E 205 6.94 2.05 41.49
N GLN E 206 7.25 3.16 40.83
CA GLN E 206 6.49 3.66 39.65
C GLN E 206 7.51 4.05 38.55
N LEU E 207 7.37 3.50 37.35
CA LEU E 207 8.32 3.76 36.23
C LEU E 207 7.56 3.92 34.93
N THR E 208 8.19 4.61 33.96
CA THR E 208 7.60 4.86 32.63
C THR E 208 8.46 4.17 31.58
N PHE E 209 7.83 3.46 30.65
CA PHE E 209 8.48 2.69 29.55
C PHE E 209 7.78 2.95 28.22
N ALA E 210 8.50 2.91 27.11
CA ALA E 210 7.93 3.04 25.75
C ALA E 210 7.17 1.75 25.36
N LEU E 211 5.92 1.87 24.92
CA LEU E 211 5.09 0.68 24.57
C LEU E 211 5.55 0.12 23.21
N ARG E 212 5.88 1.00 22.27
CA ARG E 212 6.62 0.66 21.03
C ARG E 212 7.37 -0.67 21.26
N TYR E 213 8.17 -0.75 22.34
CA TYR E 213 9.13 -1.83 22.65
C TYR E 213 8.46 -3.01 23.36
N LEU E 214 7.72 -2.74 24.44
CA LEU E 214 7.00 -3.79 25.20
C LEU E 214 6.16 -4.62 24.22
N ASN E 215 5.70 -4.02 23.13
CA ASN E 215 4.89 -4.74 22.12
C ASN E 215 5.78 -5.75 21.36
N PHE E 216 7.02 -5.41 21.02
CA PHE E 216 7.97 -6.36 20.38
C PHE E 216 8.31 -7.52 21.32
N PHE E 217 8.26 -7.27 22.63
CA PHE E 217 8.63 -8.25 23.68
C PHE E 217 7.52 -9.29 23.77
N THR E 218 6.28 -8.85 23.72
CA THR E 218 5.10 -9.75 23.89
C THR E 218 5.04 -10.73 22.72
N LYS E 219 5.89 -10.59 21.71
CA LYS E 219 6.03 -11.60 20.62
C LYS E 219 6.50 -12.93 21.19
N ALA E 220 7.03 -12.92 22.41
CA ALA E 220 7.52 -14.11 23.16
C ALA E 220 6.37 -14.78 23.90
N THR E 221 5.15 -14.23 23.79
CA THR E 221 3.99 -14.61 24.63
C THR E 221 3.65 -16.08 24.40
N PRO E 222 3.81 -16.66 23.18
CA PRO E 222 3.53 -18.09 22.99
C PRO E 222 4.63 -19.05 23.51
N LEU E 223 5.63 -18.54 24.24
CA LEU E 223 6.74 -19.36 24.79
C LEU E 223 6.45 -19.76 26.24
N SER E 224 5.53 -19.07 26.93
CA SER E 224 5.32 -19.26 28.39
C SER E 224 3.87 -18.98 28.80
N SER E 225 3.32 -19.81 29.70
CA SER E 225 2.05 -19.54 30.42
C SER E 225 2.12 -18.16 31.05
N THR E 226 3.24 -17.87 31.72
CA THR E 226 3.42 -16.68 32.60
C THR E 226 4.60 -15.83 32.14
N VAL E 227 4.63 -14.57 32.55
CA VAL E 227 5.82 -13.69 32.45
C VAL E 227 6.02 -13.04 33.83
N THR E 228 7.27 -12.73 34.18
CA THR E 228 7.63 -11.96 35.40
C THR E 228 8.27 -10.64 34.97
N LEU E 229 7.86 -9.55 35.63
CA LEU E 229 8.40 -8.19 35.46
C LEU E 229 9.19 -7.85 36.72
N SER E 230 10.47 -7.48 36.58
CA SER E 230 11.33 -7.06 37.71
C SER E 230 11.75 -5.60 37.51
N MET E 231 11.31 -4.70 38.39
CA MET E 231 11.63 -3.26 38.32
C MET E 231 12.34 -2.81 39.60
N SER E 232 13.18 -1.78 39.47
CA SER E 232 13.64 -0.93 40.60
C SER E 232 13.71 0.52 40.12
N ALA E 233 13.53 1.47 41.03
CA ALA E 233 13.68 2.92 40.81
C ALA E 233 14.85 3.19 39.84
N ASP E 234 14.57 3.94 38.76
CA ASP E 234 15.57 4.48 37.78
C ASP E 234 16.59 3.39 37.36
N VAL E 235 16.15 2.15 37.07
CA VAL E 235 16.98 1.09 36.43
C VAL E 235 16.09 0.18 35.56
N PRO E 236 16.69 -0.56 34.59
CA PRO E 236 15.92 -1.17 33.51
C PRO E 236 14.93 -2.21 34.04
N LEU E 237 13.78 -2.26 33.37
CA LEU E 237 12.74 -3.30 33.48
C LEU E 237 13.28 -4.59 32.87
N VAL E 238 13.07 -5.71 33.56
CA VAL E 238 13.38 -7.06 33.02
C VAL E 238 12.08 -7.83 32.84
N VAL E 239 11.72 -8.09 31.58
CA VAL E 239 10.55 -8.91 31.16
C VAL E 239 11.08 -10.32 30.82
N GLU E 240 10.83 -11.29 31.71
CA GLU E 240 11.43 -12.64 31.66
C GLU E 240 10.34 -13.64 31.30
N TYR E 241 10.44 -14.23 30.12
CA TYR E 241 9.61 -15.37 29.65
C TYR E 241 10.36 -16.68 29.97
N LYS E 242 9.83 -17.55 30.83
CA LYS E 242 10.44 -18.87 31.13
C LYS E 242 10.22 -19.78 29.93
N ILE E 243 11.23 -20.51 29.46
CA ILE E 243 11.08 -21.52 28.40
C ILE E 243 11.13 -22.91 29.05
N ALA E 244 9.97 -23.41 29.51
CA ALA E 244 9.81 -24.48 30.52
C ALA E 244 10.97 -25.48 30.39
N ASP E 245 11.64 -25.79 31.50
CA ASP E 245 12.55 -26.95 31.67
C ASP E 245 13.62 -26.95 30.55
N MET E 246 14.22 -25.80 30.24
CA MET E 246 15.04 -25.59 29.00
C MET E 246 15.90 -24.32 29.11
N GLY E 247 15.30 -23.20 29.47
CA GLY E 247 16.02 -21.93 29.70
C GLY E 247 15.09 -20.77 30.00
N HIS E 248 15.39 -19.61 29.44
CA HIS E 248 14.61 -18.37 29.67
C HIS E 248 14.97 -17.37 28.57
N LEU E 249 14.07 -16.43 28.32
CA LEU E 249 14.29 -15.30 27.39
C LEU E 249 14.01 -14.01 28.16
N LYS E 250 15.05 -13.27 28.52
CA LYS E 250 14.96 -12.01 29.30
C LYS E 250 15.09 -10.85 28.33
N TYR E 251 14.18 -9.88 28.43
CA TYR E 251 14.18 -8.57 27.72
C TYR E 251 14.42 -7.44 28.74
N TYR E 252 15.40 -6.58 28.48
CA TYR E 252 15.76 -5.41 29.33
C TYR E 252 15.40 -4.12 28.60
N LEU E 253 14.59 -3.27 29.22
CA LEU E 253 14.14 -1.99 28.63
C LEU E 253 14.52 -0.86 29.59
N ALA E 254 15.14 0.18 29.08
CA ALA E 254 15.49 1.41 29.82
C ALA E 254 14.26 2.28 30.07
N PRO E 255 14.11 2.87 31.29
CA PRO E 255 13.00 3.77 31.59
C PRO E 255 13.25 5.21 31.10
N LYS E 256 12.45 6.19 31.54
CA LYS E 256 12.40 7.60 31.01
C LYS E 256 12.53 8.63 32.15
N ILE E 257 11.97 9.86 32.04
CA ILE E 257 12.07 11.02 33.00
C ILE E 257 13.49 11.05 33.62
N GLY F 1 -32.33 -20.68 -20.60
CA GLY F 1 -32.85 -21.23 -21.87
C GLY F 1 -32.49 -22.70 -22.08
N PRO F 2 -32.77 -23.25 -23.28
CA PRO F 2 -32.36 -24.61 -23.64
C PRO F 2 -30.84 -24.86 -23.88
N MET F 3 -30.28 -24.36 -25.00
CA MET F 3 -29.03 -24.80 -25.71
C MET F 3 -28.15 -25.79 -24.94
N PHE F 4 -27.56 -25.39 -23.81
CA PHE F 4 -26.71 -26.22 -22.91
C PHE F 4 -27.09 -25.93 -21.46
N GLU F 5 -27.17 -26.99 -20.64
CA GLU F 5 -27.54 -26.88 -19.21
C GLU F 5 -26.91 -28.04 -18.45
N ALA F 6 -25.95 -27.74 -17.58
CA ALA F 6 -25.35 -28.70 -16.66
C ALA F 6 -25.58 -28.26 -15.21
N ARG F 7 -26.00 -29.20 -14.36
CA ARG F 7 -26.30 -28.96 -12.94
C ARG F 7 -25.36 -29.84 -12.13
N LEU F 8 -24.68 -29.25 -11.14
CA LEU F 8 -23.66 -29.91 -10.28
C LEU F 8 -24.11 -29.79 -8.83
N VAL F 9 -24.44 -30.91 -8.18
CA VAL F 9 -25.06 -30.91 -6.82
C VAL F 9 -24.01 -30.44 -5.81
N GLN F 10 -22.78 -30.97 -5.90
CA GLN F 10 -21.60 -30.46 -5.14
C GLN F 10 -21.05 -29.21 -5.85
N GLY F 11 -21.65 -28.05 -5.59
CA GLY F 11 -21.28 -26.77 -6.22
C GLY F 11 -19.81 -26.44 -6.00
N SER F 12 -19.38 -26.52 -4.75
CA SER F 12 -18.02 -26.18 -4.27
C SER F 12 -16.96 -26.62 -5.27
N ILE F 13 -17.12 -27.76 -5.95
CA ILE F 13 -16.12 -28.26 -6.95
C ILE F 13 -15.83 -27.14 -7.96
N LEU F 14 -16.86 -26.44 -8.40
CA LEU F 14 -16.75 -25.42 -9.48
C LEU F 14 -16.11 -24.13 -8.94
N LYS F 15 -16.34 -23.81 -7.67
CA LYS F 15 -15.65 -22.70 -6.99
C LYS F 15 -14.17 -23.04 -6.87
N LYS F 16 -13.87 -24.25 -6.42
CA LYS F 16 -12.48 -24.74 -6.16
C LYS F 16 -11.70 -24.68 -7.47
N VAL F 17 -12.33 -25.11 -8.56
CA VAL F 17 -11.74 -25.07 -9.93
C VAL F 17 -11.33 -23.62 -10.24
N LEU F 18 -12.27 -22.69 -10.19
CA LEU F 18 -11.99 -21.32 -10.64
C LEU F 18 -11.00 -20.61 -9.71
N GLU F 19 -10.77 -21.10 -8.48
CA GLU F 19 -9.68 -20.56 -7.62
C GLU F 19 -8.34 -20.95 -8.23
N ALA F 20 -8.19 -22.20 -8.62
CA ALA F 20 -6.96 -22.75 -9.23
C ALA F 20 -6.55 -21.91 -10.45
N LEU F 21 -7.53 -21.57 -11.30
CA LEU F 21 -7.30 -20.96 -12.64
C LEU F 21 -7.22 -19.44 -12.58
N LYS F 22 -8.18 -18.75 -11.94
CA LYS F 22 -8.39 -17.29 -12.12
C LYS F 22 -7.09 -16.51 -11.94
N ASP F 23 -6.19 -17.03 -11.10
CA ASP F 23 -4.93 -16.38 -10.66
C ASP F 23 -3.82 -16.62 -11.67
N LEU F 24 -3.99 -17.60 -12.57
CA LEU F 24 -2.97 -18.01 -13.57
C LEU F 24 -3.36 -17.49 -14.96
N ILE F 25 -4.66 -17.37 -15.27
CA ILE F 25 -5.19 -17.03 -16.63
C ILE F 25 -6.45 -16.16 -16.51
N ASN F 26 -6.47 -14.92 -17.02
CA ASN F 26 -7.64 -14.00 -16.89
C ASN F 26 -8.79 -14.49 -17.78
N GLU F 27 -8.53 -14.68 -19.09
CA GLU F 27 -9.48 -15.12 -20.16
C GLU F 27 -9.28 -16.62 -20.38
N ALA F 28 -10.25 -17.31 -20.97
CA ALA F 28 -10.16 -18.75 -21.28
C ALA F 28 -11.43 -19.19 -22.01
N CYS F 29 -11.28 -20.14 -22.92
CA CYS F 29 -12.35 -20.68 -23.76
C CYS F 29 -12.81 -22.01 -23.17
N TRP F 30 -14.06 -22.11 -22.73
CA TRP F 30 -14.67 -23.39 -22.28
C TRP F 30 -15.18 -24.12 -23.53
N ASP F 31 -14.75 -25.37 -23.77
CA ASP F 31 -15.24 -26.20 -24.89
C ASP F 31 -16.33 -27.12 -24.32
N ILE F 32 -17.58 -26.82 -24.61
CA ILE F 32 -18.76 -27.64 -24.20
C ILE F 32 -19.07 -28.63 -25.33
N SER F 33 -19.53 -29.84 -24.98
CA SER F 33 -19.96 -30.91 -25.91
C SER F 33 -20.71 -32.00 -25.14
N SER F 34 -21.26 -33.01 -25.83
CA SER F 34 -21.83 -34.23 -25.22
C SER F 34 -20.90 -34.72 -24.10
N SER F 35 -19.63 -34.94 -24.46
CA SER F 35 -18.63 -35.64 -23.63
C SER F 35 -18.28 -34.82 -22.38
N GLY F 36 -18.60 -33.54 -22.39
CA GLY F 36 -18.51 -32.70 -21.18
C GLY F 36 -17.77 -31.41 -21.46
N VAL F 37 -17.02 -30.95 -20.46
CA VAL F 37 -16.40 -29.59 -20.43
C VAL F 37 -14.88 -29.73 -20.49
N ASN F 38 -14.28 -29.06 -21.47
CA ASN F 38 -12.83 -29.05 -21.72
C ASN F 38 -12.33 -27.61 -21.80
N LEU F 39 -11.38 -27.27 -20.95
CA LEU F 39 -10.67 -25.98 -20.96
C LEU F 39 -9.20 -26.30 -21.12
N GLN F 40 -8.52 -25.62 -22.03
CA GLN F 40 -7.04 -25.68 -22.20
C GLN F 40 -6.56 -24.27 -22.46
N SER F 41 -5.70 -23.72 -21.61
CA SER F 41 -5.07 -22.40 -21.79
C SER F 41 -3.60 -22.47 -21.39
N MET F 42 -2.78 -21.63 -21.99
CA MET F 42 -1.46 -21.22 -21.47
C MET F 42 -1.65 -19.91 -20.69
N ASP F 43 -0.86 -19.70 -19.65
CA ASP F 43 -0.67 -18.37 -19.00
C ASP F 43 0.00 -17.46 -20.02
N SER F 44 -0.04 -16.15 -19.80
CA SER F 44 0.35 -15.09 -20.76
C SER F 44 1.85 -15.15 -21.09
N SER F 45 2.64 -15.86 -20.28
CA SER F 45 4.12 -15.99 -20.46
C SER F 45 4.47 -17.11 -21.44
N HIS F 46 3.55 -18.08 -21.63
CA HIS F 46 3.69 -19.27 -22.52
C HIS F 46 4.64 -20.29 -21.87
N VAL F 47 4.69 -20.35 -20.54
CA VAL F 47 5.65 -21.22 -19.80
C VAL F 47 4.88 -22.39 -19.18
N SER F 48 3.67 -22.13 -18.71
CA SER F 48 2.74 -23.12 -18.11
C SER F 48 1.52 -23.30 -19.03
N LEU F 49 0.85 -24.44 -18.87
CA LEU F 49 -0.36 -24.79 -19.65
C LEU F 49 -1.33 -25.56 -18.75
N VAL F 50 -2.61 -25.20 -18.79
CA VAL F 50 -3.70 -25.77 -17.94
C VAL F 50 -4.57 -26.61 -18.85
N GLN F 51 -5.09 -27.71 -18.34
CA GLN F 51 -5.87 -28.68 -19.14
C GLN F 51 -6.95 -29.28 -18.22
N LEU F 52 -8.07 -28.58 -18.08
CA LEU F 52 -9.24 -29.03 -17.28
C LEU F 52 -10.12 -29.94 -18.12
N THR F 53 -10.57 -31.05 -17.53
CA THR F 53 -11.56 -31.98 -18.11
C THR F 53 -12.62 -32.30 -17.06
N LEU F 54 -13.88 -32.03 -17.35
CA LEU F 54 -15.03 -32.42 -16.49
C LEU F 54 -15.97 -33.27 -17.34
N ARG F 55 -15.94 -34.60 -17.18
CA ARG F 55 -16.79 -35.53 -17.96
C ARG F 55 -18.25 -35.22 -17.64
N SER F 56 -19.12 -35.28 -18.65
CA SER F 56 -20.56 -34.97 -18.53
C SER F 56 -21.19 -35.91 -17.51
N GLU F 57 -20.77 -37.19 -17.58
CA GLU F 57 -21.08 -38.28 -16.61
C GLU F 57 -21.17 -37.74 -15.18
N GLY F 58 -20.20 -36.93 -14.75
CA GLY F 58 -20.04 -36.53 -13.34
C GLY F 58 -20.90 -35.36 -12.96
N PHE F 59 -21.83 -34.91 -13.80
CA PHE F 59 -22.81 -33.84 -13.45
C PHE F 59 -24.15 -34.50 -13.11
N ASP F 60 -24.94 -33.93 -12.22
CA ASP F 60 -26.28 -34.48 -11.86
C ASP F 60 -27.21 -34.39 -13.08
N THR F 61 -27.12 -33.31 -13.87
CA THR F 61 -27.87 -33.10 -15.14
C THR F 61 -26.91 -32.59 -16.20
N TYR F 62 -27.01 -33.05 -17.44
CA TYR F 62 -26.12 -32.54 -18.51
C TYR F 62 -26.78 -32.66 -19.89
N ARG F 63 -27.23 -31.54 -20.41
CA ARG F 63 -27.83 -31.43 -21.75
C ARG F 63 -26.92 -30.49 -22.55
N CYS F 64 -26.75 -30.73 -23.86
CA CYS F 64 -25.85 -29.96 -24.75
C CYS F 64 -26.09 -30.33 -26.20
N ASP F 65 -26.77 -29.47 -26.96
CA ASP F 65 -27.30 -29.76 -28.32
C ASP F 65 -26.20 -29.50 -29.35
N ARG F 66 -25.61 -28.29 -29.34
CA ARG F 66 -24.47 -27.89 -30.19
C ARG F 66 -23.22 -27.86 -29.32
N ASN F 67 -22.04 -28.13 -29.88
CA ASN F 67 -20.76 -27.83 -29.20
C ASN F 67 -20.67 -26.32 -29.08
N LEU F 68 -20.30 -25.82 -27.90
CA LEU F 68 -20.04 -24.39 -27.67
C LEU F 68 -18.55 -24.18 -27.44
N ALA F 69 -18.11 -22.95 -27.72
CA ALA F 69 -16.83 -22.38 -27.30
C ALA F 69 -17.16 -21.09 -26.56
N MET F 70 -17.38 -21.20 -25.24
CA MET F 70 -17.79 -20.06 -24.40
C MET F 70 -16.53 -19.35 -23.93
N GLY F 71 -16.36 -18.10 -24.36
CA GLY F 71 -15.22 -17.23 -23.99
C GLY F 71 -15.57 -16.48 -22.72
N VAL F 72 -14.85 -16.80 -21.66
CA VAL F 72 -15.16 -16.33 -20.29
C VAL F 72 -13.95 -15.55 -19.77
N ASN F 73 -14.16 -14.32 -19.26
CA ASN F 73 -13.18 -13.70 -18.33
C ASN F 73 -13.29 -14.41 -16.96
N LEU F 74 -12.24 -15.12 -16.55
CA LEU F 74 -12.27 -16.04 -15.39
C LEU F 74 -12.30 -15.25 -14.08
N THR F 75 -11.77 -14.04 -14.08
CA THR F 75 -11.82 -13.12 -12.92
C THR F 75 -13.29 -12.79 -12.64
N SER F 76 -13.99 -12.30 -13.66
CA SER F 76 -15.46 -12.03 -13.63
C SER F 76 -16.20 -13.26 -13.10
N MET F 77 -15.84 -14.45 -13.54
CA MET F 77 -16.61 -15.68 -13.22
C MET F 77 -16.25 -16.14 -11.79
N SER F 78 -15.06 -15.79 -11.31
CA SER F 78 -14.62 -16.07 -9.92
C SER F 78 -15.42 -15.17 -8.97
N LYS F 79 -15.41 -13.86 -9.23
CA LYS F 79 -16.20 -12.87 -8.46
C LYS F 79 -17.66 -13.33 -8.36
N ILE F 80 -18.17 -14.12 -9.31
CA ILE F 80 -19.60 -14.55 -9.29
C ILE F 80 -19.73 -15.81 -8.46
N LEU F 81 -18.85 -16.79 -8.63
CA LEU F 81 -18.86 -18.05 -7.82
C LEU F 81 -18.56 -17.75 -6.35
N LYS F 82 -17.91 -16.62 -6.07
CA LYS F 82 -17.74 -16.09 -4.69
C LYS F 82 -19.12 -15.89 -4.05
N CYS F 83 -20.15 -15.58 -4.86
CA CYS F 83 -21.53 -15.31 -4.38
C CYS F 83 -22.34 -16.60 -4.25
N ALA F 84 -21.70 -17.76 -4.27
CA ALA F 84 -22.34 -19.08 -4.13
C ALA F 84 -21.86 -19.72 -2.82
N GLY F 85 -22.81 -20.04 -1.92
CA GLY F 85 -22.55 -20.83 -0.70
C GLY F 85 -21.95 -22.19 -1.05
N ASN F 86 -21.21 -22.81 -0.14
CA ASN F 86 -20.40 -24.01 -0.48
C ASN F 86 -21.30 -25.21 -0.72
N GLU F 87 -22.43 -25.26 0.00
CA GLU F 87 -23.41 -26.36 -0.09
C GLU F 87 -24.41 -26.09 -1.24
N ASP F 88 -24.26 -24.98 -1.97
CA ASP F 88 -25.20 -24.55 -3.04
C ASP F 88 -25.13 -25.51 -4.23
N ILE F 89 -26.25 -25.68 -4.92
CA ILE F 89 -26.43 -26.57 -6.11
C ILE F 89 -26.32 -25.69 -7.36
N ILE F 90 -25.16 -25.72 -8.02
CA ILE F 90 -24.80 -24.78 -9.12
C ILE F 90 -25.22 -25.38 -10.46
N THR F 91 -25.89 -24.57 -11.27
CA THR F 91 -26.38 -24.91 -12.62
C THR F 91 -25.85 -23.86 -13.61
N LEU F 92 -24.99 -24.29 -14.55
CA LEU F 92 -24.54 -23.49 -15.72
C LEU F 92 -25.55 -23.66 -16.85
N ARG F 93 -25.86 -22.58 -17.56
CA ARG F 93 -26.92 -22.56 -18.59
C ARG F 93 -26.44 -21.56 -19.62
N ALA F 94 -26.56 -21.88 -20.91
CA ALA F 94 -26.09 -20.96 -21.97
C ALA F 94 -27.28 -20.36 -22.68
N GLU F 95 -27.52 -19.06 -22.43
CA GLU F 95 -28.80 -18.38 -22.73
C GLU F 95 -28.63 -17.60 -24.06
N ASP F 96 -28.60 -16.27 -24.00
CA ASP F 96 -28.89 -15.33 -25.14
C ASP F 96 -28.15 -15.79 -26.41
N ASN F 97 -28.75 -16.78 -27.09
CA ASN F 97 -28.24 -17.37 -28.37
C ASN F 97 -26.81 -17.92 -28.20
N ALA F 98 -26.49 -18.30 -26.95
CA ALA F 98 -25.15 -18.45 -26.30
C ALA F 98 -24.21 -17.24 -26.47
N ASP F 99 -24.68 -15.99 -26.21
CA ASP F 99 -23.80 -14.81 -26.05
C ASP F 99 -23.63 -14.47 -24.57
N THR F 100 -24.44 -15.06 -23.68
CA THR F 100 -24.26 -14.89 -22.21
C THR F 100 -24.36 -16.26 -21.54
N LEU F 101 -23.67 -16.40 -20.42
CA LEU F 101 -23.61 -17.58 -19.56
C LEU F 101 -24.30 -17.27 -18.23
N ALA F 102 -25.30 -18.09 -17.90
CA ALA F 102 -26.09 -18.02 -16.66
C ALA F 102 -25.57 -19.07 -15.67
N LEU F 103 -25.37 -18.64 -14.42
CA LEU F 103 -25.11 -19.55 -13.29
C LEU F 103 -26.24 -19.33 -12.30
N VAL F 104 -26.82 -20.43 -11.84
CA VAL F 104 -27.93 -20.41 -10.85
C VAL F 104 -27.48 -21.22 -9.64
N PHE F 105 -27.44 -20.55 -8.48
CA PHE F 105 -27.10 -21.18 -7.18
C PHE F 105 -28.38 -21.36 -6.36
N GLU F 106 -28.78 -22.61 -6.13
CA GLU F 106 -29.91 -22.98 -5.24
C GLU F 106 -29.32 -23.41 -3.91
N ALA F 107 -29.68 -22.70 -2.84
CA ALA F 107 -29.37 -23.12 -1.45
C ALA F 107 -30.11 -24.44 -1.22
N PRO F 108 -29.41 -25.47 -0.68
CA PRO F 108 -29.93 -26.83 -0.64
C PRO F 108 -31.22 -26.89 0.20
N ASN F 109 -31.30 -26.09 1.26
CA ASN F 109 -32.61 -25.64 1.85
C ASN F 109 -33.50 -24.87 0.84
N GLN F 110 -34.13 -25.58 -0.10
CA GLN F 110 -34.91 -25.02 -1.24
C GLN F 110 -35.76 -23.82 -0.78
N GLU F 111 -35.17 -22.62 -0.53
CA GLU F 111 -35.88 -21.44 0.06
C GLU F 111 -35.23 -20.09 -0.25
N LYS F 112 -34.02 -20.03 -0.80
CA LYS F 112 -33.40 -18.83 -1.44
C LYS F 112 -32.62 -19.22 -2.70
N VAL F 113 -32.67 -18.41 -3.76
CA VAL F 113 -32.02 -18.74 -5.07
C VAL F 113 -31.34 -17.53 -5.70
N SER F 114 -30.01 -17.52 -5.63
CA SER F 114 -29.12 -16.62 -6.41
C SER F 114 -29.10 -17.06 -7.89
N ASP F 115 -28.96 -16.10 -8.80
CA ASP F 115 -29.14 -16.28 -10.26
C ASP F 115 -28.38 -15.15 -11.00
N TYR F 116 -27.12 -15.40 -11.35
CA TYR F 116 -26.22 -14.44 -12.02
C TYR F 116 -26.13 -14.81 -13.51
N GLU F 117 -25.64 -13.87 -14.30
CA GLU F 117 -25.76 -13.82 -15.79
C GLU F 117 -24.63 -12.92 -16.26
N MET F 118 -23.69 -13.47 -16.99
CA MET F 118 -22.39 -12.84 -17.30
C MET F 118 -22.17 -12.88 -18.81
N LYS F 119 -21.75 -11.78 -19.43
CA LYS F 119 -21.66 -11.69 -20.93
C LYS F 119 -20.43 -12.50 -21.34
N LEU F 120 -20.48 -13.22 -22.46
CA LEU F 120 -19.37 -14.03 -23.01
C LEU F 120 -18.61 -13.23 -24.06
N MET F 121 -17.39 -13.64 -24.37
CA MET F 121 -16.57 -12.97 -25.43
C MET F 121 -16.15 -14.00 -26.47
N ASP F 122 -15.87 -13.56 -27.70
CA ASP F 122 -15.25 -14.39 -28.78
C ASP F 122 -13.78 -14.61 -28.42
N LEU F 123 -13.30 -15.86 -28.46
CA LEU F 123 -11.94 -16.24 -28.02
C LEU F 123 -11.48 -17.45 -28.84
N ASP F 124 -10.47 -17.28 -29.70
CA ASP F 124 -9.93 -18.36 -30.56
C ASP F 124 -9.28 -19.44 -29.70
N VAL F 125 -10.05 -20.53 -29.47
CA VAL F 125 -9.66 -21.79 -28.76
C VAL F 125 -8.19 -22.13 -29.07
N GLU F 126 -7.84 -22.10 -30.38
CA GLU F 126 -6.69 -22.74 -31.09
C GLU F 126 -5.60 -23.30 -30.14
N GLN F 127 -5.89 -24.44 -29.53
CA GLN F 127 -5.15 -25.06 -28.40
C GLN F 127 -3.96 -25.88 -28.92
N LEU F 128 -3.16 -26.42 -27.99
CA LEU F 128 -1.97 -27.27 -28.29
C LEU F 128 -2.38 -28.74 -28.29
N GLY F 129 -1.55 -29.57 -28.92
CA GLY F 129 -1.76 -31.02 -29.05
C GLY F 129 -0.80 -31.78 -28.15
N ILE F 130 -1.12 -31.83 -26.86
CA ILE F 130 -0.37 -32.65 -25.86
C ILE F 130 -0.52 -34.12 -26.25
N PRO F 131 0.54 -34.82 -26.69
CA PRO F 131 0.44 -36.25 -26.99
C PRO F 131 0.64 -37.08 -25.72
N GLU F 132 -0.02 -38.24 -25.62
CA GLU F 132 0.13 -39.28 -24.58
C GLU F 132 1.58 -39.80 -24.59
N GLN F 133 2.21 -39.96 -23.44
CA GLN F 133 3.63 -40.43 -23.35
C GLN F 133 3.76 -41.31 -22.10
N GLU F 134 4.44 -42.44 -22.24
CA GLU F 134 5.22 -43.04 -21.15
C GLU F 134 6.03 -41.88 -20.52
N TYR F 135 6.05 -41.77 -19.20
CA TYR F 135 6.94 -40.80 -18.50
C TYR F 135 8.03 -41.61 -17.79
N SER F 136 9.20 -41.00 -17.54
CA SER F 136 10.36 -41.64 -16.88
C SER F 136 10.04 -41.88 -15.41
N CYS F 137 9.60 -40.83 -14.70
CA CYS F 137 9.21 -40.87 -13.28
C CYS F 137 7.74 -40.48 -13.14
N VAL F 138 7.03 -41.16 -12.26
CA VAL F 138 5.72 -40.68 -11.75
C VAL F 138 5.73 -40.78 -10.22
N VAL F 139 5.47 -39.66 -9.56
CA VAL F 139 5.39 -39.52 -8.07
C VAL F 139 3.95 -39.17 -7.71
N LYS F 140 3.30 -40.05 -6.97
CA LYS F 140 1.96 -39.82 -6.36
C LYS F 140 2.23 -39.46 -4.90
N MET F 141 1.68 -38.35 -4.39
CA MET F 141 1.90 -37.93 -2.97
C MET F 141 0.72 -37.10 -2.51
N PRO F 142 0.54 -36.88 -1.18
CA PRO F 142 -0.54 -36.04 -0.69
C PRO F 142 -0.38 -34.62 -1.28
N SER F 143 -1.46 -34.01 -1.74
CA SER F 143 -1.44 -32.72 -2.47
C SER F 143 -1.02 -31.60 -1.52
N GLY F 144 -1.37 -31.77 -0.23
CA GLY F 144 -0.94 -30.93 0.89
C GLY F 144 0.57 -30.88 0.96
N GLU F 145 1.20 -32.04 1.05
CA GLU F 145 2.66 -32.15 1.24
C GLU F 145 3.38 -31.51 0.05
N PHE F 146 2.82 -31.59 -1.15
CA PHE F 146 3.41 -30.94 -2.35
C PHE F 146 3.33 -29.43 -2.23
N ALA F 147 2.20 -28.91 -1.76
CA ALA F 147 2.02 -27.46 -1.50
C ALA F 147 3.01 -27.02 -0.43
N ARG F 148 2.95 -27.69 0.73
CA ARG F 148 3.81 -27.44 1.92
C ARG F 148 5.25 -27.29 1.41
N ILE F 149 5.71 -28.21 0.55
CA ILE F 149 7.10 -28.21 -0.01
C ILE F 149 7.32 -26.98 -0.90
N CYS F 150 6.47 -26.79 -1.91
CA CYS F 150 6.62 -25.72 -2.93
C CYS F 150 6.69 -24.35 -2.26
N ARG F 151 5.85 -24.10 -1.24
CA ARG F 151 5.82 -22.80 -0.53
C ARG F 151 7.11 -22.61 0.27
N ASP F 152 7.55 -23.67 0.93
CA ASP F 152 8.68 -23.61 1.89
C ASP F 152 9.96 -23.27 1.13
N LEU F 153 10.20 -23.88 -0.02
CA LEU F 153 11.40 -23.62 -0.83
C LEU F 153 11.33 -22.22 -1.47
N SER F 154 10.15 -21.62 -1.57
CA SER F 154 9.98 -20.23 -2.08
C SER F 154 10.65 -19.23 -1.13
N HIS F 155 10.70 -19.51 0.18
CA HIS F 155 11.42 -18.66 1.17
C HIS F 155 12.94 -18.73 0.92
N ILE F 156 13.40 -19.74 0.17
CA ILE F 156 14.84 -19.99 -0.10
C ILE F 156 15.21 -19.44 -1.48
N GLY F 157 14.56 -19.93 -2.55
CA GLY F 157 15.02 -19.77 -3.95
C GLY F 157 13.91 -19.56 -4.98
N ASP F 158 14.33 -19.26 -6.22
CA ASP F 158 13.47 -19.02 -7.40
C ASP F 158 13.00 -20.33 -8.01
N ALA F 159 13.95 -21.26 -8.10
CA ALA F 159 13.84 -22.51 -8.87
C ALA F 159 14.11 -23.67 -7.93
N VAL F 160 13.35 -24.74 -8.13
CA VAL F 160 13.51 -26.04 -7.42
C VAL F 160 14.12 -27.03 -8.40
N VAL F 161 15.03 -27.87 -7.90
CA VAL F 161 15.58 -29.02 -8.65
C VAL F 161 14.91 -30.27 -8.11
N ILE F 162 14.08 -30.93 -8.93
CA ILE F 162 13.40 -32.19 -8.54
C ILE F 162 14.24 -33.36 -9.05
N SER F 163 14.90 -34.07 -8.11
CA SER F 163 15.70 -35.30 -8.34
C SER F 163 14.87 -36.51 -7.86
N CYS F 164 14.85 -37.58 -8.63
CA CYS F 164 13.92 -38.73 -8.43
C CYS F 164 14.62 -40.06 -8.67
N ALA F 165 14.71 -40.92 -7.63
CA ALA F 165 15.21 -42.31 -7.65
C ALA F 165 14.06 -43.29 -7.35
N LYS F 166 14.38 -44.57 -7.14
CA LYS F 166 13.37 -45.58 -6.71
C LYS F 166 13.08 -45.32 -5.23
N ASP F 167 14.13 -45.33 -4.39
CA ASP F 167 14.10 -45.02 -2.93
C ASP F 167 13.10 -43.89 -2.64
N GLY F 168 13.35 -42.69 -3.20
CA GLY F 168 12.51 -41.50 -2.93
C GLY F 168 12.72 -40.39 -3.93
N VAL F 169 12.35 -39.16 -3.57
CA VAL F 169 12.34 -37.95 -4.42
C VAL F 169 12.88 -36.79 -3.57
N LYS F 170 13.67 -35.91 -4.16
CA LYS F 170 14.38 -34.79 -3.45
C LYS F 170 14.14 -33.49 -4.20
N PHE F 171 13.52 -32.53 -3.51
CA PHE F 171 13.34 -31.13 -3.97
C PHE F 171 14.42 -30.26 -3.34
N SER F 172 15.16 -29.51 -4.16
CA SER F 172 16.33 -28.71 -3.70
C SER F 172 16.20 -27.29 -4.25
N ALA F 173 16.55 -26.30 -3.42
CA ALA F 173 16.59 -24.88 -3.80
C ALA F 173 17.86 -24.23 -3.24
N SER F 174 18.46 -23.34 -4.04
CA SER F 174 19.59 -22.44 -3.68
C SER F 174 19.02 -21.01 -3.60
N GLY F 175 19.58 -20.17 -2.74
CA GLY F 175 19.06 -18.81 -2.54
C GLY F 175 20.11 -17.85 -2.07
N GLU F 176 19.69 -16.62 -1.80
CA GLU F 176 20.55 -15.54 -1.24
C GLU F 176 21.05 -16.01 0.13
N LEU F 177 20.14 -16.41 1.03
CA LEU F 177 20.35 -16.59 2.50
C LEU F 177 21.09 -17.91 2.78
N GLY F 178 20.86 -18.93 1.96
CA GLY F 178 21.43 -20.28 2.11
C GLY F 178 20.83 -21.19 1.07
N ASN F 179 20.63 -22.46 1.40
CA ASN F 179 20.00 -23.45 0.48
C ASN F 179 19.47 -24.65 1.29
N GLY F 180 18.60 -25.46 0.67
CA GLY F 180 17.77 -26.45 1.37
C GLY F 180 17.37 -27.62 0.48
N ASN F 181 17.09 -28.76 1.11
CA ASN F 181 16.78 -30.05 0.48
C ASN F 181 15.65 -30.74 1.23
N ILE F 182 14.59 -31.15 0.54
CA ILE F 182 13.50 -31.97 1.15
C ILE F 182 13.48 -33.32 0.43
N LYS F 183 13.71 -34.39 1.19
CA LYS F 183 13.65 -35.79 0.70
C LYS F 183 12.34 -36.38 1.22
N LEU F 184 11.44 -36.77 0.30
CA LEU F 184 10.34 -37.74 0.56
C LEU F 184 10.85 -39.15 0.23
N SER F 185 10.64 -40.12 1.13
CA SER F 185 10.83 -41.56 0.84
C SER F 185 9.49 -42.15 0.43
N GLN F 186 9.54 -43.32 -0.23
CA GLN F 186 8.34 -44.10 -0.60
C GLN F 186 7.78 -44.78 0.65
N THR F 187 6.46 -44.85 0.76
CA THR F 187 5.65 -45.54 1.79
C THR F 187 5.80 -47.06 1.71
N SER F 188 5.90 -47.71 2.86
CA SER F 188 5.82 -49.18 3.01
C SER F 188 4.36 -49.60 3.18
N ASN F 189 4.05 -50.56 4.07
CA ASN F 189 2.68 -51.08 4.30
C ASN F 189 1.76 -49.95 4.77
N VAL F 190 1.11 -49.28 3.79
CA VAL F 190 0.21 -48.10 4.00
C VAL F 190 -1.16 -48.60 4.49
N ASP F 191 -1.91 -47.69 5.12
CA ASP F 191 -3.24 -47.97 5.73
C ASP F 191 -4.30 -47.53 4.72
N LYS F 192 -4.38 -46.23 4.43
CA LYS F 192 -5.20 -45.65 3.34
C LYS F 192 -4.21 -45.01 2.35
N GLU F 193 -4.19 -45.46 1.10
CA GLU F 193 -3.06 -45.21 0.17
C GLU F 193 -3.14 -43.78 -0.39
N GLU F 194 -3.80 -42.81 0.27
CA GLU F 194 -3.86 -41.37 -0.17
C GLU F 194 -2.78 -40.58 0.58
N GLU F 195 -2.56 -40.91 1.86
CA GLU F 195 -1.48 -40.27 2.70
C GLU F 195 -0.10 -40.81 2.30
N ALA F 196 -0.06 -41.78 1.40
CA ALA F 196 1.15 -42.51 0.94
C ALA F 196 1.89 -41.67 -0.12
N VAL F 197 3.21 -41.87 -0.21
CA VAL F 197 4.11 -41.42 -1.31
C VAL F 197 4.58 -42.66 -2.09
N THR F 198 4.43 -42.67 -3.42
CA THR F 198 4.77 -43.84 -4.29
C THR F 198 5.38 -43.35 -5.61
N ILE F 199 6.28 -44.13 -6.18
CA ILE F 199 7.13 -43.74 -7.34
C ILE F 199 7.26 -44.90 -8.33
N GLU F 200 6.44 -44.89 -9.39
CA GLU F 200 6.58 -45.69 -10.64
C GLU F 200 7.67 -44.99 -11.47
N MET F 201 8.81 -45.67 -11.65
CA MET F 201 10.11 -45.08 -12.08
C MET F 201 10.77 -46.00 -13.12
N ASN F 202 10.78 -45.57 -14.39
CA ASN F 202 11.52 -46.24 -15.51
C ASN F 202 13.01 -45.97 -15.33
N GLU F 203 13.40 -44.71 -15.11
CA GLU F 203 14.82 -44.30 -14.95
C GLU F 203 14.91 -42.96 -14.22
N PRO F 204 16.07 -42.66 -13.59
CA PRO F 204 16.22 -41.48 -12.76
C PRO F 204 16.09 -40.22 -13.62
N VAL F 205 15.50 -39.19 -13.03
CA VAL F 205 15.30 -37.85 -13.66
C VAL F 205 15.76 -36.79 -12.64
N GLN F 206 16.44 -35.76 -13.15
CA GLN F 206 16.70 -34.51 -12.39
C GLN F 206 16.37 -33.33 -13.31
N LEU F 207 15.49 -32.44 -12.88
CA LEU F 207 15.06 -31.27 -13.69
C LEU F 207 14.96 -30.04 -12.80
N THR F 208 15.02 -28.86 -13.41
CA THR F 208 14.87 -27.55 -12.71
C THR F 208 13.61 -26.85 -13.23
N PHE F 209 12.81 -26.29 -12.33
CA PHE F 209 11.54 -25.58 -12.63
C PHE F 209 11.44 -24.30 -11.80
N ALA F 210 10.76 -23.27 -12.33
CA ALA F 210 10.45 -22.02 -11.60
C ALA F 210 9.39 -22.27 -10.51
N LEU F 211 9.66 -21.89 -9.26
CA LEU F 211 8.69 -22.08 -8.13
C LEU F 211 7.56 -21.07 -8.25
N ARG F 212 7.89 -19.82 -8.63
CA ARG F 212 6.94 -18.81 -9.14
C ARG F 212 5.64 -19.53 -9.56
N TYR F 213 5.76 -20.51 -10.45
CA TYR F 213 4.65 -21.17 -11.18
C TYR F 213 4.05 -22.33 -10.37
N LEU F 214 4.89 -23.23 -9.89
CA LEU F 214 4.44 -24.38 -9.05
C LEU F 214 3.56 -23.86 -7.92
N ASN F 215 3.79 -22.63 -7.46
CA ASN F 215 2.99 -22.03 -6.37
C ASN F 215 1.58 -21.72 -6.88
N PHE F 216 1.43 -21.23 -8.11
CA PHE F 216 0.08 -20.96 -8.69
C PHE F 216 -0.69 -22.27 -8.89
N PHE F 217 0.04 -23.38 -9.09
CA PHE F 217 -0.54 -24.71 -9.39
C PHE F 217 -1.14 -25.26 -8.11
N THR F 218 -0.43 -25.10 -6.99
CA THR F 218 -0.85 -25.67 -5.69
C THR F 218 -2.15 -25.01 -5.24
N LYS F 219 -2.65 -23.98 -5.93
CA LYS F 219 -3.99 -23.39 -5.66
C LYS F 219 -5.09 -24.43 -5.91
N ALA F 220 -4.75 -25.52 -6.60
CA ALA F 220 -5.66 -26.66 -6.90
C ALA F 220 -5.67 -27.66 -5.74
N THR F 221 -4.91 -27.39 -4.68
CA THR F 221 -4.61 -28.36 -3.59
C THR F 221 -5.92 -28.76 -2.89
N PRO F 222 -6.93 -27.87 -2.73
CA PRO F 222 -8.20 -28.28 -2.11
C PRO F 222 -9.15 -29.07 -3.03
N LEU F 223 -8.69 -29.49 -4.21
CA LEU F 223 -9.51 -30.27 -5.18
C LEU F 223 -9.26 -31.76 -5.01
N SER F 224 -8.16 -32.17 -4.38
CA SER F 224 -7.71 -33.58 -4.36
C SER F 224 -6.91 -33.92 -3.10
N SER F 225 -7.16 -35.10 -2.51
CA SER F 225 -6.32 -35.72 -1.46
C SER F 225 -4.87 -35.73 -1.93
N THR F 226 -4.66 -36.16 -3.18
CA THR F 226 -3.32 -36.51 -3.75
C THR F 226 -3.06 -35.69 -5.00
N VAL F 227 -1.78 -35.57 -5.38
CA VAL F 227 -1.35 -35.07 -6.72
C VAL F 227 -0.33 -36.06 -7.25
N THR F 228 -0.24 -36.19 -8.58
CA THR F 228 0.81 -36.99 -9.28
C THR F 228 1.65 -36.02 -10.12
N LEU F 229 2.97 -36.21 -10.04
CA LEU F 229 3.98 -35.47 -10.84
C LEU F 229 4.57 -36.46 -11.84
N SER F 230 4.52 -36.13 -13.13
CA SER F 230 5.11 -36.94 -14.22
C SER F 230 6.22 -36.14 -14.89
N MET F 231 7.46 -36.61 -14.80
CA MET F 231 8.63 -35.94 -15.44
C MET F 231 9.32 -36.89 -16.41
N SER F 232 9.96 -36.33 -17.43
CA SER F 232 11.01 -36.99 -18.23
C SER F 232 12.11 -35.97 -18.57
N ALA F 233 13.33 -36.45 -18.78
CA ALA F 233 14.50 -35.68 -19.25
C ALA F 233 14.07 -34.60 -20.26
N ASP F 234 14.42 -33.35 -19.99
CA ASP F 234 14.25 -32.17 -20.88
C ASP F 234 12.87 -32.15 -21.57
N VAL F 235 11.77 -32.43 -20.83
CA VAL F 235 10.36 -32.22 -21.30
C VAL F 235 9.45 -31.86 -20.11
N PRO F 236 8.28 -31.23 -20.37
CA PRO F 236 7.52 -30.55 -19.34
C PRO F 236 7.10 -31.49 -18.20
N LEU F 237 7.12 -30.94 -16.99
CA LEU F 237 6.50 -31.51 -15.77
C LEU F 237 4.98 -31.45 -15.92
N VAL F 238 4.30 -32.53 -15.58
CA VAL F 238 2.81 -32.58 -15.51
C VAL F 238 2.38 -32.79 -14.06
N VAL F 239 1.77 -31.76 -13.48
CA VAL F 239 1.18 -31.76 -12.10
C VAL F 239 -0.33 -31.98 -12.25
N GLU F 240 -0.79 -33.19 -11.94
CA GLU F 240 -2.19 -33.65 -12.21
C GLU F 240 -2.93 -33.78 -10.90
N TYR F 241 -3.94 -32.93 -10.69
CA TYR F 241 -4.91 -32.99 -9.57
C TYR F 241 -6.15 -33.74 -10.05
N LYS F 242 -6.47 -34.91 -9.47
CA LYS F 242 -7.68 -35.69 -9.83
C LYS F 242 -8.88 -34.95 -9.23
N ILE F 243 -9.97 -34.77 -9.98
CA ILE F 243 -11.23 -34.18 -9.44
C ILE F 243 -12.25 -35.30 -9.25
N ALA F 244 -12.21 -35.99 -8.10
CA ALA F 244 -12.76 -37.35 -7.87
C ALA F 244 -14.02 -37.55 -8.70
N ASP F 245 -14.08 -38.65 -9.46
CA ASP F 245 -15.32 -39.19 -10.09
C ASP F 245 -16.00 -38.10 -10.95
N MET F 246 -15.24 -37.33 -11.73
CA MET F 246 -15.72 -36.08 -12.38
C MET F 246 -14.78 -35.64 -13.51
N GLY F 247 -13.48 -35.57 -13.24
CA GLY F 247 -12.46 -35.26 -14.27
C GLY F 247 -11.07 -35.17 -13.69
N HIS F 248 -10.31 -34.20 -14.17
CA HIS F 248 -8.92 -33.96 -13.73
C HIS F 248 -8.53 -32.55 -14.14
N LEU F 249 -7.53 -31.99 -13.47
CA LEU F 249 -6.92 -30.68 -13.80
C LEU F 249 -5.42 -30.91 -13.92
N LYS F 250 -4.90 -30.90 -15.16
CA LYS F 250 -3.46 -31.12 -15.44
C LYS F 250 -2.81 -29.75 -15.67
N TYR F 251 -1.66 -29.52 -15.03
CA TYR F 251 -0.76 -28.34 -15.21
C TYR F 251 0.55 -28.82 -15.85
N TYR F 252 1.00 -28.18 -16.92
CA TYR F 252 2.27 -28.46 -17.65
C TYR F 252 3.22 -27.29 -17.45
N LEU F 253 4.43 -27.53 -16.94
CA LEU F 253 5.46 -26.50 -16.76
C LEU F 253 6.74 -26.92 -17.49
N ALA F 254 7.27 -26.02 -18.32
CA ALA F 254 8.53 -26.22 -19.07
C ALA F 254 9.74 -26.07 -18.15
N PRO F 255 10.77 -26.94 -18.31
CA PRO F 255 11.99 -26.87 -17.49
C PRO F 255 13.01 -25.86 -18.03
N LYS F 256 14.29 -25.90 -17.57
CA LYS F 256 15.32 -24.85 -17.84
C LYS F 256 16.59 -25.46 -18.51
N ILE F 257 17.58 -24.65 -18.95
CA ILE F 257 18.83 -25.05 -19.69
C ILE F 257 18.49 -26.17 -20.71
N GLN G 3 -3.13 19.84 25.35
CA GLN G 3 -3.83 20.60 24.24
C GLN G 3 -5.19 21.09 24.77
N ARG G 4 -5.41 22.41 24.73
CA ARG G 4 -6.71 23.07 25.02
C ARG G 4 -7.54 22.95 23.73
N ARG G 5 -8.88 22.99 23.87
CA ARG G 5 -9.84 23.14 22.73
C ARG G 5 -10.07 24.64 22.46
N VAL G 6 -10.10 25.03 21.17
CA VAL G 6 -10.27 26.44 20.66
C VAL G 6 -11.75 26.85 20.77
N THR G 7 -12.59 25.84 21.01
CA THR G 7 -13.98 25.92 21.52
C THR G 7 -13.92 26.64 22.88
N ASP G 8 -12.89 26.38 23.72
CA ASP G 8 -12.76 26.88 25.13
C ASP G 8 -12.56 28.39 25.26
N PHE G 9 -11.94 29.04 24.26
CA PHE G 9 -11.49 30.45 24.29
C PHE G 9 -12.62 31.37 23.80
N PHE G 10 -13.21 31.05 22.66
CA PHE G 10 -14.37 31.78 22.07
C PHE G 10 -15.62 30.87 22.14
N ALA G 11 -16.85 31.43 22.20
CA ALA G 11 -18.16 30.71 22.16
C ALA G 11 -19.24 31.45 21.31
N ARG G 12 -20.29 30.71 20.89
CA ARG G 12 -21.34 31.14 19.92
C ARG G 12 -21.92 32.50 20.35
N GLN H 3 -22.51 -1.49 -22.00
CA GLN H 3 -21.15 -1.47 -22.62
C GLN H 3 -21.06 -2.64 -23.58
N ARG H 4 -21.61 -2.49 -24.79
CA ARG H 4 -21.37 -3.37 -25.98
C ARG H 4 -19.87 -3.36 -26.24
N ARG H 5 -19.32 -4.48 -26.73
CA ARG H 5 -17.86 -4.70 -27.00
C ARG H 5 -17.62 -4.77 -28.53
N VAL H 6 -16.33 -4.74 -28.92
CA VAL H 6 -15.85 -4.51 -30.31
C VAL H 6 -15.82 -5.87 -31.03
N THR H 7 -15.62 -6.98 -30.27
CA THR H 7 -16.04 -8.41 -30.53
C THR H 7 -17.23 -8.38 -31.50
N ASP H 8 -18.26 -7.58 -31.20
CA ASP H 8 -19.60 -7.62 -31.88
C ASP H 8 -19.77 -6.38 -32.80
N PHE H 9 -18.70 -5.91 -33.46
CA PHE H 9 -18.73 -4.80 -34.45
C PHE H 9 -17.85 -5.09 -35.67
N PHE H 10 -17.02 -6.14 -35.64
CA PHE H 10 -15.90 -6.42 -36.60
C PHE H 10 -15.56 -7.92 -36.57
N ALA H 11 -15.19 -8.52 -37.71
CA ALA H 11 -14.86 -9.97 -37.79
C ALA H 11 -13.44 -10.22 -38.36
N ARG H 12 -13.23 -11.39 -38.96
CA ARG H 12 -12.08 -12.27 -38.66
C ARG H 12 -11.41 -12.72 -39.97
N GLN I 3 26.65 -15.73 -4.38
CA GLN I 3 27.24 -14.44 -3.89
C GLN I 3 28.40 -14.77 -2.95
N ARG I 4 29.25 -13.78 -2.67
CA ARG I 4 30.49 -13.87 -1.84
C ARG I 4 30.44 -12.79 -0.75
N ARG I 5 31.48 -12.71 0.10
CA ARG I 5 31.65 -11.68 1.17
C ARG I 5 32.89 -10.80 0.89
N VAL I 6 32.82 -9.51 1.27
CA VAL I 6 33.94 -8.51 1.21
C VAL I 6 34.72 -8.57 2.53
N THR I 7 34.17 -9.32 3.50
CA THR I 7 34.80 -9.69 4.80
C THR I 7 35.80 -10.84 4.57
N ASP I 8 36.18 -11.12 3.31
CA ASP I 8 37.05 -12.26 2.87
C ASP I 8 38.49 -11.80 2.63
N PHE I 9 38.67 -10.51 2.31
CA PHE I 9 39.95 -9.91 1.84
C PHE I 9 40.63 -9.15 2.99
N PHE I 10 39.88 -8.38 3.79
CA PHE I 10 40.42 -7.40 4.79
C PHE I 10 39.94 -7.75 6.22
N ALA I 11 40.77 -7.55 7.28
CA ALA I 11 40.52 -7.96 8.71
C ALA I 11 40.88 -6.86 9.76
N ARG I 12 41.02 -7.22 11.06
CA ARG I 12 41.12 -6.32 12.26
C ARG I 12 41.66 -4.94 11.89
N GLN J 3 13.79 9.22 27.27
CA GLN J 3 14.10 7.75 27.47
C GLN J 3 15.61 7.48 27.33
N ARG J 4 16.15 6.60 28.18
CA ARG J 4 17.60 6.26 28.23
C ARG J 4 17.85 5.03 27.37
N ARG J 5 19.14 4.65 27.25
CA ARG J 5 19.65 3.43 26.57
C ARG J 5 19.96 2.38 27.64
N VAL J 6 19.93 1.10 27.26
CA VAL J 6 20.48 -0.04 28.05
C VAL J 6 22.02 -0.04 27.95
N THR J 7 22.57 0.75 27.02
CA THR J 7 24.00 1.18 26.86
C THR J 7 24.51 1.74 28.22
N ASP J 8 23.71 2.61 28.86
CA ASP J 8 24.05 3.47 30.04
C ASP J 8 23.62 2.83 31.39
N PHE J 9 23.19 1.57 31.41
CA PHE J 9 22.78 0.81 32.62
C PHE J 9 23.48 -0.55 32.68
N PHE J 10 24.48 -0.82 31.83
CA PHE J 10 25.22 -2.12 31.75
C PHE J 10 26.61 -1.95 31.09
N ALA J 11 27.60 -2.76 31.55
CA ALA J 11 29.07 -2.54 31.40
C ALA J 11 29.61 -3.04 30.06
N ARG J 12 30.45 -2.24 29.40
CA ARG J 12 31.26 -2.63 28.21
C ARG J 12 32.21 -3.76 28.62
N GLN K 3 15.12 -21.12 -19.06
CA GLN K 3 13.63 -21.36 -18.94
C GLN K 3 13.04 -21.42 -20.35
N ARG K 4 12.69 -22.62 -20.81
CA ARG K 4 12.00 -22.89 -22.12
C ARG K 4 10.47 -22.82 -21.94
N ARG K 5 9.72 -22.79 -23.06
CA ARG K 5 8.25 -22.56 -23.14
C ARG K 5 7.54 -23.84 -23.61
N VAL K 6 6.23 -23.90 -23.41
CA VAL K 6 5.40 -25.09 -23.74
C VAL K 6 5.04 -25.06 -25.25
N THR K 7 5.10 -23.88 -25.90
CA THR K 7 5.00 -23.72 -27.39
C THR K 7 6.19 -24.44 -28.02
N ASP K 8 7.26 -24.63 -27.24
CA ASP K 8 8.54 -25.35 -27.53
C ASP K 8 8.36 -26.88 -27.59
N PHE K 9 7.33 -27.49 -26.97
CA PHE K 9 7.25 -28.97 -26.75
C PHE K 9 6.05 -29.62 -27.43
N PHE K 10 4.95 -28.87 -27.67
CA PHE K 10 3.74 -29.26 -28.45
C PHE K 10 3.40 -28.06 -29.36
N ALA K 11 2.73 -28.30 -30.49
CA ALA K 11 2.10 -27.22 -31.32
C ALA K 11 0.71 -27.70 -31.77
N ARG K 12 0.13 -27.07 -32.79
CA ARG K 12 -1.35 -26.89 -32.93
C ARG K 12 -1.97 -28.00 -33.77
N GLN L 3 -28.57 9.60 -6.36
CA GLN L 3 -28.86 9.14 -4.93
C GLN L 3 -29.47 10.31 -4.15
N ARG L 4 -30.78 10.26 -3.89
CA ARG L 4 -31.50 11.35 -3.15
C ARG L 4 -30.90 11.50 -1.74
N ARG L 5 -31.33 12.55 -1.03
CA ARG L 5 -30.85 13.01 0.30
C ARG L 5 -31.97 12.84 1.34
N VAL L 6 -31.68 12.24 2.52
CA VAL L 6 -32.66 12.02 3.65
C VAL L 6 -32.92 13.32 4.43
N THR L 7 -32.10 14.35 4.23
CA THR L 7 -32.26 15.77 4.68
C THR L 7 -33.54 16.34 4.09
N ASP L 8 -33.84 15.98 2.85
CA ASP L 8 -35.02 16.44 2.07
C ASP L 8 -36.25 15.58 2.42
N PHE L 9 -36.15 14.67 3.40
CA PHE L 9 -37.25 13.76 3.80
C PHE L 9 -37.79 14.14 5.19
N PHE L 10 -36.95 14.47 6.15
CA PHE L 10 -37.35 14.77 7.55
C PHE L 10 -36.86 16.18 7.96
N ALA L 11 -37.68 16.90 8.73
CA ALA L 11 -37.47 18.32 9.12
C ALA L 11 -36.73 18.41 10.47
N ARG L 12 -36.99 19.46 11.29
CA ARG L 12 -36.41 19.71 12.66
C ARG L 12 -37.49 20.15 13.65
#